data_1B2V
# 
_entry.id   1B2V 
# 
_audit_conform.dict_name       mmcif_pdbx.dic 
_audit_conform.dict_version    5.383 
_audit_conform.dict_location   http://mmcif.pdb.org/dictionaries/ascii/mmcif_pdbx.dic 
# 
loop_
_database_2.database_id 
_database_2.database_code 
_database_2.pdbx_database_accession 
_database_2.pdbx_DOI 
PDB   1B2V         pdb_00001b2v 10.2210/pdb1b2v/pdb 
RCSB  RCSB000192   ?            ?                   
WWPDB D_1000000192 ?            ?                   
# 
loop_
_pdbx_audit_revision_history.ordinal 
_pdbx_audit_revision_history.data_content_type 
_pdbx_audit_revision_history.major_revision 
_pdbx_audit_revision_history.minor_revision 
_pdbx_audit_revision_history.revision_date 
1 'Structure model' 1 0 1999-06-24 
2 'Structure model' 1 1 2007-10-16 
3 'Structure model' 1 2 2011-07-13 
4 'Structure model' 1 3 2014-11-12 
5 'Structure model' 1 4 2023-12-27 
# 
_pdbx_audit_revision_details.ordinal             1 
_pdbx_audit_revision_details.revision_ordinal    1 
_pdbx_audit_revision_details.data_content_type   'Structure model' 
_pdbx_audit_revision_details.provider            repository 
_pdbx_audit_revision_details.type                'Initial release' 
_pdbx_audit_revision_details.description         ? 
_pdbx_audit_revision_details.details             ? 
# 
loop_
_pdbx_audit_revision_group.ordinal 
_pdbx_audit_revision_group.revision_ordinal 
_pdbx_audit_revision_group.data_content_type 
_pdbx_audit_revision_group.group 
1 2 'Structure model' 'Version format compliance' 
2 3 'Structure model' 'Version format compliance' 
3 4 'Structure model' 'Database references'       
4 4 'Structure model' 'Derived calculations'      
5 5 'Structure model' 'Data collection'           
6 5 'Structure model' 'Database references'       
7 5 'Structure model' 'Derived calculations'      
# 
loop_
_pdbx_audit_revision_category.ordinal 
_pdbx_audit_revision_category.revision_ordinal 
_pdbx_audit_revision_category.data_content_type 
_pdbx_audit_revision_category.category 
1 5 'Structure model' chem_comp_atom         
2 5 'Structure model' chem_comp_bond         
3 5 'Structure model' database_2             
4 5 'Structure model' pdbx_struct_conn_angle 
5 5 'Structure model' struct_conn            
6 5 'Structure model' struct_site            
# 
loop_
_pdbx_audit_revision_item.ordinal 
_pdbx_audit_revision_item.revision_ordinal 
_pdbx_audit_revision_item.data_content_type 
_pdbx_audit_revision_item.item 
1  5 'Structure model' '_database_2.pdbx_DOI'                        
2  5 'Structure model' '_database_2.pdbx_database_accession'         
3  5 'Structure model' '_pdbx_struct_conn_angle.ptnr1_auth_comp_id'  
4  5 'Structure model' '_pdbx_struct_conn_angle.ptnr1_auth_seq_id'   
5  5 'Structure model' '_pdbx_struct_conn_angle.ptnr1_label_alt_id'  
6  5 'Structure model' '_pdbx_struct_conn_angle.ptnr1_label_asym_id' 
7  5 'Structure model' '_pdbx_struct_conn_angle.ptnr1_label_atom_id' 
8  5 'Structure model' '_pdbx_struct_conn_angle.ptnr1_label_comp_id' 
9  5 'Structure model' '_pdbx_struct_conn_angle.ptnr1_label_seq_id'  
10 5 'Structure model' '_pdbx_struct_conn_angle.ptnr1_symmetry'      
11 5 'Structure model' '_pdbx_struct_conn_angle.ptnr3_auth_comp_id'  
12 5 'Structure model' '_pdbx_struct_conn_angle.ptnr3_auth_seq_id'   
13 5 'Structure model' '_pdbx_struct_conn_angle.ptnr3_label_alt_id'  
14 5 'Structure model' '_pdbx_struct_conn_angle.ptnr3_label_asym_id' 
15 5 'Structure model' '_pdbx_struct_conn_angle.ptnr3_label_atom_id' 
16 5 'Structure model' '_pdbx_struct_conn_angle.ptnr3_label_comp_id' 
17 5 'Structure model' '_pdbx_struct_conn_angle.ptnr3_label_seq_id'  
18 5 'Structure model' '_pdbx_struct_conn_angle.ptnr3_symmetry'      
19 5 'Structure model' '_pdbx_struct_conn_angle.value'               
20 5 'Structure model' '_struct_conn.pdbx_dist_value'                
21 5 'Structure model' '_struct_conn.pdbx_ptnr2_label_alt_id'        
22 5 'Structure model' '_struct_conn.ptnr1_auth_comp_id'             
23 5 'Structure model' '_struct_conn.ptnr1_auth_seq_id'              
24 5 'Structure model' '_struct_conn.ptnr1_label_asym_id'            
25 5 'Structure model' '_struct_conn.ptnr1_label_atom_id'            
26 5 'Structure model' '_struct_conn.ptnr1_label_comp_id'            
27 5 'Structure model' '_struct_conn.ptnr1_label_seq_id'             
28 5 'Structure model' '_struct_conn.ptnr1_symmetry'                 
29 5 'Structure model' '_struct_conn.ptnr2_auth_comp_id'             
30 5 'Structure model' '_struct_conn.ptnr2_auth_seq_id'              
31 5 'Structure model' '_struct_conn.ptnr2_label_asym_id'            
32 5 'Structure model' '_struct_conn.ptnr2_label_atom_id'            
33 5 'Structure model' '_struct_conn.ptnr2_label_comp_id'            
34 5 'Structure model' '_struct_conn.ptnr2_label_seq_id'             
35 5 'Structure model' '_struct_conn.ptnr2_symmetry'                 
36 5 'Structure model' '_struct_site.pdbx_auth_asym_id'              
37 5 'Structure model' '_struct_site.pdbx_auth_comp_id'              
38 5 'Structure model' '_struct_site.pdbx_auth_seq_id'               
# 
_pdbx_database_status.status_code                     REL 
_pdbx_database_status.entry_id                        1B2V 
_pdbx_database_status.recvd_initial_deposition_date   1998-12-01 
_pdbx_database_status.deposit_site                    PDBE 
_pdbx_database_status.process_site                    RCSB 
_pdbx_database_status.status_code_sf                  REL 
_pdbx_database_status.SG_entry                        . 
_pdbx_database_status.status_code_mr                  ? 
_pdbx_database_status.status_code_cs                  ? 
_pdbx_database_status.methods_development_category    ? 
_pdbx_database_status.pdb_format_compatible           Y 
_pdbx_database_status.status_code_nmr_data            ? 
# 
loop_
_audit_author.name 
_audit_author.pdbx_ordinal 
'Arnoux, P.'      1 
'Haser, R.'       2 
'Izadi, N.'       3 
'Lecroisey, A.'   4 
'Wandersma, N.C.' 5 
'Czjzek, M.'      6 
# 
loop_
_citation.id 
_citation.title 
_citation.journal_abbrev 
_citation.journal_volume 
_citation.page_first 
_citation.page_last 
_citation.year 
_citation.journal_id_ASTM 
_citation.country 
_citation.journal_id_ISSN 
_citation.journal_id_CSD 
_citation.book_publisher 
_citation.pdbx_database_id_PubMed 
_citation.pdbx_database_id_DOI 
primary 'The crystal structure of HasA, a hemophore secreted by Serratia marcescens.'               Nat.Struct.Biol.       6  516  
520  1999 NSBIEW US 1072-8368 2024 ? 10360351 10.1038/9281 
1       'Iron acquisition from heme and hemoglobin by a Serratia marcescens extracellular protein.' Proc.Natl.Acad.Sci.USA 91 9876 
9880 1994 PNASA6 US 0027-8424 0040 ? 7937909  ?            
# 
loop_
_citation_author.citation_id 
_citation_author.name 
_citation_author.ordinal 
_citation_author.identifier_ORCID 
primary 'Arnoux, P.'     1  ? 
primary 'Haser, R.'      2  ? 
primary 'Izadi, N.'      3  ? 
primary 'Lecroisey, A.'  4  ? 
primary 'Delepierre, M.' 5  ? 
primary 'Wandersman, C.' 6  ? 
primary 'Czjzek, M.'     7  ? 
1       'Letoffe, S.'    8  ? 
1       'Ghigo, J.M.'    9  ? 
1       'Wandersman, C.' 10 ? 
# 
loop_
_entity.id 
_entity.type 
_entity.src_method 
_entity.pdbx_description 
_entity.formula_weight 
_entity.pdbx_number_of_molecules 
_entity.pdbx_ec 
_entity.pdbx_mutation 
_entity.pdbx_fragment 
_entity.details 
1 polymer     man 'PROTEIN (HEME-BINDING PROTEIN A)' 19288.639 1   ? ? ? ? 
2 non-polymer syn 'CALCIUM ION'                      40.078    1   ? ? ? ? 
3 non-polymer syn 'PROTOPORPHYRIN IX CONTAINING FE'  616.487   1   ? ? ? ? 
4 water       nat water                              18.015    176 ? ? ? ? 
# 
_entity_name_com.entity_id   1 
_entity_name_com.name        HASA 
# 
_entity_poly.entity_id                      1 
_entity_poly.type                           'polypeptide(L)' 
_entity_poly.nstd_linkage                   no 
_entity_poly.nstd_monomer                   no 
_entity_poly.pdbx_seq_one_letter_code       
;MAFSVNYDSSFGGYSIHDYLGQWASTFGDVNHTNGNVTDANSGGFYGGSLSGSQYAISSTANQVTAFVAGGNLTYTLFNE
PAHTLYGQLDSLSFGDGLSGGDTSPYSIQVPDVSFGGLNLSSLQAQGHDGVVHQVVYGLMSGDTGALETALNGILDDYGL
SVNSTFDQVAAATAVGVQHADSPELLAA
;
_entity_poly.pdbx_seq_one_letter_code_can   
;MAFSVNYDSSFGGYSIHDYLGQWASTFGDVNHTNGNVTDANSGGFYGGSLSGSQYAISSTANQVTAFVAGGNLTYTLFNE
PAHTLYGQLDSLSFGDGLSGGDTSPYSIQVPDVSFGGLNLSSLQAQGHDGVVHQVVYGLMSGDTGALETALNGILDDYGL
SVNSTFDQVAAATAVGVQHADSPELLAA
;
_entity_poly.pdbx_strand_id                 A 
_entity_poly.pdbx_target_identifier         ? 
# 
loop_
_pdbx_entity_nonpoly.entity_id 
_pdbx_entity_nonpoly.name 
_pdbx_entity_nonpoly.comp_id 
2 'CALCIUM ION'                     CA  
3 'PROTOPORPHYRIN IX CONTAINING FE' HEM 
4 water                             HOH 
# 
loop_
_entity_poly_seq.entity_id 
_entity_poly_seq.num 
_entity_poly_seq.mon_id 
_entity_poly_seq.hetero 
1 1   MET n 
1 2   ALA n 
1 3   PHE n 
1 4   SER n 
1 5   VAL n 
1 6   ASN n 
1 7   TYR n 
1 8   ASP n 
1 9   SER n 
1 10  SER n 
1 11  PHE n 
1 12  GLY n 
1 13  GLY n 
1 14  TYR n 
1 15  SER n 
1 16  ILE n 
1 17  HIS n 
1 18  ASP n 
1 19  TYR n 
1 20  LEU n 
1 21  GLY n 
1 22  GLN n 
1 23  TRP n 
1 24  ALA n 
1 25  SER n 
1 26  THR n 
1 27  PHE n 
1 28  GLY n 
1 29  ASP n 
1 30  VAL n 
1 31  ASN n 
1 32  HIS n 
1 33  THR n 
1 34  ASN n 
1 35  GLY n 
1 36  ASN n 
1 37  VAL n 
1 38  THR n 
1 39  ASP n 
1 40  ALA n 
1 41  ASN n 
1 42  SER n 
1 43  GLY n 
1 44  GLY n 
1 45  PHE n 
1 46  TYR n 
1 47  GLY n 
1 48  GLY n 
1 49  SER n 
1 50  LEU n 
1 51  SER n 
1 52  GLY n 
1 53  SER n 
1 54  GLN n 
1 55  TYR n 
1 56  ALA n 
1 57  ILE n 
1 58  SER n 
1 59  SER n 
1 60  THR n 
1 61  ALA n 
1 62  ASN n 
1 63  GLN n 
1 64  VAL n 
1 65  THR n 
1 66  ALA n 
1 67  PHE n 
1 68  VAL n 
1 69  ALA n 
1 70  GLY n 
1 71  GLY n 
1 72  ASN n 
1 73  LEU n 
1 74  THR n 
1 75  TYR n 
1 76  THR n 
1 77  LEU n 
1 78  PHE n 
1 79  ASN n 
1 80  GLU n 
1 81  PRO n 
1 82  ALA n 
1 83  HIS n 
1 84  THR n 
1 85  LEU n 
1 86  TYR n 
1 87  GLY n 
1 88  GLN n 
1 89  LEU n 
1 90  ASP n 
1 91  SER n 
1 92  LEU n 
1 93  SER n 
1 94  PHE n 
1 95  GLY n 
1 96  ASP n 
1 97  GLY n 
1 98  LEU n 
1 99  SER n 
1 100 GLY n 
1 101 GLY n 
1 102 ASP n 
1 103 THR n 
1 104 SER n 
1 105 PRO n 
1 106 TYR n 
1 107 SER n 
1 108 ILE n 
1 109 GLN n 
1 110 VAL n 
1 111 PRO n 
1 112 ASP n 
1 113 VAL n 
1 114 SER n 
1 115 PHE n 
1 116 GLY n 
1 117 GLY n 
1 118 LEU n 
1 119 ASN n 
1 120 LEU n 
1 121 SER n 
1 122 SER n 
1 123 LEU n 
1 124 GLN n 
1 125 ALA n 
1 126 GLN n 
1 127 GLY n 
1 128 HIS n 
1 129 ASP n 
1 130 GLY n 
1 131 VAL n 
1 132 VAL n 
1 133 HIS n 
1 134 GLN n 
1 135 VAL n 
1 136 VAL n 
1 137 TYR n 
1 138 GLY n 
1 139 LEU n 
1 140 MET n 
1 141 SER n 
1 142 GLY n 
1 143 ASP n 
1 144 THR n 
1 145 GLY n 
1 146 ALA n 
1 147 LEU n 
1 148 GLU n 
1 149 THR n 
1 150 ALA n 
1 151 LEU n 
1 152 ASN n 
1 153 GLY n 
1 154 ILE n 
1 155 LEU n 
1 156 ASP n 
1 157 ASP n 
1 158 TYR n 
1 159 GLY n 
1 160 LEU n 
1 161 SER n 
1 162 VAL n 
1 163 ASN n 
1 164 SER n 
1 165 THR n 
1 166 PHE n 
1 167 ASP n 
1 168 GLN n 
1 169 VAL n 
1 170 ALA n 
1 171 ALA n 
1 172 ALA n 
1 173 THR n 
1 174 ALA n 
1 175 VAL n 
1 176 GLY n 
1 177 VAL n 
1 178 GLN n 
1 179 HIS n 
1 180 ALA n 
1 181 ASP n 
1 182 SER n 
1 183 PRO n 
1 184 GLU n 
1 185 LEU n 
1 186 LEU n 
1 187 ALA n 
1 188 ALA n 
# 
_entity_src_gen.entity_id                          1 
_entity_src_gen.pdbx_src_id                        1 
_entity_src_gen.pdbx_alt_source_flag               sample 
_entity_src_gen.pdbx_seq_type                      ? 
_entity_src_gen.pdbx_beg_seq_num                   ? 
_entity_src_gen.pdbx_end_seq_num                   ? 
_entity_src_gen.gene_src_common_name               ? 
_entity_src_gen.gene_src_genus                     Serratia 
_entity_src_gen.pdbx_gene_src_gene                 ? 
_entity_src_gen.gene_src_species                   ? 
_entity_src_gen.gene_src_strain                    ? 
_entity_src_gen.gene_src_tissue                    ? 
_entity_src_gen.gene_src_tissue_fraction           ? 
_entity_src_gen.gene_src_details                   ? 
_entity_src_gen.pdbx_gene_src_fragment             ? 
_entity_src_gen.pdbx_gene_src_scientific_name      'Serratia marcescens' 
_entity_src_gen.pdbx_gene_src_ncbi_taxonomy_id     615 
_entity_src_gen.pdbx_gene_src_variant              ? 
_entity_src_gen.pdbx_gene_src_cell_line            ? 
_entity_src_gen.pdbx_gene_src_atcc                 ? 
_entity_src_gen.pdbx_gene_src_organ                ? 
_entity_src_gen.pdbx_gene_src_organelle            ? 
_entity_src_gen.pdbx_gene_src_cell                 ? 
_entity_src_gen.pdbx_gene_src_cellular_location    EXTRACELLULAR 
_entity_src_gen.host_org_common_name               ? 
_entity_src_gen.pdbx_host_org_scientific_name      'Escherichia coli' 
_entity_src_gen.pdbx_host_org_ncbi_taxonomy_id     562 
_entity_src_gen.host_org_genus                     Escherichia 
_entity_src_gen.pdbx_host_org_gene                 ? 
_entity_src_gen.pdbx_host_org_organ                ? 
_entity_src_gen.host_org_species                   ? 
_entity_src_gen.pdbx_host_org_tissue               ? 
_entity_src_gen.pdbx_host_org_tissue_fraction      ? 
_entity_src_gen.pdbx_host_org_strain               ? 
_entity_src_gen.pdbx_host_org_variant              ? 
_entity_src_gen.pdbx_host_org_cell_line            ? 
_entity_src_gen.pdbx_host_org_atcc                 ? 
_entity_src_gen.pdbx_host_org_culture_collection   ? 
_entity_src_gen.pdbx_host_org_cell                 ? 
_entity_src_gen.pdbx_host_org_organelle            ? 
_entity_src_gen.pdbx_host_org_cellular_location    ? 
_entity_src_gen.pdbx_host_org_vector_type          ? 
_entity_src_gen.pdbx_host_org_vector               ? 
_entity_src_gen.host_org_details                   ? 
_entity_src_gen.expression_system_id               ? 
_entity_src_gen.plasmid_name                       ? 
_entity_src_gen.plasmid_details                    ? 
_entity_src_gen.pdbx_description                   ? 
# 
loop_
_chem_comp.id 
_chem_comp.type 
_chem_comp.mon_nstd_flag 
_chem_comp.name 
_chem_comp.pdbx_synonyms 
_chem_comp.formula 
_chem_comp.formula_weight 
ALA 'L-peptide linking' y ALANINE                           ?    'C3 H7 N O2'       89.093  
ASN 'L-peptide linking' y ASPARAGINE                        ?    'C4 H8 N2 O3'      132.118 
ASP 'L-peptide linking' y 'ASPARTIC ACID'                   ?    'C4 H7 N O4'       133.103 
CA  non-polymer         . 'CALCIUM ION'                     ?    'Ca 2'             40.078  
GLN 'L-peptide linking' y GLUTAMINE                         ?    'C5 H10 N2 O3'     146.144 
GLU 'L-peptide linking' y 'GLUTAMIC ACID'                   ?    'C5 H9 N O4'       147.129 
GLY 'peptide linking'   y GLYCINE                           ?    'C2 H5 N O2'       75.067  
HEM non-polymer         . 'PROTOPORPHYRIN IX CONTAINING FE' HEME 'C34 H32 Fe N4 O4' 616.487 
HIS 'L-peptide linking' y HISTIDINE                         ?    'C6 H10 N3 O2 1'   156.162 
HOH non-polymer         . WATER                             ?    'H2 O'             18.015  
ILE 'L-peptide linking' y ISOLEUCINE                        ?    'C6 H13 N O2'      131.173 
LEU 'L-peptide linking' y LEUCINE                           ?    'C6 H13 N O2'      131.173 
MET 'L-peptide linking' y METHIONINE                        ?    'C5 H11 N O2 S'    149.211 
PHE 'L-peptide linking' y PHENYLALANINE                     ?    'C9 H11 N O2'      165.189 
PRO 'L-peptide linking' y PROLINE                           ?    'C5 H9 N O2'       115.130 
SER 'L-peptide linking' y SERINE                            ?    'C3 H7 N O3'       105.093 
THR 'L-peptide linking' y THREONINE                         ?    'C4 H9 N O3'       119.119 
TRP 'L-peptide linking' y TRYPTOPHAN                        ?    'C11 H12 N2 O2'    204.225 
TYR 'L-peptide linking' y TYROSINE                          ?    'C9 H11 N O3'      181.189 
VAL 'L-peptide linking' y VALINE                            ?    'C5 H11 N O2'      117.146 
# 
loop_
_pdbx_poly_seq_scheme.asym_id 
_pdbx_poly_seq_scheme.entity_id 
_pdbx_poly_seq_scheme.seq_id 
_pdbx_poly_seq_scheme.mon_id 
_pdbx_poly_seq_scheme.ndb_seq_num 
_pdbx_poly_seq_scheme.pdb_seq_num 
_pdbx_poly_seq_scheme.auth_seq_num 
_pdbx_poly_seq_scheme.pdb_mon_id 
_pdbx_poly_seq_scheme.auth_mon_id 
_pdbx_poly_seq_scheme.pdb_strand_id 
_pdbx_poly_seq_scheme.pdb_ins_code 
_pdbx_poly_seq_scheme.hetero 
A 1 1   MET 1   1   ?   ?   ?   A . n 
A 1 2   ALA 2   2   2   ALA ALA A . n 
A 1 3   PHE 3   3   3   PHE PHE A . n 
A 1 4   SER 4   4   4   SER SER A . n 
A 1 5   VAL 5   5   5   VAL VAL A . n 
A 1 6   ASN 6   6   6   ASN ASN A . n 
A 1 7   TYR 7   7   7   TYR TYR A . n 
A 1 8   ASP 8   8   8   ASP ASP A . n 
A 1 9   SER 9   9   9   SER SER A . n 
A 1 10  SER 10  10  10  SER SER A . n 
A 1 11  PHE 11  11  11  PHE PHE A . n 
A 1 12  GLY 12  12  12  GLY GLY A . n 
A 1 13  GLY 13  13  13  GLY GLY A . n 
A 1 14  TYR 14  14  14  TYR TYR A . n 
A 1 15  SER 15  15  15  SER SER A . n 
A 1 16  ILE 16  16  16  ILE ILE A . n 
A 1 17  HIS 17  17  17  HIS HIS A . n 
A 1 18  ASP 18  18  18  ASP ASP A . n 
A 1 19  TYR 19  19  19  TYR TYR A . n 
A 1 20  LEU 20  20  20  LEU LEU A . n 
A 1 21  GLY 21  21  21  GLY GLY A . n 
A 1 22  GLN 22  22  22  GLN GLN A . n 
A 1 23  TRP 23  23  23  TRP TRP A . n 
A 1 24  ALA 24  24  24  ALA ALA A . n 
A 1 25  SER 25  25  25  SER SER A . n 
A 1 26  THR 26  26  26  THR THR A . n 
A 1 27  PHE 27  27  27  PHE PHE A . n 
A 1 28  GLY 28  28  28  GLY GLY A . n 
A 1 29  ASP 29  29  29  ASP ASP A . n 
A 1 30  VAL 30  30  30  VAL VAL A . n 
A 1 31  ASN 31  31  31  ASN ASN A . n 
A 1 32  HIS 32  32  32  HIS HIS A . n 
A 1 33  THR 33  33  33  THR THR A . n 
A 1 34  ASN 34  34  34  ASN ASN A . n 
A 1 35  GLY 35  35  35  GLY GLY A . n 
A 1 36  ASN 36  36  36  ASN ASN A . n 
A 1 37  VAL 37  37  37  VAL VAL A . n 
A 1 38  THR 38  38  38  THR THR A . n 
A 1 39  ASP 39  39  39  ASP ASP A . n 
A 1 40  ALA 40  40  40  ALA ALA A . n 
A 1 41  ASN 41  41  41  ASN ASN A . n 
A 1 42  SER 42  42  42  SER SER A . n 
A 1 43  GLY 43  43  43  GLY GLY A . n 
A 1 44  GLY 44  44  44  GLY GLY A . n 
A 1 45  PHE 45  45  45  PHE PHE A . n 
A 1 46  TYR 46  46  46  TYR TYR A . n 
A 1 47  GLY 47  47  47  GLY GLY A . n 
A 1 48  GLY 48  48  48  GLY GLY A . n 
A 1 49  SER 49  49  49  SER SER A . n 
A 1 50  LEU 50  50  50  LEU LEU A . n 
A 1 51  SER 51  51  51  SER SER A . n 
A 1 52  GLY 52  52  52  GLY GLY A . n 
A 1 53  SER 53  53  53  SER SER A . n 
A 1 54  GLN 54  54  54  GLN GLN A . n 
A 1 55  TYR 55  55  55  TYR TYR A . n 
A 1 56  ALA 56  56  56  ALA ALA A . n 
A 1 57  ILE 57  57  57  ILE ILE A . n 
A 1 58  SER 58  58  58  SER SER A . n 
A 1 59  SER 59  59  59  SER SER A . n 
A 1 60  THR 60  60  60  THR THR A . n 
A 1 61  ALA 61  61  61  ALA ALA A . n 
A 1 62  ASN 62  62  62  ASN ASN A . n 
A 1 63  GLN 63  63  63  GLN GLN A . n 
A 1 64  VAL 64  64  64  VAL VAL A . n 
A 1 65  THR 65  65  65  THR THR A . n 
A 1 66  ALA 66  66  66  ALA ALA A . n 
A 1 67  PHE 67  67  67  PHE PHE A . n 
A 1 68  VAL 68  68  68  VAL VAL A . n 
A 1 69  ALA 69  69  69  ALA ALA A . n 
A 1 70  GLY 70  70  70  GLY GLY A . n 
A 1 71  GLY 71  71  71  GLY GLY A . n 
A 1 72  ASN 72  72  72  ASN ASN A . n 
A 1 73  LEU 73  73  73  LEU LEU A . n 
A 1 74  THR 74  74  74  THR THR A . n 
A 1 75  TYR 75  75  75  TYR TYR A . n 
A 1 76  THR 76  76  76  THR THR A . n 
A 1 77  LEU 77  77  77  LEU LEU A . n 
A 1 78  PHE 78  78  78  PHE PHE A . n 
A 1 79  ASN 79  79  79  ASN ASN A . n 
A 1 80  GLU 80  80  80  GLU GLU A . n 
A 1 81  PRO 81  81  81  PRO PRO A . n 
A 1 82  ALA 82  82  82  ALA ALA A . n 
A 1 83  HIS 83  83  83  HIS HIS A . n 
A 1 84  THR 84  84  84  THR THR A . n 
A 1 85  LEU 85  85  85  LEU LEU A . n 
A 1 86  TYR 86  86  86  TYR TYR A . n 
A 1 87  GLY 87  87  87  GLY GLY A . n 
A 1 88  GLN 88  88  88  GLN GLN A . n 
A 1 89  LEU 89  89  89  LEU LEU A . n 
A 1 90  ASP 90  90  90  ASP ASP A . n 
A 1 91  SER 91  91  91  SER SER A . n 
A 1 92  LEU 92  92  92  LEU LEU A . n 
A 1 93  SER 93  93  93  SER SER A . n 
A 1 94  PHE 94  94  94  PHE PHE A . n 
A 1 95  GLY 95  95  95  GLY GLY A . n 
A 1 96  ASP 96  96  96  ASP ASP A . n 
A 1 97  GLY 97  97  97  GLY GLY A . n 
A 1 98  LEU 98  98  98  LEU LEU A . n 
A 1 99  SER 99  99  99  SER SER A . n 
A 1 100 GLY 100 100 100 GLY GLY A . n 
A 1 101 GLY 101 101 101 GLY GLY A . n 
A 1 102 ASP 102 102 102 ASP ASP A . n 
A 1 103 THR 103 103 103 THR THR A . n 
A 1 104 SER 104 104 104 SER SER A . n 
A 1 105 PRO 105 105 105 PRO PRO A . n 
A 1 106 TYR 106 106 106 TYR TYR A . n 
A 1 107 SER 107 107 107 SER SER A . n 
A 1 108 ILE 108 108 108 ILE ILE A . n 
A 1 109 GLN 109 109 109 GLN GLN A . n 
A 1 110 VAL 110 110 110 VAL VAL A . n 
A 1 111 PRO 111 111 111 PRO PRO A . n 
A 1 112 ASP 112 112 112 ASP ASP A . n 
A 1 113 VAL 113 113 113 VAL VAL A . n 
A 1 114 SER 114 114 114 SER SER A . n 
A 1 115 PHE 115 115 115 PHE PHE A . n 
A 1 116 GLY 116 116 116 GLY GLY A . n 
A 1 117 GLY 117 117 117 GLY GLY A . n 
A 1 118 LEU 118 118 118 LEU LEU A . n 
A 1 119 ASN 119 119 119 ASN ASN A . n 
A 1 120 LEU 120 120 120 LEU LEU A . n 
A 1 121 SER 121 121 121 SER SER A . n 
A 1 122 SER 122 122 122 SER SER A . n 
A 1 123 LEU 123 123 123 LEU LEU A . n 
A 1 124 GLN 124 124 124 GLN GLN A . n 
A 1 125 ALA 125 125 125 ALA ALA A . n 
A 1 126 GLN 126 126 126 GLN GLN A . n 
A 1 127 GLY 127 127 127 GLY GLY A . n 
A 1 128 HIS 128 128 128 HIS HIS A . n 
A 1 129 ASP 129 129 129 ASP ASP A . n 
A 1 130 GLY 130 130 130 GLY GLY A . n 
A 1 131 VAL 131 131 131 VAL VAL A . n 
A 1 132 VAL 132 132 132 VAL VAL A . n 
A 1 133 HIS 133 133 133 HIS HIS A . n 
A 1 134 GLN 134 134 134 GLN GLN A . n 
A 1 135 VAL 135 135 135 VAL VAL A . n 
A 1 136 VAL 136 136 136 VAL VAL A . n 
A 1 137 TYR 137 137 137 TYR TYR A . n 
A 1 138 GLY 138 138 138 GLY GLY A . n 
A 1 139 LEU 139 139 139 LEU LEU A . n 
A 1 140 MET 140 140 140 MET MET A . n 
A 1 141 SER 141 141 141 SER SER A . n 
A 1 142 GLY 142 142 142 GLY GLY A . n 
A 1 143 ASP 143 143 143 ASP ASP A . n 
A 1 144 THR 144 144 144 THR THR A . n 
A 1 145 GLY 145 145 145 GLY GLY A . n 
A 1 146 ALA 146 146 146 ALA ALA A . n 
A 1 147 LEU 147 147 147 LEU LEU A . n 
A 1 148 GLU 148 148 148 GLU GLU A . n 
A 1 149 THR 149 149 149 THR THR A . n 
A 1 150 ALA 150 150 150 ALA ALA A . n 
A 1 151 LEU 151 151 151 LEU LEU A . n 
A 1 152 ASN 152 152 152 ASN ASN A . n 
A 1 153 GLY 153 153 153 GLY GLY A . n 
A 1 154 ILE 154 154 154 ILE ILE A . n 
A 1 155 LEU 155 155 155 LEU LEU A . n 
A 1 156 ASP 156 156 156 ASP ASP A . n 
A 1 157 ASP 157 157 157 ASP ASP A . n 
A 1 158 TYR 158 158 158 TYR TYR A . n 
A 1 159 GLY 159 159 159 GLY GLY A . n 
A 1 160 LEU 160 160 160 LEU LEU A . n 
A 1 161 SER 161 161 161 SER SER A . n 
A 1 162 VAL 162 162 162 VAL VAL A . n 
A 1 163 ASN 163 163 163 ASN ASN A . n 
A 1 164 SER 164 164 164 SER SER A . n 
A 1 165 THR 165 165 165 THR THR A . n 
A 1 166 PHE 166 166 166 PHE PHE A . n 
A 1 167 ASP 167 167 167 ASP ASP A . n 
A 1 168 GLN 168 168 168 GLN GLN A . n 
A 1 169 VAL 169 169 169 VAL VAL A . n 
A 1 170 ALA 170 170 170 ALA ALA A . n 
A 1 171 ALA 171 171 171 ALA ALA A . n 
A 1 172 ALA 172 172 172 ALA ALA A . n 
A 1 173 THR 173 173 173 THR THR A . n 
A 1 174 ALA 174 174 174 ALA ALA A . n 
A 1 175 VAL 175 175 ?   ?   ?   A . n 
A 1 176 GLY 176 176 ?   ?   ?   A . n 
A 1 177 VAL 177 177 ?   ?   ?   A . n 
A 1 178 GLN 178 178 ?   ?   ?   A . n 
A 1 179 HIS 179 179 ?   ?   ?   A . n 
A 1 180 ALA 180 180 ?   ?   ?   A . n 
A 1 181 ASP 181 181 ?   ?   ?   A . n 
A 1 182 SER 182 182 ?   ?   ?   A . n 
A 1 183 PRO 183 183 ?   ?   ?   A . n 
A 1 184 GLU 184 184 ?   ?   ?   A . n 
A 1 185 LEU 185 185 ?   ?   ?   A . n 
A 1 186 LEU 186 186 ?   ?   ?   A . n 
A 1 187 ALA 187 187 ?   ?   ?   A . n 
A 1 188 ALA 188 188 ?   ?   ?   A . n 
# 
loop_
_pdbx_nonpoly_scheme.asym_id 
_pdbx_nonpoly_scheme.entity_id 
_pdbx_nonpoly_scheme.mon_id 
_pdbx_nonpoly_scheme.ndb_seq_num 
_pdbx_nonpoly_scheme.pdb_seq_num 
_pdbx_nonpoly_scheme.auth_seq_num 
_pdbx_nonpoly_scheme.pdb_mon_id 
_pdbx_nonpoly_scheme.auth_mon_id 
_pdbx_nonpoly_scheme.pdb_strand_id 
_pdbx_nonpoly_scheme.pdb_ins_code 
B 2 CA  1   199 199 CA  CA  A . 
C 3 HEM 1   200 200 HEM HEM A . 
D 4 HOH 1   300 300 HOH HOH A . 
D 4 HOH 2   301 301 HOH HOH A . 
D 4 HOH 3   302 302 HOH HOH A . 
D 4 HOH 4   303 303 HOH HOH A . 
D 4 HOH 5   304 304 HOH HOH A . 
D 4 HOH 6   305 305 HOH HOH A . 
D 4 HOH 7   306 306 HOH HOH A . 
D 4 HOH 8   307 307 HOH HOH A . 
D 4 HOH 9   308 308 HOH HOH A . 
D 4 HOH 10  309 309 HOH HOH A . 
D 4 HOH 11  310 310 HOH HOH A . 
D 4 HOH 12  311 311 HOH HOH A . 
D 4 HOH 13  312 312 HOH HOH A . 
D 4 HOH 14  313 313 HOH HOH A . 
D 4 HOH 15  314 314 HOH HOH A . 
D 4 HOH 16  315 315 HOH HOH A . 
D 4 HOH 17  317 317 HOH HOH A . 
D 4 HOH 18  318 318 HOH HOH A . 
D 4 HOH 19  319 319 HOH HOH A . 
D 4 HOH 20  320 320 HOH HOH A . 
D 4 HOH 21  321 321 HOH HOH A . 
D 4 HOH 22  322 322 HOH HOH A . 
D 4 HOH 23  323 323 HOH HOH A . 
D 4 HOH 24  324 324 HOH HOH A . 
D 4 HOH 25  325 325 HOH HOH A . 
D 4 HOH 26  326 326 HOH HOH A . 
D 4 HOH 27  328 328 HOH HOH A . 
D 4 HOH 28  329 329 HOH HOH A . 
D 4 HOH 29  331 331 HOH HOH A . 
D 4 HOH 30  332 332 HOH HOH A . 
D 4 HOH 31  333 333 HOH HOH A . 
D 4 HOH 32  334 334 HOH HOH A . 
D 4 HOH 33  335 335 HOH HOH A . 
D 4 HOH 34  336 336 HOH HOH A . 
D 4 HOH 35  337 337 HOH HOH A . 
D 4 HOH 36  338 338 HOH HOH A . 
D 4 HOH 37  339 339 HOH HOH A . 
D 4 HOH 38  340 340 HOH HOH A . 
D 4 HOH 39  341 341 HOH HOH A . 
D 4 HOH 40  342 342 HOH HOH A . 
D 4 HOH 41  343 343 HOH HOH A . 
D 4 HOH 42  344 344 HOH HOH A . 
D 4 HOH 43  345 345 HOH HOH A . 
D 4 HOH 44  346 346 HOH HOH A . 
D 4 HOH 45  347 347 HOH HOH A . 
D 4 HOH 46  348 348 HOH HOH A . 
D 4 HOH 47  350 350 HOH HOH A . 
D 4 HOH 48  352 352 HOH HOH A . 
D 4 HOH 49  354 354 HOH HOH A . 
D 4 HOH 50  355 355 HOH HOH A . 
D 4 HOH 51  356 356 HOH HOH A . 
D 4 HOH 52  357 357 HOH HOH A . 
D 4 HOH 53  358 358 HOH HOH A . 
D 4 HOH 54  360 360 HOH HOH A . 
D 4 HOH 55  361 361 HOH HOH A . 
D 4 HOH 56  362 362 HOH HOH A . 
D 4 HOH 57  363 363 HOH HOH A . 
D 4 HOH 58  364 364 HOH HOH A . 
D 4 HOH 59  365 365 HOH HOH A . 
D 4 HOH 60  366 366 HOH HOH A . 
D 4 HOH 61  367 367 HOH HOH A . 
D 4 HOH 62  368 368 HOH HOH A . 
D 4 HOH 63  369 369 HOH HOH A . 
D 4 HOH 64  371 371 HOH HOH A . 
D 4 HOH 65  372 372 HOH HOH A . 
D 4 HOH 66  374 374 HOH HOH A . 
D 4 HOH 67  376 376 HOH HOH A . 
D 4 HOH 68  377 377 HOH HOH A . 
D 4 HOH 69  378 378 HOH HOH A . 
D 4 HOH 70  379 379 HOH HOH A . 
D 4 HOH 71  380 380 HOH HOH A . 
D 4 HOH 72  381 381 HOH HOH A . 
D 4 HOH 73  382 382 HOH HOH A . 
D 4 HOH 74  383 383 HOH HOH A . 
D 4 HOH 75  386 386 HOH HOH A . 
D 4 HOH 76  387 387 HOH HOH A . 
D 4 HOH 77  388 388 HOH HOH A . 
D 4 HOH 78  389 389 HOH HOH A . 
D 4 HOH 79  390 390 HOH HOH A . 
D 4 HOH 80  391 391 HOH HOH A . 
D 4 HOH 81  392 392 HOH HOH A . 
D 4 HOH 82  393 393 HOH HOH A . 
D 4 HOH 83  394 394 HOH HOH A . 
D 4 HOH 84  395 395 HOH HOH A . 
D 4 HOH 85  396 396 HOH HOH A . 
D 4 HOH 86  397 397 HOH HOH A . 
D 4 HOH 87  398 398 HOH HOH A . 
D 4 HOH 88  399 399 HOH HOH A . 
D 4 HOH 89  401 401 HOH HOH A . 
D 4 HOH 90  402 402 HOH HOH A . 
D 4 HOH 91  403 403 HOH HOH A . 
D 4 HOH 92  405 405 HOH HOH A . 
D 4 HOH 93  406 406 HOH HOH A . 
D 4 HOH 94  407 407 HOH HOH A . 
D 4 HOH 95  408 408 HOH HOH A . 
D 4 HOH 96  409 409 HOH HOH A . 
D 4 HOH 97  410 410 HOH HOH A . 
D 4 HOH 98  412 412 HOH HOH A . 
D 4 HOH 99  413 413 HOH HOH A . 
D 4 HOH 100 414 414 HOH HOH A . 
D 4 HOH 101 415 415 HOH HOH A . 
D 4 HOH 102 416 416 HOH HOH A . 
D 4 HOH 103 417 417 HOH HOH A . 
D 4 HOH 104 418 418 HOH HOH A . 
D 4 HOH 105 419 419 HOH HOH A . 
D 4 HOH 106 420 420 HOH HOH A . 
D 4 HOH 107 421 421 HOH HOH A . 
D 4 HOH 108 422 422 HOH HOH A . 
D 4 HOH 109 423 423 HOH HOH A . 
D 4 HOH 110 424 424 HOH HOH A . 
D 4 HOH 111 426 426 HOH HOH A . 
D 4 HOH 112 427 427 HOH HOH A . 
D 4 HOH 113 428 428 HOH HOH A . 
D 4 HOH 114 429 429 HOH HOH A . 
D 4 HOH 115 430 430 HOH HOH A . 
D 4 HOH 116 431 431 HOH HOH A . 
D 4 HOH 117 432 432 HOH HOH A . 
D 4 HOH 118 433 433 HOH HOH A . 
D 4 HOH 119 434 434 HOH HOH A . 
D 4 HOH 120 435 435 HOH HOH A . 
D 4 HOH 121 436 436 HOH HOH A . 
D 4 HOH 122 437 437 HOH HOH A . 
D 4 HOH 123 438 438 HOH HOH A . 
D 4 HOH 124 439 439 HOH HOH A . 
D 4 HOH 125 440 440 HOH HOH A . 
D 4 HOH 126 441 441 HOH HOH A . 
D 4 HOH 127 442 442 HOH HOH A . 
D 4 HOH 128 443 443 HOH HOH A . 
D 4 HOH 129 444 444 HOH HOH A . 
D 4 HOH 130 446 446 HOH HOH A . 
D 4 HOH 131 447 447 HOH HOH A . 
D 4 HOH 132 449 449 HOH HOH A . 
D 4 HOH 133 451 451 HOH HOH A . 
D 4 HOH 134 454 454 HOH HOH A . 
D 4 HOH 135 455 455 HOH HOH A . 
D 4 HOH 136 456 456 HOH HOH A . 
D 4 HOH 137 457 457 HOH HOH A . 
D 4 HOH 138 458 458 HOH HOH A . 
D 4 HOH 139 460 460 HOH HOH A . 
D 4 HOH 140 461 461 HOH HOH A . 
D 4 HOH 141 463 463 HOH HOH A . 
D 4 HOH 142 464 464 HOH HOH A . 
D 4 HOH 143 465 465 HOH HOH A . 
D 4 HOH 144 467 467 HOH HOH A . 
D 4 HOH 145 468 468 HOH HOH A . 
D 4 HOH 146 473 473 HOH HOH A . 
D 4 HOH 147 475 475 HOH HOH A . 
D 4 HOH 148 476 476 HOH HOH A . 
D 4 HOH 149 478 478 HOH HOH A . 
D 4 HOH 150 480 480 HOH HOH A . 
D 4 HOH 151 481 481 HOH HOH A . 
D 4 HOH 152 482 482 HOH HOH A . 
D 4 HOH 153 483 483 HOH HOH A . 
D 4 HOH 154 485 485 HOH HOH A . 
D 4 HOH 155 486 486 HOH HOH A . 
D 4 HOH 156 488 488 HOH HOH A . 
D 4 HOH 157 489 489 HOH HOH A . 
D 4 HOH 158 490 490 HOH HOH A . 
D 4 HOH 159 491 491 HOH HOH A . 
D 4 HOH 160 492 492 HOH HOH A . 
D 4 HOH 161 493 493 HOH HOH A . 
D 4 HOH 162 494 494 HOH HOH A . 
D 4 HOH 163 495 495 HOH HOH A . 
D 4 HOH 164 497 497 HOH HOH A . 
D 4 HOH 165 503 503 HOH HOH A . 
D 4 HOH 166 508 508 HOH HOH A . 
D 4 HOH 167 509 509 HOH HOH A . 
D 4 HOH 168 510 510 HOH HOH A . 
D 4 HOH 169 511 511 HOH HOH A . 
D 4 HOH 170 513 513 HOH HOH A . 
D 4 HOH 171 515 515 HOH HOH A . 
D 4 HOH 172 516 516 HOH HOH A . 
D 4 HOH 173 519 519 HOH HOH A . 
D 4 HOH 174 520 520 HOH HOH A . 
D 4 HOH 175 524 524 HOH HOH A . 
D 4 HOH 176 525 525 HOH HOH A . 
# 
loop_
_software.name 
_software.classification 
_software.version 
_software.citation_id 
_software.pdbx_ordinal 
REFMAC refinement       .         ? 1 
DENZO  'data reduction' .         ? 2 
CCP4   'data scaling'   '(SCALA)' ? 3 
# 
_cell.entry_id           1B2V 
_cell.length_a           41.650 
_cell.length_b           80.660 
_cell.length_c           63.230 
_cell.angle_alpha        90.00 
_cell.angle_beta         93.58 
_cell.angle_gamma        90.00 
_cell.Z_PDB              4 
_cell.pdbx_unique_axis   ? 
_cell.length_a_esd       ? 
_cell.length_b_esd       ? 
_cell.length_c_esd       ? 
_cell.angle_alpha_esd    ? 
_cell.angle_beta_esd     ? 
_cell.angle_gamma_esd    ? 
# 
_symmetry.entry_id                         1B2V 
_symmetry.space_group_name_H-M             'C 1 2 1' 
_symmetry.pdbx_full_space_group_name_H-M   ? 
_symmetry.cell_setting                     ? 
_symmetry.Int_Tables_number                5 
_symmetry.space_group_name_Hall            ? 
# 
_exptl.entry_id          1B2V 
_exptl.method            'X-RAY DIFFRACTION' 
_exptl.crystals_number   1 
# 
_exptl_crystal.id                    1 
_exptl_crystal.density_meas          ? 
_exptl_crystal.density_Matthews      2.75 
_exptl_crystal.density_percent_sol   55.23 
_exptl_crystal.description           ? 
_exptl_crystal.F_000                 ? 
_exptl_crystal.preparation           ? 
# 
_exptl_crystal_grow.crystal_id      1 
_exptl_crystal_grow.method          ? 
_exptl_crystal_grow.temp            ? 
_exptl_crystal_grow.temp_details    ? 
_exptl_crystal_grow.pH              4.6 
_exptl_crystal_grow.pdbx_details    '0.2M CACL, 0.1M NA ACETATE PH 4.6, 20% ISOPRPANOL' 
_exptl_crystal_grow.pdbx_pH_range   . 
# 
loop_
_exptl_crystal_grow_comp.crystal_id 
_exptl_crystal_grow_comp.id 
_exptl_crystal_grow_comp.sol_id 
_exptl_crystal_grow_comp.name 
_exptl_crystal_grow_comp.volume 
_exptl_crystal_grow_comp.conc 
_exptl_crystal_grow_comp.details 
1 1 2 '0.2M CACL'              ? ? ? 
1 2 2 '0.1M NA ACETATE PH 4.6' ? ? ? 
1 3 2 '20% ISOPRPANOL'         ? ? ? 
# 
_diffrn.id                     1 
_diffrn.ambient_temp           288.0 
_diffrn.ambient_temp_details   ? 
_diffrn.crystal_id             1 
# 
_diffrn_detector.diffrn_id              1 
_diffrn_detector.detector               'IMAGE PLATE' 
_diffrn_detector.type                   MARRESEARCH 
_diffrn_detector.pdbx_collection_date   1998-05-15 
_diffrn_detector.details                ? 
# 
_diffrn_radiation.diffrn_id                        1 
_diffrn_radiation.wavelength_id                    1 
_diffrn_radiation.pdbx_monochromatic_or_laue_m_l   M 
_diffrn_radiation.monochromator                    'GRAPHITE CRYSTAL' 
_diffrn_radiation.pdbx_diffrn_protocol             'SINGLE WAVELENGTH' 
_diffrn_radiation.pdbx_scattering_type             x-ray 
# 
_diffrn_radiation_wavelength.id           1 
_diffrn_radiation_wavelength.wavelength   1.5418 
_diffrn_radiation_wavelength.wt           1.0 
# 
_diffrn_source.diffrn_id                   1 
_diffrn_source.source                      ? 
_diffrn_source.type                        ? 
_diffrn_source.pdbx_synchrotron_site       ? 
_diffrn_source.pdbx_synchrotron_beamline   ? 
_diffrn_source.pdbx_wavelength             1.5418 
_diffrn_source.pdbx_wavelength_list        ? 
# 
_reflns.entry_id                     1B2V 
_reflns.observed_criterion_sigma_I   ? 
_reflns.observed_criterion_sigma_F   ? 
_reflns.d_resolution_low             20.0 
_reflns.d_resolution_high            1.9 
_reflns.number_obs                   61510 
_reflns.number_all                   ? 
_reflns.percent_possible_obs         95.2 
_reflns.pdbx_Rmerge_I_obs            ? 
_reflns.pdbx_Rsym_value              7.9000000 
_reflns.pdbx_netI_over_sigmaI        13.9 
_reflns.B_iso_Wilson_estimate        30.96 
_reflns.pdbx_redundancy              2.5 
_reflns.R_free_details               ? 
_reflns.limit_h_max                  ? 
_reflns.limit_h_min                  ? 
_reflns.limit_k_max                  ? 
_reflns.limit_k_min                  ? 
_reflns.limit_l_max                  ? 
_reflns.limit_l_min                  ? 
_reflns.observed_criterion_F_max     ? 
_reflns.observed_criterion_F_min     ? 
_reflns.pdbx_ordinal                 1 
_reflns.pdbx_diffrn_id               1 
_reflns.pdbx_chi_squared             ? 
_reflns.pdbx_scaling_rejects         ? 
# 
_reflns_shell.d_res_high             1.9 
_reflns_shell.d_res_low              1.97 
_reflns_shell.percent_possible_all   94.2 
_reflns_shell.Rmerge_I_obs           ? 
_reflns_shell.pdbx_Rsym_value        29.0000000 
_reflns_shell.meanI_over_sigI_obs    2.5 
_reflns_shell.pdbx_redundancy        1.4 
_reflns_shell.percent_possible_obs   ? 
_reflns_shell.number_unique_all      ? 
_reflns_shell.pdbx_ordinal           1 
_reflns_shell.pdbx_diffrn_id         1 
_reflns_shell.number_measured_all    ? 
_reflns_shell.number_measured_obs    ? 
_reflns_shell.number_unique_obs      ? 
_reflns_shell.pdbx_chi_squared       ? 
# 
_refine.entry_id                                 1B2V 
_refine.ls_number_reflns_obs                     15496 
_refine.ls_number_reflns_all                     ? 
_refine.pdbx_ls_sigma_I                          ? 
_refine.pdbx_ls_sigma_F                          0.0 
_refine.pdbx_data_cutoff_high_absF               ? 
_refine.pdbx_data_cutoff_low_absF                ? 
_refine.pdbx_data_cutoff_high_rms_absF           ? 
_refine.ls_d_res_low                             15 
_refine.ls_d_res_high                            1.9 
_refine.ls_percent_reflns_obs                    95.2 
_refine.ls_R_factor_obs                          0.1770000 
_refine.ls_R_factor_all                          ? 
_refine.ls_R_factor_R_work                       0.1750000 
_refine.ls_R_factor_R_free                       0.2180000 
_refine.ls_R_factor_R_free_error                 ? 
_refine.ls_R_factor_R_free_error_details         ? 
_refine.ls_percent_reflns_R_free                 5 
_refine.ls_number_reflns_R_free                  775 
_refine.ls_number_parameters                     ? 
_refine.ls_number_restraints                     ? 
_refine.occupancy_min                            ? 
_refine.occupancy_max                            ? 
_refine.B_iso_mean                               24.6 
_refine.aniso_B[1][1]                            ? 
_refine.aniso_B[2][2]                            ? 
_refine.aniso_B[3][3]                            ? 
_refine.aniso_B[1][2]                            ? 
_refine.aniso_B[1][3]                            ? 
_refine.aniso_B[2][3]                            ? 
_refine.solvent_model_details                    ? 
_refine.solvent_model_param_ksol                 ? 
_refine.solvent_model_param_bsol                 ? 
_refine.pdbx_ls_cross_valid_method               THROUGHOUT 
_refine.details                                  'ALTERNATIVE CONFORMATION FOR THE B TYPE HEME' 
_refine.pdbx_starting_model                      ? 
_refine.pdbx_method_to_determine_struct          MIRAS 
_refine.pdbx_isotropic_thermal_model             ? 
_refine.pdbx_stereochemistry_target_values       ? 
_refine.pdbx_stereochem_target_val_spec_case     ? 
_refine.pdbx_R_Free_selection_details            RANDOM 
_refine.pdbx_overall_ESU_R                       0.18 
_refine.pdbx_overall_ESU_R_Free                  0.15 
_refine.overall_SU_ML                            0.12 
_refine.overall_SU_B                             3.49 
_refine.ls_redundancy_reflns_obs                 ? 
_refine.B_iso_min                                ? 
_refine.B_iso_max                                ? 
_refine.pdbx_refine_id                           'X-RAY DIFFRACTION' 
_refine.pdbx_diffrn_id                           1 
_refine.pdbx_overall_phase_error                 ? 
_refine.correlation_coeff_Fo_to_Fc               ? 
_refine.correlation_coeff_Fo_to_Fc_free          ? 
_refine.pdbx_solvent_vdw_probe_radii             ? 
_refine.pdbx_solvent_ion_probe_radii             ? 
_refine.pdbx_solvent_shrinkage_radii             ? 
_refine.overall_SU_R_Cruickshank_DPI             ? 
_refine.overall_SU_R_free                        ? 
_refine.ls_wR_factor_R_free                      ? 
_refine.ls_wR_factor_R_work                      ? 
_refine.overall_FOM_free_R_set                   ? 
_refine.overall_FOM_work_R_set                   ? 
_refine.pdbx_TLS_residual_ADP_flag               ? 
_refine.pdbx_overall_SU_R_free_Cruickshank_DPI   ? 
_refine.pdbx_overall_SU_R_Blow_DPI               ? 
_refine.pdbx_overall_SU_R_free_Blow_DPI          ? 
# 
_refine_hist.pdbx_refine_id                   'X-RAY DIFFRACTION' 
_refine_hist.cycle_id                         LAST 
_refine_hist.pdbx_number_atoms_protein        1256 
_refine_hist.pdbx_number_atoms_nucleic_acid   0 
_refine_hist.pdbx_number_atoms_ligand         44 
_refine_hist.number_atoms_solvent             176 
_refine_hist.number_atoms_total               1476 
_refine_hist.d_res_high                       1.9 
_refine_hist.d_res_low                        15 
# 
loop_
_refine_ls_restr.type 
_refine_ls_restr.dev_ideal 
_refine_ls_restr.dev_ideal_target 
_refine_ls_restr.weight 
_refine_ls_restr.number 
_refine_ls_restr.pdbx_refine_id 
_refine_ls_restr.pdbx_restraint_function 
p_bond_d            0.014 ? ? ? 'X-RAY DIFFRACTION' ? 
p_angle_d           2.37  ? ? ? 'X-RAY DIFFRACTION' ? 
p_angle_deg         ?     ? ? ? 'X-RAY DIFFRACTION' ? 
p_planar_d          ?     ? ? ? 'X-RAY DIFFRACTION' ? 
p_hb_or_metal_coord ?     ? ? ? 'X-RAY DIFFRACTION' ? 
p_mcbond_it         ?     ? ? ? 'X-RAY DIFFRACTION' ? 
p_mcangle_it        ?     ? ? ? 'X-RAY DIFFRACTION' ? 
p_scbond_it         ?     ? ? ? 'X-RAY DIFFRACTION' ? 
p_scangle_it        ?     ? ? ? 'X-RAY DIFFRACTION' ? 
p_plane_restr       ?     ? ? ? 'X-RAY DIFFRACTION' ? 
p_chiral_restr      ?     ? ? ? 'X-RAY DIFFRACTION' ? 
p_singtor_nbd       ?     ? ? ? 'X-RAY DIFFRACTION' ? 
p_multtor_nbd       ?     ? ? ? 'X-RAY DIFFRACTION' ? 
p_xhyhbond_nbd      ?     ? ? ? 'X-RAY DIFFRACTION' ? 
p_xyhbond_nbd       ?     ? ? ? 'X-RAY DIFFRACTION' ? 
p_planar_tor        ?     ? ? ? 'X-RAY DIFFRACTION' ? 
p_staggered_tor     ?     ? ? ? 'X-RAY DIFFRACTION' ? 
p_orthonormal_tor   ?     ? ? ? 'X-RAY DIFFRACTION' ? 
p_transverse_tor    ?     ? ? ? 'X-RAY DIFFRACTION' ? 
p_special_tor       ?     ? ? ? 'X-RAY DIFFRACTION' ? 
# 
_struct.entry_id                  1B2V 
_struct.title                     'HEME-BINDING PROTEIN A' 
_struct.pdbx_model_details        ? 
_struct.pdbx_CASP_flag            ? 
_struct.pdbx_model_type_details   ? 
# 
_struct_keywords.entry_id        1B2V 
_struct_keywords.pdbx_keywords   'TRANSPORT PROTEIN' 
_struct_keywords.text            'HEME ACQUISITION, IRON METABOLISM, TRANSPORT PROTEIN' 
# 
loop_
_struct_asym.id 
_struct_asym.pdbx_blank_PDB_chainid_flag 
_struct_asym.pdbx_modified 
_struct_asym.entity_id 
_struct_asym.details 
A N N 1 ? 
B N N 2 ? 
C N N 3 ? 
D N N 4 ? 
# 
_struct_ref.id                         1 
_struct_ref.db_name                    UNP 
_struct_ref.db_code                    HASA_SERMA 
_struct_ref.entity_id                  1 
_struct_ref.pdbx_db_accession          Q54450 
_struct_ref.pdbx_align_begin           ? 
_struct_ref.pdbx_seq_one_letter_code   ? 
_struct_ref.pdbx_db_isoform            ? 
# 
_struct_ref_seq.align_id                      1 
_struct_ref_seq.ref_id                        1 
_struct_ref_seq.pdbx_PDB_id_code              1B2V 
_struct_ref_seq.pdbx_strand_id                A 
_struct_ref_seq.seq_align_beg                 1 
_struct_ref_seq.pdbx_seq_align_beg_ins_code   ? 
_struct_ref_seq.seq_align_end                 188 
_struct_ref_seq.pdbx_seq_align_end_ins_code   ? 
_struct_ref_seq.pdbx_db_accession             Q54450 
_struct_ref_seq.db_align_beg                  1 
_struct_ref_seq.pdbx_db_align_beg_ins_code    ? 
_struct_ref_seq.db_align_end                  188 
_struct_ref_seq.pdbx_db_align_end_ins_code    ? 
_struct_ref_seq.pdbx_auth_seq_align_beg       1 
_struct_ref_seq.pdbx_auth_seq_align_end       188 
# 
_pdbx_struct_assembly.id                   1 
_pdbx_struct_assembly.details              author_defined_assembly 
_pdbx_struct_assembly.method_details       ? 
_pdbx_struct_assembly.oligomeric_details   monomeric 
_pdbx_struct_assembly.oligomeric_count     1 
# 
_pdbx_struct_assembly_gen.assembly_id       1 
_pdbx_struct_assembly_gen.oper_expression   1 
_pdbx_struct_assembly_gen.asym_id_list      A,B,C,D 
# 
_pdbx_struct_oper_list.id                   1 
_pdbx_struct_oper_list.type                 'identity operation' 
_pdbx_struct_oper_list.name                 1_555 
_pdbx_struct_oper_list.symmetry_operation   x,y,z 
_pdbx_struct_oper_list.matrix[1][1]         1.0000000000 
_pdbx_struct_oper_list.matrix[1][2]         0.0000000000 
_pdbx_struct_oper_list.matrix[1][3]         0.0000000000 
_pdbx_struct_oper_list.vector[1]            0.0000000000 
_pdbx_struct_oper_list.matrix[2][1]         0.0000000000 
_pdbx_struct_oper_list.matrix[2][2]         1.0000000000 
_pdbx_struct_oper_list.matrix[2][3]         0.0000000000 
_pdbx_struct_oper_list.vector[2]            0.0000000000 
_pdbx_struct_oper_list.matrix[3][1]         0.0000000000 
_pdbx_struct_oper_list.matrix[3][2]         0.0000000000 
_pdbx_struct_oper_list.matrix[3][3]         1.0000000000 
_pdbx_struct_oper_list.vector[3]            0.0000000000 
# 
_struct_biol.id        1 
_struct_biol.details   ? 
# 
loop_
_struct_conf.conf_type_id 
_struct_conf.id 
_struct_conf.pdbx_PDB_helix_id 
_struct_conf.beg_label_comp_id 
_struct_conf.beg_label_asym_id 
_struct_conf.beg_label_seq_id 
_struct_conf.pdbx_beg_PDB_ins_code 
_struct_conf.end_label_comp_id 
_struct_conf.end_label_asym_id 
_struct_conf.end_label_seq_id 
_struct_conf.pdbx_end_PDB_ins_code 
_struct_conf.beg_auth_comp_id 
_struct_conf.beg_auth_asym_id 
_struct_conf.beg_auth_seq_id 
_struct_conf.end_auth_comp_id 
_struct_conf.end_auth_asym_id 
_struct_conf.end_auth_seq_id 
_struct_conf.pdbx_PDB_helix_class 
_struct_conf.details 
_struct_conf.pdbx_PDB_helix_length 
HELX_P HELX_P1 1 SER A 9   ? PHE A 11  ? SER A 9   PHE A 11  5 ? 3  
HELX_P HELX_P2 2 ILE A 16  ? PHE A 27  ? ILE A 16  PHE A 27  1 ? 12 
HELX_P HELX_P3 3 ASP A 39  ? ASN A 41  ? ASP A 39  ASN A 41  5 ? 3  
HELX_P HELX_P4 4 GLN A 124 ? ASP A 129 ? GLN A 124 ASP A 129 5 ? 6  
HELX_P HELX_P5 5 VAL A 131 ? SER A 141 ? VAL A 131 SER A 141 1 ? 11 
HELX_P HELX_P6 6 GLY A 145 ? TYR A 158 ? GLY A 145 TYR A 158 1 ? 14 
HELX_P HELX_P7 7 PHE A 166 ? ALA A 172 ? PHE A 166 ALA A 172 1 ? 7  
# 
_struct_conf_type.id          HELX_P 
_struct_conf_type.criteria    ? 
_struct_conf_type.reference   ? 
# 
loop_
_struct_conn.id 
_struct_conn.conn_type_id 
_struct_conn.pdbx_leaving_atom_flag 
_struct_conn.pdbx_PDB_id 
_struct_conn.ptnr1_label_asym_id 
_struct_conn.ptnr1_label_comp_id 
_struct_conn.ptnr1_label_seq_id 
_struct_conn.ptnr1_label_atom_id 
_struct_conn.pdbx_ptnr1_label_alt_id 
_struct_conn.pdbx_ptnr1_PDB_ins_code 
_struct_conn.pdbx_ptnr1_standard_comp_id 
_struct_conn.ptnr1_symmetry 
_struct_conn.ptnr2_label_asym_id 
_struct_conn.ptnr2_label_comp_id 
_struct_conn.ptnr2_label_seq_id 
_struct_conn.ptnr2_label_atom_id 
_struct_conn.pdbx_ptnr2_label_alt_id 
_struct_conn.pdbx_ptnr2_PDB_ins_code 
_struct_conn.ptnr1_auth_asym_id 
_struct_conn.ptnr1_auth_comp_id 
_struct_conn.ptnr1_auth_seq_id 
_struct_conn.ptnr2_auth_asym_id 
_struct_conn.ptnr2_auth_comp_id 
_struct_conn.ptnr2_auth_seq_id 
_struct_conn.ptnr2_symmetry 
_struct_conn.pdbx_ptnr3_label_atom_id 
_struct_conn.pdbx_ptnr3_label_seq_id 
_struct_conn.pdbx_ptnr3_label_comp_id 
_struct_conn.pdbx_ptnr3_label_asym_id 
_struct_conn.pdbx_ptnr3_label_alt_id 
_struct_conn.pdbx_ptnr3_PDB_ins_code 
_struct_conn.details 
_struct_conn.pdbx_dist_value 
_struct_conn.pdbx_value_order 
_struct_conn.pdbx_role 
metalc1  metalc ? ? A HIS 32  NE2 ? ? ? 1_555 C HEM . FE  ? ? A HIS 32  A HEM 200 1_555 ? ? ? ? ? ? ? 2.263 ? ? 
metalc2  metalc ? ? A ASN 34  OD1 ? ? ? 1_555 B CA  . CA  ? ? A ASN 34  A CA  199 1_555 ? ? ? ? ? ? ? 2.492 ? ? 
metalc3  metalc ? ? A TYR 75  OH  ? ? ? 1_555 C HEM . FE  ? ? A TYR 75  A HEM 200 1_555 ? ? ? ? ? ? ? 1.954 ? ? 
metalc4  metalc ? ? A GLY 159 O   ? ? ? 3_455 B CA  . CA  ? ? A GLY 159 A CA  199 1_555 ? ? ? ? ? ? ? 2.417 ? ? 
metalc5  metalc ? ? B CA  .   CA  ? ? ? 1_555 C HEM . O1A B ? A CA  199 A HEM 200 1_555 ? ? ? ? ? ? ? 2.800 ? ? 
metalc6  metalc ? ? B CA  .   CA  ? ? ? 1_555 C HEM . O2A B ? A CA  199 A HEM 200 1_555 ? ? ? ? ? ? ? 2.606 ? ? 
metalc7  metalc ? ? B CA  .   CA  ? ? ? 1_555 C HEM . O1D A ? A CA  199 A HEM 200 1_555 ? ? ? ? ? ? ? 2.804 ? ? 
metalc8  metalc ? ? B CA  .   CA  ? ? ? 1_555 C HEM . O2D A ? A CA  199 A HEM 200 1_555 ? ? ? ? ? ? ? 2.593 ? ? 
metalc9  metalc ? ? B CA  .   CA  ? ? ? 1_555 D HOH . O   ? ? A CA  199 A HOH 406 3_455 ? ? ? ? ? ? ? 2.475 ? ? 
metalc10 metalc ? ? B CA  .   CA  ? ? ? 1_555 D HOH . O   ? ? A CA  199 A HOH 407 3_455 ? ? ? ? ? ? ? 2.565 ? ? 
metalc11 metalc ? ? B CA  .   CA  ? ? ? 1_555 D HOH . O   ? ? A CA  199 A HOH 408 3_455 ? ? ? ? ? ? ? 2.435 ? ? 
# 
_struct_conn_type.id          metalc 
_struct_conn_type.criteria    ? 
_struct_conn_type.reference   ? 
# 
loop_
_pdbx_struct_conn_angle.id 
_pdbx_struct_conn_angle.ptnr1_label_atom_id 
_pdbx_struct_conn_angle.ptnr1_label_alt_id 
_pdbx_struct_conn_angle.ptnr1_label_asym_id 
_pdbx_struct_conn_angle.ptnr1_label_comp_id 
_pdbx_struct_conn_angle.ptnr1_label_seq_id 
_pdbx_struct_conn_angle.ptnr1_auth_atom_id 
_pdbx_struct_conn_angle.ptnr1_auth_asym_id 
_pdbx_struct_conn_angle.ptnr1_auth_comp_id 
_pdbx_struct_conn_angle.ptnr1_auth_seq_id 
_pdbx_struct_conn_angle.ptnr1_PDB_ins_code 
_pdbx_struct_conn_angle.ptnr1_symmetry 
_pdbx_struct_conn_angle.ptnr2_label_atom_id 
_pdbx_struct_conn_angle.ptnr2_label_alt_id 
_pdbx_struct_conn_angle.ptnr2_label_asym_id 
_pdbx_struct_conn_angle.ptnr2_label_comp_id 
_pdbx_struct_conn_angle.ptnr2_label_seq_id 
_pdbx_struct_conn_angle.ptnr2_auth_atom_id 
_pdbx_struct_conn_angle.ptnr2_auth_asym_id 
_pdbx_struct_conn_angle.ptnr2_auth_comp_id 
_pdbx_struct_conn_angle.ptnr2_auth_seq_id 
_pdbx_struct_conn_angle.ptnr2_PDB_ins_code 
_pdbx_struct_conn_angle.ptnr2_symmetry 
_pdbx_struct_conn_angle.ptnr3_label_atom_id 
_pdbx_struct_conn_angle.ptnr3_label_alt_id 
_pdbx_struct_conn_angle.ptnr3_label_asym_id 
_pdbx_struct_conn_angle.ptnr3_label_comp_id 
_pdbx_struct_conn_angle.ptnr3_label_seq_id 
_pdbx_struct_conn_angle.ptnr3_auth_atom_id 
_pdbx_struct_conn_angle.ptnr3_auth_asym_id 
_pdbx_struct_conn_angle.ptnr3_auth_comp_id 
_pdbx_struct_conn_angle.ptnr3_auth_seq_id 
_pdbx_struct_conn_angle.ptnr3_PDB_ins_code 
_pdbx_struct_conn_angle.ptnr3_symmetry 
_pdbx_struct_conn_angle.value 
_pdbx_struct_conn_angle.value_esd 
1  NE2 ? A HIS 32  ? A HIS 32  ? 1_555 FE ? C HEM . ? A HEM 200 ? 1_555 NA  A C HEM .   ? A HEM 200 ? 1_555 90.2  ? 
2  NE2 ? A HIS 32  ? A HIS 32  ? 1_555 FE ? C HEM . ? A HEM 200 ? 1_555 NB  A C HEM .   ? A HEM 200 ? 1_555 86.8  ? 
3  NA  A C HEM .   ? A HEM 200 ? 1_555 FE ? C HEM . ? A HEM 200 ? 1_555 NB  A C HEM .   ? A HEM 200 ? 1_555 89.6  ? 
4  NE2 ? A HIS 32  ? A HIS 32  ? 1_555 FE ? C HEM . ? A HEM 200 ? 1_555 NC  A C HEM .   ? A HEM 200 ? 1_555 89.5  ? 
5  NA  A C HEM .   ? A HEM 200 ? 1_555 FE ? C HEM . ? A HEM 200 ? 1_555 NC  A C HEM .   ? A HEM 200 ? 1_555 178.2 ? 
6  NB  A C HEM .   ? A HEM 200 ? 1_555 FE ? C HEM . ? A HEM 200 ? 1_555 NC  A C HEM .   ? A HEM 200 ? 1_555 88.6  ? 
7  NE2 ? A HIS 32  ? A HIS 32  ? 1_555 FE ? C HEM . ? A HEM 200 ? 1_555 ND  A C HEM .   ? A HEM 200 ? 1_555 92.9  ? 
8  NA  A C HEM .   ? A HEM 200 ? 1_555 FE ? C HEM . ? A HEM 200 ? 1_555 ND  A C HEM .   ? A HEM 200 ? 1_555 90.4  ? 
9  NB  A C HEM .   ? A HEM 200 ? 1_555 FE ? C HEM . ? A HEM 200 ? 1_555 ND  A C HEM .   ? A HEM 200 ? 1_555 179.7 ? 
10 NC  A C HEM .   ? A HEM 200 ? 1_555 FE ? C HEM . ? A HEM 200 ? 1_555 ND  A C HEM .   ? A HEM 200 ? 1_555 91.4  ? 
11 NE2 ? A HIS 32  ? A HIS 32  ? 1_555 FE ? C HEM . ? A HEM 200 ? 1_555 OH  ? A TYR 75  ? A TYR 75  ? 1_555 179.4 ? 
12 NA  A C HEM .   ? A HEM 200 ? 1_555 FE ? C HEM . ? A HEM 200 ? 1_555 OH  ? A TYR 75  ? A TYR 75  ? 1_555 90.4  ? 
13 NB  A C HEM .   ? A HEM 200 ? 1_555 FE ? C HEM . ? A HEM 200 ? 1_555 OH  ? A TYR 75  ? A TYR 75  ? 1_555 93.3  ? 
14 NC  A C HEM .   ? A HEM 200 ? 1_555 FE ? C HEM . ? A HEM 200 ? 1_555 OH  ? A TYR 75  ? A TYR 75  ? 1_555 89.9  ? 
15 ND  A C HEM .   ? A HEM 200 ? 1_555 FE ? C HEM . ? A HEM 200 ? 1_555 OH  ? A TYR 75  ? A TYR 75  ? 1_555 87.0  ? 
16 OD1 ? A ASN 34  ? A ASN 34  ? 1_555 CA ? B CA  . ? A CA  199 ? 1_555 O   ? A GLY 159 ? A GLY 159 ? 3_455 171.6 ? 
17 OD1 ? A ASN 34  ? A ASN 34  ? 1_555 CA ? B CA  . ? A CA  199 ? 1_555 O1A B C HEM .   ? A HEM 200 ? 1_555 85.3  ? 
18 O   ? A GLY 159 ? A GLY 159 ? 3_455 CA ? B CA  . ? A CA  199 ? 1_555 O1A B C HEM .   ? A HEM 200 ? 1_555 102.1 ? 
19 OD1 ? A ASN 34  ? A ASN 34  ? 1_555 CA ? B CA  . ? A CA  199 ? 1_555 O2A B C HEM .   ? A HEM 200 ? 1_555 90.0  ? 
20 O   ? A GLY 159 ? A GLY 159 ? 3_455 CA ? B CA  . ? A CA  199 ? 1_555 O2A B C HEM .   ? A HEM 200 ? 1_555 91.9  ? 
21 O1A B C HEM .   ? A HEM 200 ? 1_555 CA ? B CA  . ? A CA  199 ? 1_555 O2A B C HEM .   ? A HEM 200 ? 1_555 48.9  ? 
22 OD1 ? A ASN 34  ? A ASN 34  ? 1_555 CA ? B CA  . ? A CA  199 ? 1_555 O1D A C HEM .   ? A HEM 200 ? 1_555 85.2  ? 
23 O   ? A GLY 159 ? A GLY 159 ? 3_455 CA ? B CA  . ? A CA  199 ? 1_555 O1D A C HEM .   ? A HEM 200 ? 1_555 102.2 ? 
24 O1A B C HEM .   ? A HEM 200 ? 1_555 CA ? B CA  . ? A CA  199 ? 1_555 O1D A C HEM .   ? A HEM 200 ? 1_555 0.2   ? 
25 O2A B C HEM .   ? A HEM 200 ? 1_555 CA ? B CA  . ? A CA  199 ? 1_555 O1D A C HEM .   ? A HEM 200 ? 1_555 49.0  ? 
26 OD1 ? A ASN 34  ? A ASN 34  ? 1_555 CA ? B CA  . ? A CA  199 ? 1_555 O2D A C HEM .   ? A HEM 200 ? 1_555 89.9  ? 
27 O   ? A GLY 159 ? A GLY 159 ? 3_455 CA ? B CA  . ? A CA  199 ? 1_555 O2D A C HEM .   ? A HEM 200 ? 1_555 92.0  ? 
28 O1A B C HEM .   ? A HEM 200 ? 1_555 CA ? B CA  . ? A CA  199 ? 1_555 O2D A C HEM .   ? A HEM 200 ? 1_555 48.8  ? 
29 O2A B C HEM .   ? A HEM 200 ? 1_555 CA ? B CA  . ? A CA  199 ? 1_555 O2D A C HEM .   ? A HEM 200 ? 1_555 0.1   ? 
30 O1D A C HEM .   ? A HEM 200 ? 1_555 CA ? B CA  . ? A CA  199 ? 1_555 O2D A C HEM .   ? A HEM 200 ? 1_555 48.9  ? 
31 OD1 ? A ASN 34  ? A ASN 34  ? 1_555 CA ? B CA  . ? A CA  199 ? 1_555 O   ? D HOH .   ? A HOH 406 ? 3_455 82.7  ? 
32 O   ? A GLY 159 ? A GLY 159 ? 3_455 CA ? B CA  . ? A CA  199 ? 1_555 O   ? D HOH .   ? A HOH 406 ? 3_455 89.7  ? 
33 O1A B C HEM .   ? A HEM 200 ? 1_555 CA ? B CA  . ? A CA  199 ? 1_555 O   ? D HOH .   ? A HOH 406 ? 3_455 126.7 ? 
34 O2A B C HEM .   ? A HEM 200 ? 1_555 CA ? B CA  . ? A CA  199 ? 1_555 O   ? D HOH .   ? A HOH 406 ? 3_455 79.3  ? 
35 O1D A C HEM .   ? A HEM 200 ? 1_555 CA ? B CA  . ? A CA  199 ? 1_555 O   ? D HOH .   ? A HOH 406 ? 3_455 126.8 ? 
36 O2D A C HEM .   ? A HEM 200 ? 1_555 CA ? B CA  . ? A CA  199 ? 1_555 O   ? D HOH .   ? A HOH 406 ? 3_455 79.4  ? 
37 OD1 ? A ASN 34  ? A ASN 34  ? 1_555 CA ? B CA  . ? A CA  199 ? 1_555 O   ? D HOH .   ? A HOH 407 ? 3_455 98.5  ? 
38 O   ? A GLY 159 ? A GLY 159 ? 3_455 CA ? B CA  . ? A CA  199 ? 1_555 O   ? D HOH .   ? A HOH 407 ? 3_455 87.2  ? 
39 O1A B C HEM .   ? A HEM 200 ? 1_555 CA ? B CA  . ? A CA  199 ? 1_555 O   ? D HOH .   ? A HOH 407 ? 3_455 76.9  ? 
40 O2A B C HEM .   ? A HEM 200 ? 1_555 CA ? B CA  . ? A CA  199 ? 1_555 O   ? D HOH .   ? A HOH 407 ? 3_455 124.3 ? 
41 O1D A C HEM .   ? A HEM 200 ? 1_555 CA ? B CA  . ? A CA  199 ? 1_555 O   ? D HOH .   ? A HOH 407 ? 3_455 76.8  ? 
42 O2D A C HEM .   ? A HEM 200 ? 1_555 CA ? B CA  . ? A CA  199 ? 1_555 O   ? D HOH .   ? A HOH 407 ? 3_455 124.2 ? 
43 O   ? D HOH .   ? A HOH 406 ? 3_455 CA ? B CA  . ? A CA  199 ? 1_555 O   ? D HOH .   ? A HOH 407 ? 3_455 156.3 ? 
44 OD1 ? A ASN 34  ? A ASN 34  ? 1_555 CA ? B CA  . ? A CA  199 ? 1_555 O   ? D HOH .   ? A HOH 408 ? 3_455 83.1  ? 
45 O   ? A GLY 159 ? A GLY 159 ? 3_455 CA ? B CA  . ? A CA  199 ? 1_555 O   ? D HOH .   ? A HOH 408 ? 3_455 92.1  ? 
46 O1A B C HEM .   ? A HEM 200 ? 1_555 CA ? B CA  . ? A CA  199 ? 1_555 O   ? D HOH .   ? A HOH 408 ? 3_455 150.0 ? 
47 O2A B C HEM .   ? A HEM 200 ? 1_555 CA ? B CA  . ? A CA  199 ? 1_555 O   ? D HOH .   ? A HOH 408 ? 3_455 158.0 ? 
48 O1D A C HEM .   ? A HEM 200 ? 1_555 CA ? B CA  . ? A CA  199 ? 1_555 O   ? D HOH .   ? A HOH 408 ? 3_455 149.8 ? 
49 O2D A C HEM .   ? A HEM 200 ? 1_555 CA ? B CA  . ? A CA  199 ? 1_555 O   ? D HOH .   ? A HOH 408 ? 3_455 158.0 ? 
50 O   ? D HOH .   ? A HOH 406 ? 3_455 CA ? B CA  . ? A CA  199 ? 1_555 O   ? D HOH .   ? A HOH 408 ? 3_455 79.1  ? 
51 O   ? D HOH .   ? A HOH 407 ? 3_455 CA ? B CA  . ? A CA  199 ? 1_555 O   ? D HOH .   ? A HOH 408 ? 3_455 77.5  ? 
# 
_struct_mon_prot_cis.pdbx_id                1 
_struct_mon_prot_cis.label_comp_id          GLU 
_struct_mon_prot_cis.label_seq_id           80 
_struct_mon_prot_cis.label_asym_id          A 
_struct_mon_prot_cis.label_alt_id           . 
_struct_mon_prot_cis.pdbx_PDB_ins_code      ? 
_struct_mon_prot_cis.auth_comp_id           GLU 
_struct_mon_prot_cis.auth_seq_id            80 
_struct_mon_prot_cis.auth_asym_id           A 
_struct_mon_prot_cis.pdbx_label_comp_id_2   PRO 
_struct_mon_prot_cis.pdbx_label_seq_id_2    81 
_struct_mon_prot_cis.pdbx_label_asym_id_2   A 
_struct_mon_prot_cis.pdbx_PDB_ins_code_2    ? 
_struct_mon_prot_cis.pdbx_auth_comp_id_2    PRO 
_struct_mon_prot_cis.pdbx_auth_seq_id_2     81 
_struct_mon_prot_cis.pdbx_auth_asym_id_2    A 
_struct_mon_prot_cis.pdbx_PDB_model_num     1 
_struct_mon_prot_cis.pdbx_omega_angle       -14.94 
# 
loop_
_struct_sheet.id 
_struct_sheet.type 
_struct_sheet.number_strands 
_struct_sheet.details 
A ? 6 ? 
B ? 2 ? 
# 
loop_
_struct_sheet_order.sheet_id 
_struct_sheet_order.range_id_1 
_struct_sheet_order.range_id_2 
_struct_sheet_order.offset 
_struct_sheet_order.sense 
A 2 3 ? anti-parallel 
A 3 4 ? anti-parallel 
A 4 5 ? anti-parallel 
A 5 6 ? anti-parallel 
# 
loop_
_struct_sheet_range.sheet_id 
_struct_sheet_range.id 
_struct_sheet_range.beg_label_comp_id 
_struct_sheet_range.beg_label_asym_id 
_struct_sheet_range.beg_label_seq_id 
_struct_sheet_range.pdbx_beg_PDB_ins_code 
_struct_sheet_range.end_label_comp_id 
_struct_sheet_range.end_label_asym_id 
_struct_sheet_range.end_label_seq_id 
_struct_sheet_range.pdbx_end_PDB_ins_code 
_struct_sheet_range.beg_auth_comp_id 
_struct_sheet_range.beg_auth_asym_id 
_struct_sheet_range.beg_auth_seq_id 
_struct_sheet_range.end_auth_comp_id 
_struct_sheet_range.end_auth_asym_id 
_struct_sheet_range.end_auth_seq_id 
A 1 SER A 4   ? TYR A 7   ? SER A 4   TYR A 7   
A 2 VAL A 110 ? GLY A 116 ? VAL A 110 GLY A 116 
A 3 LEU A 85  ? ASP A 96  ? LEU A 85  ASP A 96  
A 4 THR A 65  ? TYR A 75  ? THR A 65  TYR A 75  
A 5 GLN A 54  ? SER A 58  ? GLN A 54  SER A 58  
A 6 GLY A 44  ? TYR A 46  ? GLY A 44  TYR A 46  
B 1 GLY A 87  ? LEU A 89  ? GLY A 87  LEU A 89  
B 2 LEU A 120 ? SER A 122 ? LEU A 120 SER A 122 
# 
loop_
_pdbx_struct_sheet_hbond.sheet_id 
_pdbx_struct_sheet_hbond.range_id_1 
_pdbx_struct_sheet_hbond.range_id_2 
_pdbx_struct_sheet_hbond.range_1_label_atom_id 
_pdbx_struct_sheet_hbond.range_1_label_comp_id 
_pdbx_struct_sheet_hbond.range_1_label_asym_id 
_pdbx_struct_sheet_hbond.range_1_label_seq_id 
_pdbx_struct_sheet_hbond.range_1_PDB_ins_code 
_pdbx_struct_sheet_hbond.range_1_auth_atom_id 
_pdbx_struct_sheet_hbond.range_1_auth_comp_id 
_pdbx_struct_sheet_hbond.range_1_auth_asym_id 
_pdbx_struct_sheet_hbond.range_1_auth_seq_id 
_pdbx_struct_sheet_hbond.range_2_label_atom_id 
_pdbx_struct_sheet_hbond.range_2_label_comp_id 
_pdbx_struct_sheet_hbond.range_2_label_asym_id 
_pdbx_struct_sheet_hbond.range_2_label_seq_id 
_pdbx_struct_sheet_hbond.range_2_PDB_ins_code 
_pdbx_struct_sheet_hbond.range_2_auth_atom_id 
_pdbx_struct_sheet_hbond.range_2_auth_comp_id 
_pdbx_struct_sheet_hbond.range_2_auth_asym_id 
_pdbx_struct_sheet_hbond.range_2_auth_seq_id 
A 2 3 O VAL A 110 ? O VAL A 110 N ASP A 96 ? N ASP A 96 
A 3 4 O TYR A 86  ? O TYR A 86  N THR A 74 ? N THR A 74 
A 4 5 O PHE A 67  ? O PHE A 67  N ILE A 57 ? N ILE A 57 
A 5 6 O GLN A 54  ? O GLN A 54  N TYR A 46 ? N TYR A 46 
# 
loop_
_struct_site.id 
_struct_site.pdbx_evidence_code 
_struct_site.pdbx_auth_asym_id 
_struct_site.pdbx_auth_comp_id 
_struct_site.pdbx_auth_seq_id 
_struct_site.pdbx_auth_ins_code 
_struct_site.pdbx_num_residues 
_struct_site.details 
HEM Author   ? ?   ?   ? 2  'HEME LIGANDS'                       
AC1 Software A CA  199 ? 6  'BINDING SITE FOR RESIDUE CA A 199'  
AC2 Software A HEM 200 ? 19 'BINDING SITE FOR RESIDUE HEM A 200' 
# 
loop_
_struct_site_gen.id 
_struct_site_gen.site_id 
_struct_site_gen.pdbx_num_res 
_struct_site_gen.label_comp_id 
_struct_site_gen.label_asym_id 
_struct_site_gen.label_seq_id 
_struct_site_gen.pdbx_auth_ins_code 
_struct_site_gen.auth_comp_id 
_struct_site_gen.auth_asym_id 
_struct_site_gen.auth_seq_id 
_struct_site_gen.label_atom_id 
_struct_site_gen.label_alt_id 
_struct_site_gen.symmetry 
_struct_site_gen.details 
1  HEM 2  HIS A 32  ? HIS A 32  . ? 1_555 ? 
2  HEM 2  TYR A 75  ? TYR A 75  . ? 1_555 ? 
3  AC1 6  ASN A 34  ? ASN A 34  . ? 1_555 ? 
4  AC1 6  GLY A 159 ? GLY A 159 . ? 3_455 ? 
5  AC1 6  HEM C .   ? HEM A 200 . ? 1_555 ? 
6  AC1 6  HOH D .   ? HOH A 406 . ? 3_455 ? 
7  AC1 6  HOH D .   ? HOH A 407 . ? 3_455 ? 
8  AC1 6  HOH D .   ? HOH A 408 . ? 3_455 ? 
9  AC2 19 HIS A 32  ? HIS A 32  . ? 1_555 ? 
10 AC2 19 THR A 33  ? THR A 33  . ? 1_555 ? 
11 AC2 19 ASN A 34  ? ASN A 34  . ? 1_555 ? 
12 AC2 19 GLY A 35  ? GLY A 35  . ? 1_555 ? 
13 AC2 19 SER A 42  ? SER A 42  . ? 1_555 ? 
14 AC2 19 PHE A 45  ? PHE A 45  . ? 1_555 ? 
15 AC2 19 TYR A 55  ? TYR A 55  . ? 1_555 ? 
16 AC2 19 TYR A 75  ? TYR A 75  . ? 1_555 ? 
17 AC2 19 HIS A 83  ? HIS A 83  . ? 1_555 ? 
18 AC2 19 THR A 84  ? THR A 84  . ? 1_555 ? 
19 AC2 19 LEU A 85  ? LEU A 85  . ? 1_555 ? 
20 AC2 19 HIS A 133 ? HIS A 133 . ? 1_555 ? 
21 AC2 19 TYR A 137 ? TYR A 137 . ? 1_555 ? 
22 AC2 19 GLY A 159 ? GLY A 159 . ? 3_455 ? 
23 AC2 19 ALA A 171 ? ALA A 171 . ? 3_455 ? 
24 AC2 19 CA  B .   ? CA  A 199 . ? 1_555 ? 
25 AC2 19 HOH D .   ? HOH A 334 . ? 1_555 ? 
26 AC2 19 HOH D .   ? HOH A 337 . ? 1_555 ? 
27 AC2 19 HOH D .   ? HOH A 438 . ? 1_555 ? 
# 
_pdbx_validate_close_contact.id               1 
_pdbx_validate_close_contact.PDB_model_num    1 
_pdbx_validate_close_contact.auth_atom_id_1   O 
_pdbx_validate_close_contact.auth_asym_id_1   A 
_pdbx_validate_close_contact.auth_comp_id_1   HOH 
_pdbx_validate_close_contact.auth_seq_id_1    379 
_pdbx_validate_close_contact.PDB_ins_code_1   ? 
_pdbx_validate_close_contact.label_alt_id_1   ? 
_pdbx_validate_close_contact.auth_atom_id_2   O 
_pdbx_validate_close_contact.auth_asym_id_2   A 
_pdbx_validate_close_contact.auth_comp_id_2   HOH 
_pdbx_validate_close_contact.auth_seq_id_2    481 
_pdbx_validate_close_contact.PDB_ins_code_2   ? 
_pdbx_validate_close_contact.label_alt_id_2   ? 
_pdbx_validate_close_contact.dist             1.82 
# 
loop_
_pdbx_validate_rmsd_angle.id 
_pdbx_validate_rmsd_angle.PDB_model_num 
_pdbx_validate_rmsd_angle.auth_atom_id_1 
_pdbx_validate_rmsd_angle.auth_asym_id_1 
_pdbx_validate_rmsd_angle.auth_comp_id_1 
_pdbx_validate_rmsd_angle.auth_seq_id_1 
_pdbx_validate_rmsd_angle.PDB_ins_code_1 
_pdbx_validate_rmsd_angle.label_alt_id_1 
_pdbx_validate_rmsd_angle.auth_atom_id_2 
_pdbx_validate_rmsd_angle.auth_asym_id_2 
_pdbx_validate_rmsd_angle.auth_comp_id_2 
_pdbx_validate_rmsd_angle.auth_seq_id_2 
_pdbx_validate_rmsd_angle.PDB_ins_code_2 
_pdbx_validate_rmsd_angle.label_alt_id_2 
_pdbx_validate_rmsd_angle.auth_atom_id_3 
_pdbx_validate_rmsd_angle.auth_asym_id_3 
_pdbx_validate_rmsd_angle.auth_comp_id_3 
_pdbx_validate_rmsd_angle.auth_seq_id_3 
_pdbx_validate_rmsd_angle.PDB_ins_code_3 
_pdbx_validate_rmsd_angle.label_alt_id_3 
_pdbx_validate_rmsd_angle.angle_value 
_pdbx_validate_rmsd_angle.angle_target_value 
_pdbx_validate_rmsd_angle.angle_deviation 
_pdbx_validate_rmsd_angle.angle_standard_deviation 
_pdbx_validate_rmsd_angle.linker_flag 
1 1 CB A ASP 8  ? ? CG A ASP 8  ? ? OD2 A ASP 8  ? ? 112.82 118.30 -5.48 0.90 N 
2 1 CB A ASP 29 ? ? CG A ASP 29 ? ? OD1 A ASP 29 ? ? 125.50 118.30 7.20  0.90 N 
3 1 CB A ASP 29 ? ? CG A ASP 29 ? ? OD2 A ASP 29 ? ? 112.37 118.30 -5.93 0.90 N 
# 
loop_
_pdbx_validate_torsion.id 
_pdbx_validate_torsion.PDB_model_num 
_pdbx_validate_torsion.auth_comp_id 
_pdbx_validate_torsion.auth_asym_id 
_pdbx_validate_torsion.auth_seq_id 
_pdbx_validate_torsion.PDB_ins_code 
_pdbx_validate_torsion.label_alt_id 
_pdbx_validate_torsion.phi 
_pdbx_validate_torsion.psi 
1 1 GLN A 63  ? ? 68.02   -1.19   
2 1 LEU A 77  ? ? 51.21   -109.67 
3 1 ASP A 102 ? ? -119.36 -81.52  
# 
loop_
_pdbx_unobs_or_zero_occ_residues.id 
_pdbx_unobs_or_zero_occ_residues.PDB_model_num 
_pdbx_unobs_or_zero_occ_residues.polymer_flag 
_pdbx_unobs_or_zero_occ_residues.occupancy_flag 
_pdbx_unobs_or_zero_occ_residues.auth_asym_id 
_pdbx_unobs_or_zero_occ_residues.auth_comp_id 
_pdbx_unobs_or_zero_occ_residues.auth_seq_id 
_pdbx_unobs_or_zero_occ_residues.PDB_ins_code 
_pdbx_unobs_or_zero_occ_residues.label_asym_id 
_pdbx_unobs_or_zero_occ_residues.label_comp_id 
_pdbx_unobs_or_zero_occ_residues.label_seq_id 
1  1 Y 1 A MET 1   ? A MET 1   
2  1 Y 1 A VAL 175 ? A VAL 175 
3  1 Y 1 A GLY 176 ? A GLY 176 
4  1 Y 1 A VAL 177 ? A VAL 177 
5  1 Y 1 A GLN 178 ? A GLN 178 
6  1 Y 1 A HIS 179 ? A HIS 179 
7  1 Y 1 A ALA 180 ? A ALA 180 
8  1 Y 1 A ASP 181 ? A ASP 181 
9  1 Y 1 A SER 182 ? A SER 182 
10 1 Y 1 A PRO 183 ? A PRO 183 
11 1 Y 1 A GLU 184 ? A GLU 184 
12 1 Y 1 A LEU 185 ? A LEU 185 
13 1 Y 1 A LEU 186 ? A LEU 186 
14 1 Y 1 A ALA 187 ? A ALA 187 
15 1 Y 1 A ALA 188 ? A ALA 188 
# 
loop_
_chem_comp_atom.comp_id 
_chem_comp_atom.atom_id 
_chem_comp_atom.type_symbol 
_chem_comp_atom.pdbx_aromatic_flag 
_chem_comp_atom.pdbx_stereo_config 
_chem_comp_atom.pdbx_ordinal 
ALA N    N  N N 1   
ALA CA   C  N S 2   
ALA C    C  N N 3   
ALA O    O  N N 4   
ALA CB   C  N N 5   
ALA OXT  O  N N 6   
ALA H    H  N N 7   
ALA H2   H  N N 8   
ALA HA   H  N N 9   
ALA HB1  H  N N 10  
ALA HB2  H  N N 11  
ALA HB3  H  N N 12  
ALA HXT  H  N N 13  
ASN N    N  N N 14  
ASN CA   C  N S 15  
ASN C    C  N N 16  
ASN O    O  N N 17  
ASN CB   C  N N 18  
ASN CG   C  N N 19  
ASN OD1  O  N N 20  
ASN ND2  N  N N 21  
ASN OXT  O  N N 22  
ASN H    H  N N 23  
ASN H2   H  N N 24  
ASN HA   H  N N 25  
ASN HB2  H  N N 26  
ASN HB3  H  N N 27  
ASN HD21 H  N N 28  
ASN HD22 H  N N 29  
ASN HXT  H  N N 30  
ASP N    N  N N 31  
ASP CA   C  N S 32  
ASP C    C  N N 33  
ASP O    O  N N 34  
ASP CB   C  N N 35  
ASP CG   C  N N 36  
ASP OD1  O  N N 37  
ASP OD2  O  N N 38  
ASP OXT  O  N N 39  
ASP H    H  N N 40  
ASP H2   H  N N 41  
ASP HA   H  N N 42  
ASP HB2  H  N N 43  
ASP HB3  H  N N 44  
ASP HD2  H  N N 45  
ASP HXT  H  N N 46  
CA  CA   CA N N 47  
GLN N    N  N N 48  
GLN CA   C  N S 49  
GLN C    C  N N 50  
GLN O    O  N N 51  
GLN CB   C  N N 52  
GLN CG   C  N N 53  
GLN CD   C  N N 54  
GLN OE1  O  N N 55  
GLN NE2  N  N N 56  
GLN OXT  O  N N 57  
GLN H    H  N N 58  
GLN H2   H  N N 59  
GLN HA   H  N N 60  
GLN HB2  H  N N 61  
GLN HB3  H  N N 62  
GLN HG2  H  N N 63  
GLN HG3  H  N N 64  
GLN HE21 H  N N 65  
GLN HE22 H  N N 66  
GLN HXT  H  N N 67  
GLU N    N  N N 68  
GLU CA   C  N S 69  
GLU C    C  N N 70  
GLU O    O  N N 71  
GLU CB   C  N N 72  
GLU CG   C  N N 73  
GLU CD   C  N N 74  
GLU OE1  O  N N 75  
GLU OE2  O  N N 76  
GLU OXT  O  N N 77  
GLU H    H  N N 78  
GLU H2   H  N N 79  
GLU HA   H  N N 80  
GLU HB2  H  N N 81  
GLU HB3  H  N N 82  
GLU HG2  H  N N 83  
GLU HG3  H  N N 84  
GLU HE2  H  N N 85  
GLU HXT  H  N N 86  
GLY N    N  N N 87  
GLY CA   C  N N 88  
GLY C    C  N N 89  
GLY O    O  N N 90  
GLY OXT  O  N N 91  
GLY H    H  N N 92  
GLY H2   H  N N 93  
GLY HA2  H  N N 94  
GLY HA3  H  N N 95  
GLY HXT  H  N N 96  
HEM CHA  C  N N 97  
HEM CHB  C  N N 98  
HEM CHC  C  N N 99  
HEM CHD  C  N N 100 
HEM C1A  C  Y N 101 
HEM C2A  C  Y N 102 
HEM C3A  C  Y N 103 
HEM C4A  C  Y N 104 
HEM CMA  C  N N 105 
HEM CAA  C  N N 106 
HEM CBA  C  N N 107 
HEM CGA  C  N N 108 
HEM O1A  O  N N 109 
HEM O2A  O  N N 110 
HEM C1B  C  N N 111 
HEM C2B  C  N N 112 
HEM C3B  C  N N 113 
HEM C4B  C  N N 114 
HEM CMB  C  N N 115 
HEM CAB  C  N N 116 
HEM CBB  C  N N 117 
HEM C1C  C  Y N 118 
HEM C2C  C  Y N 119 
HEM C3C  C  Y N 120 
HEM C4C  C  Y N 121 
HEM CMC  C  N N 122 
HEM CAC  C  N N 123 
HEM CBC  C  N N 124 
HEM C1D  C  N N 125 
HEM C2D  C  N N 126 
HEM C3D  C  N N 127 
HEM C4D  C  N N 128 
HEM CMD  C  N N 129 
HEM CAD  C  N N 130 
HEM CBD  C  N N 131 
HEM CGD  C  N N 132 
HEM O1D  O  N N 133 
HEM O2D  O  N N 134 
HEM NA   N  Y N 135 
HEM NB   N  N N 136 
HEM NC   N  Y N 137 
HEM ND   N  N N 138 
HEM FE   FE N N 139 
HEM HHB  H  N N 140 
HEM HHC  H  N N 141 
HEM HHD  H  N N 142 
HEM HMA  H  N N 143 
HEM HMAA H  N N 144 
HEM HMAB H  N N 145 
HEM HAA  H  N N 146 
HEM HAAA H  N N 147 
HEM HBA  H  N N 148 
HEM HBAA H  N N 149 
HEM HMB  H  N N 150 
HEM HMBA H  N N 151 
HEM HMBB H  N N 152 
HEM HAB  H  N N 153 
HEM HBB  H  N N 154 
HEM HBBA H  N N 155 
HEM HMC  H  N N 156 
HEM HMCA H  N N 157 
HEM HMCB H  N N 158 
HEM HAC  H  N N 159 
HEM HBC  H  N N 160 
HEM HBCA H  N N 161 
HEM HMD  H  N N 162 
HEM HMDA H  N N 163 
HEM HMDB H  N N 164 
HEM HAD  H  N N 165 
HEM HADA H  N N 166 
HEM HBD  H  N N 167 
HEM HBDA H  N N 168 
HEM H2A  H  N N 169 
HEM H2D  H  N N 170 
HEM HHA  H  N N 171 
HIS N    N  N N 172 
HIS CA   C  N S 173 
HIS C    C  N N 174 
HIS O    O  N N 175 
HIS CB   C  N N 176 
HIS CG   C  Y N 177 
HIS ND1  N  Y N 178 
HIS CD2  C  Y N 179 
HIS CE1  C  Y N 180 
HIS NE2  N  Y N 181 
HIS OXT  O  N N 182 
HIS H    H  N N 183 
HIS H2   H  N N 184 
HIS HA   H  N N 185 
HIS HB2  H  N N 186 
HIS HB3  H  N N 187 
HIS HD1  H  N N 188 
HIS HD2  H  N N 189 
HIS HE1  H  N N 190 
HIS HE2  H  N N 191 
HIS HXT  H  N N 192 
HOH O    O  N N 193 
HOH H1   H  N N 194 
HOH H2   H  N N 195 
ILE N    N  N N 196 
ILE CA   C  N S 197 
ILE C    C  N N 198 
ILE O    O  N N 199 
ILE CB   C  N S 200 
ILE CG1  C  N N 201 
ILE CG2  C  N N 202 
ILE CD1  C  N N 203 
ILE OXT  O  N N 204 
ILE H    H  N N 205 
ILE H2   H  N N 206 
ILE HA   H  N N 207 
ILE HB   H  N N 208 
ILE HG12 H  N N 209 
ILE HG13 H  N N 210 
ILE HG21 H  N N 211 
ILE HG22 H  N N 212 
ILE HG23 H  N N 213 
ILE HD11 H  N N 214 
ILE HD12 H  N N 215 
ILE HD13 H  N N 216 
ILE HXT  H  N N 217 
LEU N    N  N N 218 
LEU CA   C  N S 219 
LEU C    C  N N 220 
LEU O    O  N N 221 
LEU CB   C  N N 222 
LEU CG   C  N N 223 
LEU CD1  C  N N 224 
LEU CD2  C  N N 225 
LEU OXT  O  N N 226 
LEU H    H  N N 227 
LEU H2   H  N N 228 
LEU HA   H  N N 229 
LEU HB2  H  N N 230 
LEU HB3  H  N N 231 
LEU HG   H  N N 232 
LEU HD11 H  N N 233 
LEU HD12 H  N N 234 
LEU HD13 H  N N 235 
LEU HD21 H  N N 236 
LEU HD22 H  N N 237 
LEU HD23 H  N N 238 
LEU HXT  H  N N 239 
MET N    N  N N 240 
MET CA   C  N S 241 
MET C    C  N N 242 
MET O    O  N N 243 
MET CB   C  N N 244 
MET CG   C  N N 245 
MET SD   S  N N 246 
MET CE   C  N N 247 
MET OXT  O  N N 248 
MET H    H  N N 249 
MET H2   H  N N 250 
MET HA   H  N N 251 
MET HB2  H  N N 252 
MET HB3  H  N N 253 
MET HG2  H  N N 254 
MET HG3  H  N N 255 
MET HE1  H  N N 256 
MET HE2  H  N N 257 
MET HE3  H  N N 258 
MET HXT  H  N N 259 
PHE N    N  N N 260 
PHE CA   C  N S 261 
PHE C    C  N N 262 
PHE O    O  N N 263 
PHE CB   C  N N 264 
PHE CG   C  Y N 265 
PHE CD1  C  Y N 266 
PHE CD2  C  Y N 267 
PHE CE1  C  Y N 268 
PHE CE2  C  Y N 269 
PHE CZ   C  Y N 270 
PHE OXT  O  N N 271 
PHE H    H  N N 272 
PHE H2   H  N N 273 
PHE HA   H  N N 274 
PHE HB2  H  N N 275 
PHE HB3  H  N N 276 
PHE HD1  H  N N 277 
PHE HD2  H  N N 278 
PHE HE1  H  N N 279 
PHE HE2  H  N N 280 
PHE HZ   H  N N 281 
PHE HXT  H  N N 282 
PRO N    N  N N 283 
PRO CA   C  N S 284 
PRO C    C  N N 285 
PRO O    O  N N 286 
PRO CB   C  N N 287 
PRO CG   C  N N 288 
PRO CD   C  N N 289 
PRO OXT  O  N N 290 
PRO H    H  N N 291 
PRO HA   H  N N 292 
PRO HB2  H  N N 293 
PRO HB3  H  N N 294 
PRO HG2  H  N N 295 
PRO HG3  H  N N 296 
PRO HD2  H  N N 297 
PRO HD3  H  N N 298 
PRO HXT  H  N N 299 
SER N    N  N N 300 
SER CA   C  N S 301 
SER C    C  N N 302 
SER O    O  N N 303 
SER CB   C  N N 304 
SER OG   O  N N 305 
SER OXT  O  N N 306 
SER H    H  N N 307 
SER H2   H  N N 308 
SER HA   H  N N 309 
SER HB2  H  N N 310 
SER HB3  H  N N 311 
SER HG   H  N N 312 
SER HXT  H  N N 313 
THR N    N  N N 314 
THR CA   C  N S 315 
THR C    C  N N 316 
THR O    O  N N 317 
THR CB   C  N R 318 
THR OG1  O  N N 319 
THR CG2  C  N N 320 
THR OXT  O  N N 321 
THR H    H  N N 322 
THR H2   H  N N 323 
THR HA   H  N N 324 
THR HB   H  N N 325 
THR HG1  H  N N 326 
THR HG21 H  N N 327 
THR HG22 H  N N 328 
THR HG23 H  N N 329 
THR HXT  H  N N 330 
TRP N    N  N N 331 
TRP CA   C  N S 332 
TRP C    C  N N 333 
TRP O    O  N N 334 
TRP CB   C  N N 335 
TRP CG   C  Y N 336 
TRP CD1  C  Y N 337 
TRP CD2  C  Y N 338 
TRP NE1  N  Y N 339 
TRP CE2  C  Y N 340 
TRP CE3  C  Y N 341 
TRP CZ2  C  Y N 342 
TRP CZ3  C  Y N 343 
TRP CH2  C  Y N 344 
TRP OXT  O  N N 345 
TRP H    H  N N 346 
TRP H2   H  N N 347 
TRP HA   H  N N 348 
TRP HB2  H  N N 349 
TRP HB3  H  N N 350 
TRP HD1  H  N N 351 
TRP HE1  H  N N 352 
TRP HE3  H  N N 353 
TRP HZ2  H  N N 354 
TRP HZ3  H  N N 355 
TRP HH2  H  N N 356 
TRP HXT  H  N N 357 
TYR N    N  N N 358 
TYR CA   C  N S 359 
TYR C    C  N N 360 
TYR O    O  N N 361 
TYR CB   C  N N 362 
TYR CG   C  Y N 363 
TYR CD1  C  Y N 364 
TYR CD2  C  Y N 365 
TYR CE1  C  Y N 366 
TYR CE2  C  Y N 367 
TYR CZ   C  Y N 368 
TYR OH   O  N N 369 
TYR OXT  O  N N 370 
TYR H    H  N N 371 
TYR H2   H  N N 372 
TYR HA   H  N N 373 
TYR HB2  H  N N 374 
TYR HB3  H  N N 375 
TYR HD1  H  N N 376 
TYR HD2  H  N N 377 
TYR HE1  H  N N 378 
TYR HE2  H  N N 379 
TYR HH   H  N N 380 
TYR HXT  H  N N 381 
VAL N    N  N N 382 
VAL CA   C  N S 383 
VAL C    C  N N 384 
VAL O    O  N N 385 
VAL CB   C  N N 386 
VAL CG1  C  N N 387 
VAL CG2  C  N N 388 
VAL OXT  O  N N 389 
VAL H    H  N N 390 
VAL H2   H  N N 391 
VAL HA   H  N N 392 
VAL HB   H  N N 393 
VAL HG11 H  N N 394 
VAL HG12 H  N N 395 
VAL HG13 H  N N 396 
VAL HG21 H  N N 397 
VAL HG22 H  N N 398 
VAL HG23 H  N N 399 
VAL HXT  H  N N 400 
# 
loop_
_chem_comp_bond.comp_id 
_chem_comp_bond.atom_id_1 
_chem_comp_bond.atom_id_2 
_chem_comp_bond.value_order 
_chem_comp_bond.pdbx_aromatic_flag 
_chem_comp_bond.pdbx_stereo_config 
_chem_comp_bond.pdbx_ordinal 
ALA N   CA   sing N N 1   
ALA N   H    sing N N 2   
ALA N   H2   sing N N 3   
ALA CA  C    sing N N 4   
ALA CA  CB   sing N N 5   
ALA CA  HA   sing N N 6   
ALA C   O    doub N N 7   
ALA C   OXT  sing N N 8   
ALA CB  HB1  sing N N 9   
ALA CB  HB2  sing N N 10  
ALA CB  HB3  sing N N 11  
ALA OXT HXT  sing N N 12  
ASN N   CA   sing N N 13  
ASN N   H    sing N N 14  
ASN N   H2   sing N N 15  
ASN CA  C    sing N N 16  
ASN CA  CB   sing N N 17  
ASN CA  HA   sing N N 18  
ASN C   O    doub N N 19  
ASN C   OXT  sing N N 20  
ASN CB  CG   sing N N 21  
ASN CB  HB2  sing N N 22  
ASN CB  HB3  sing N N 23  
ASN CG  OD1  doub N N 24  
ASN CG  ND2  sing N N 25  
ASN ND2 HD21 sing N N 26  
ASN ND2 HD22 sing N N 27  
ASN OXT HXT  sing N N 28  
ASP N   CA   sing N N 29  
ASP N   H    sing N N 30  
ASP N   H2   sing N N 31  
ASP CA  C    sing N N 32  
ASP CA  CB   sing N N 33  
ASP CA  HA   sing N N 34  
ASP C   O    doub N N 35  
ASP C   OXT  sing N N 36  
ASP CB  CG   sing N N 37  
ASP CB  HB2  sing N N 38  
ASP CB  HB3  sing N N 39  
ASP CG  OD1  doub N N 40  
ASP CG  OD2  sing N N 41  
ASP OD2 HD2  sing N N 42  
ASP OXT HXT  sing N N 43  
GLN N   CA   sing N N 44  
GLN N   H    sing N N 45  
GLN N   H2   sing N N 46  
GLN CA  C    sing N N 47  
GLN CA  CB   sing N N 48  
GLN CA  HA   sing N N 49  
GLN C   O    doub N N 50  
GLN C   OXT  sing N N 51  
GLN CB  CG   sing N N 52  
GLN CB  HB2  sing N N 53  
GLN CB  HB3  sing N N 54  
GLN CG  CD   sing N N 55  
GLN CG  HG2  sing N N 56  
GLN CG  HG3  sing N N 57  
GLN CD  OE1  doub N N 58  
GLN CD  NE2  sing N N 59  
GLN NE2 HE21 sing N N 60  
GLN NE2 HE22 sing N N 61  
GLN OXT HXT  sing N N 62  
GLU N   CA   sing N N 63  
GLU N   H    sing N N 64  
GLU N   H2   sing N N 65  
GLU CA  C    sing N N 66  
GLU CA  CB   sing N N 67  
GLU CA  HA   sing N N 68  
GLU C   O    doub N N 69  
GLU C   OXT  sing N N 70  
GLU CB  CG   sing N N 71  
GLU CB  HB2  sing N N 72  
GLU CB  HB3  sing N N 73  
GLU CG  CD   sing N N 74  
GLU CG  HG2  sing N N 75  
GLU CG  HG3  sing N N 76  
GLU CD  OE1  doub N N 77  
GLU CD  OE2  sing N N 78  
GLU OE2 HE2  sing N N 79  
GLU OXT HXT  sing N N 80  
GLY N   CA   sing N N 81  
GLY N   H    sing N N 82  
GLY N   H2   sing N N 83  
GLY CA  C    sing N N 84  
GLY CA  HA2  sing N N 85  
GLY CA  HA3  sing N N 86  
GLY C   O    doub N N 87  
GLY C   OXT  sing N N 88  
GLY OXT HXT  sing N N 89  
HEM CHA C1A  sing N N 90  
HEM CHA C4D  doub N N 91  
HEM CHA HHA  sing N N 92  
HEM CHB C4A  sing N N 93  
HEM CHB C1B  doub N N 94  
HEM CHB HHB  sing N N 95  
HEM CHC C4B  sing N N 96  
HEM CHC C1C  doub N N 97  
HEM CHC HHC  sing N N 98  
HEM CHD C4C  doub N N 99  
HEM CHD C1D  sing N N 100 
HEM CHD HHD  sing N N 101 
HEM C1A C2A  doub Y N 102 
HEM C1A NA   sing Y N 103 
HEM C2A C3A  sing Y N 104 
HEM C2A CAA  sing N N 105 
HEM C3A C4A  doub Y N 106 
HEM C3A CMA  sing N N 107 
HEM C4A NA   sing Y N 108 
HEM CMA HMA  sing N N 109 
HEM CMA HMAA sing N N 110 
HEM CMA HMAB sing N N 111 
HEM CAA CBA  sing N N 112 
HEM CAA HAA  sing N N 113 
HEM CAA HAAA sing N N 114 
HEM CBA CGA  sing N N 115 
HEM CBA HBA  sing N N 116 
HEM CBA HBAA sing N N 117 
HEM CGA O1A  doub N N 118 
HEM CGA O2A  sing N N 119 
HEM C1B C2B  sing N N 120 
HEM C1B NB   sing N N 121 
HEM C2B C3B  doub N N 122 
HEM C2B CMB  sing N N 123 
HEM C3B C4B  sing N N 124 
HEM C3B CAB  sing N N 125 
HEM C4B NB   doub N N 126 
HEM CMB HMB  sing N N 127 
HEM CMB HMBA sing N N 128 
HEM CMB HMBB sing N N 129 
HEM CAB CBB  doub N N 130 
HEM CAB HAB  sing N N 131 
HEM CBB HBB  sing N N 132 
HEM CBB HBBA sing N N 133 
HEM C1C C2C  sing Y N 134 
HEM C1C NC   sing Y N 135 
HEM C2C C3C  doub Y N 136 
HEM C2C CMC  sing N N 137 
HEM C3C C4C  sing Y N 138 
HEM C3C CAC  sing N N 139 
HEM C4C NC   sing Y N 140 
HEM CMC HMC  sing N N 141 
HEM CMC HMCA sing N N 142 
HEM CMC HMCB sing N N 143 
HEM CAC CBC  doub N N 144 
HEM CAC HAC  sing N N 145 
HEM CBC HBC  sing N N 146 
HEM CBC HBCA sing N N 147 
HEM C1D C2D  sing N N 148 
HEM C1D ND   doub N N 149 
HEM C2D C3D  doub N N 150 
HEM C2D CMD  sing N N 151 
HEM C3D C4D  sing N N 152 
HEM C3D CAD  sing N N 153 
HEM C4D ND   sing N N 154 
HEM CMD HMD  sing N N 155 
HEM CMD HMDA sing N N 156 
HEM CMD HMDB sing N N 157 
HEM CAD CBD  sing N N 158 
HEM CAD HAD  sing N N 159 
HEM CAD HADA sing N N 160 
HEM CBD CGD  sing N N 161 
HEM CBD HBD  sing N N 162 
HEM CBD HBDA sing N N 163 
HEM CGD O1D  doub N N 164 
HEM CGD O2D  sing N N 165 
HEM O2A H2A  sing N N 166 
HEM O2D H2D  sing N N 167 
HEM FE  NA   sing N N 168 
HEM FE  NB   sing N N 169 
HEM FE  NC   sing N N 170 
HEM FE  ND   sing N N 171 
HIS N   CA   sing N N 172 
HIS N   H    sing N N 173 
HIS N   H2   sing N N 174 
HIS CA  C    sing N N 175 
HIS CA  CB   sing N N 176 
HIS CA  HA   sing N N 177 
HIS C   O    doub N N 178 
HIS C   OXT  sing N N 179 
HIS CB  CG   sing N N 180 
HIS CB  HB2  sing N N 181 
HIS CB  HB3  sing N N 182 
HIS CG  ND1  sing Y N 183 
HIS CG  CD2  doub Y N 184 
HIS ND1 CE1  doub Y N 185 
HIS ND1 HD1  sing N N 186 
HIS CD2 NE2  sing Y N 187 
HIS CD2 HD2  sing N N 188 
HIS CE1 NE2  sing Y N 189 
HIS CE1 HE1  sing N N 190 
HIS NE2 HE2  sing N N 191 
HIS OXT HXT  sing N N 192 
HOH O   H1   sing N N 193 
HOH O   H2   sing N N 194 
ILE N   CA   sing N N 195 
ILE N   H    sing N N 196 
ILE N   H2   sing N N 197 
ILE CA  C    sing N N 198 
ILE CA  CB   sing N N 199 
ILE CA  HA   sing N N 200 
ILE C   O    doub N N 201 
ILE C   OXT  sing N N 202 
ILE CB  CG1  sing N N 203 
ILE CB  CG2  sing N N 204 
ILE CB  HB   sing N N 205 
ILE CG1 CD1  sing N N 206 
ILE CG1 HG12 sing N N 207 
ILE CG1 HG13 sing N N 208 
ILE CG2 HG21 sing N N 209 
ILE CG2 HG22 sing N N 210 
ILE CG2 HG23 sing N N 211 
ILE CD1 HD11 sing N N 212 
ILE CD1 HD12 sing N N 213 
ILE CD1 HD13 sing N N 214 
ILE OXT HXT  sing N N 215 
LEU N   CA   sing N N 216 
LEU N   H    sing N N 217 
LEU N   H2   sing N N 218 
LEU CA  C    sing N N 219 
LEU CA  CB   sing N N 220 
LEU CA  HA   sing N N 221 
LEU C   O    doub N N 222 
LEU C   OXT  sing N N 223 
LEU CB  CG   sing N N 224 
LEU CB  HB2  sing N N 225 
LEU CB  HB3  sing N N 226 
LEU CG  CD1  sing N N 227 
LEU CG  CD2  sing N N 228 
LEU CG  HG   sing N N 229 
LEU CD1 HD11 sing N N 230 
LEU CD1 HD12 sing N N 231 
LEU CD1 HD13 sing N N 232 
LEU CD2 HD21 sing N N 233 
LEU CD2 HD22 sing N N 234 
LEU CD2 HD23 sing N N 235 
LEU OXT HXT  sing N N 236 
MET N   CA   sing N N 237 
MET N   H    sing N N 238 
MET N   H2   sing N N 239 
MET CA  C    sing N N 240 
MET CA  CB   sing N N 241 
MET CA  HA   sing N N 242 
MET C   O    doub N N 243 
MET C   OXT  sing N N 244 
MET CB  CG   sing N N 245 
MET CB  HB2  sing N N 246 
MET CB  HB3  sing N N 247 
MET CG  SD   sing N N 248 
MET CG  HG2  sing N N 249 
MET CG  HG3  sing N N 250 
MET SD  CE   sing N N 251 
MET CE  HE1  sing N N 252 
MET CE  HE2  sing N N 253 
MET CE  HE3  sing N N 254 
MET OXT HXT  sing N N 255 
PHE N   CA   sing N N 256 
PHE N   H    sing N N 257 
PHE N   H2   sing N N 258 
PHE CA  C    sing N N 259 
PHE CA  CB   sing N N 260 
PHE CA  HA   sing N N 261 
PHE C   O    doub N N 262 
PHE C   OXT  sing N N 263 
PHE CB  CG   sing N N 264 
PHE CB  HB2  sing N N 265 
PHE CB  HB3  sing N N 266 
PHE CG  CD1  doub Y N 267 
PHE CG  CD2  sing Y N 268 
PHE CD1 CE1  sing Y N 269 
PHE CD1 HD1  sing N N 270 
PHE CD2 CE2  doub Y N 271 
PHE CD2 HD2  sing N N 272 
PHE CE1 CZ   doub Y N 273 
PHE CE1 HE1  sing N N 274 
PHE CE2 CZ   sing Y N 275 
PHE CE2 HE2  sing N N 276 
PHE CZ  HZ   sing N N 277 
PHE OXT HXT  sing N N 278 
PRO N   CA   sing N N 279 
PRO N   CD   sing N N 280 
PRO N   H    sing N N 281 
PRO CA  C    sing N N 282 
PRO CA  CB   sing N N 283 
PRO CA  HA   sing N N 284 
PRO C   O    doub N N 285 
PRO C   OXT  sing N N 286 
PRO CB  CG   sing N N 287 
PRO CB  HB2  sing N N 288 
PRO CB  HB3  sing N N 289 
PRO CG  CD   sing N N 290 
PRO CG  HG2  sing N N 291 
PRO CG  HG3  sing N N 292 
PRO CD  HD2  sing N N 293 
PRO CD  HD3  sing N N 294 
PRO OXT HXT  sing N N 295 
SER N   CA   sing N N 296 
SER N   H    sing N N 297 
SER N   H2   sing N N 298 
SER CA  C    sing N N 299 
SER CA  CB   sing N N 300 
SER CA  HA   sing N N 301 
SER C   O    doub N N 302 
SER C   OXT  sing N N 303 
SER CB  OG   sing N N 304 
SER CB  HB2  sing N N 305 
SER CB  HB3  sing N N 306 
SER OG  HG   sing N N 307 
SER OXT HXT  sing N N 308 
THR N   CA   sing N N 309 
THR N   H    sing N N 310 
THR N   H2   sing N N 311 
THR CA  C    sing N N 312 
THR CA  CB   sing N N 313 
THR CA  HA   sing N N 314 
THR C   O    doub N N 315 
THR C   OXT  sing N N 316 
THR CB  OG1  sing N N 317 
THR CB  CG2  sing N N 318 
THR CB  HB   sing N N 319 
THR OG1 HG1  sing N N 320 
THR CG2 HG21 sing N N 321 
THR CG2 HG22 sing N N 322 
THR CG2 HG23 sing N N 323 
THR OXT HXT  sing N N 324 
TRP N   CA   sing N N 325 
TRP N   H    sing N N 326 
TRP N   H2   sing N N 327 
TRP CA  C    sing N N 328 
TRP CA  CB   sing N N 329 
TRP CA  HA   sing N N 330 
TRP C   O    doub N N 331 
TRP C   OXT  sing N N 332 
TRP CB  CG   sing N N 333 
TRP CB  HB2  sing N N 334 
TRP CB  HB3  sing N N 335 
TRP CG  CD1  doub Y N 336 
TRP CG  CD2  sing Y N 337 
TRP CD1 NE1  sing Y N 338 
TRP CD1 HD1  sing N N 339 
TRP CD2 CE2  doub Y N 340 
TRP CD2 CE3  sing Y N 341 
TRP NE1 CE2  sing Y N 342 
TRP NE1 HE1  sing N N 343 
TRP CE2 CZ2  sing Y N 344 
TRP CE3 CZ3  doub Y N 345 
TRP CE3 HE3  sing N N 346 
TRP CZ2 CH2  doub Y N 347 
TRP CZ2 HZ2  sing N N 348 
TRP CZ3 CH2  sing Y N 349 
TRP CZ3 HZ3  sing N N 350 
TRP CH2 HH2  sing N N 351 
TRP OXT HXT  sing N N 352 
TYR N   CA   sing N N 353 
TYR N   H    sing N N 354 
TYR N   H2   sing N N 355 
TYR CA  C    sing N N 356 
TYR CA  CB   sing N N 357 
TYR CA  HA   sing N N 358 
TYR C   O    doub N N 359 
TYR C   OXT  sing N N 360 
TYR CB  CG   sing N N 361 
TYR CB  HB2  sing N N 362 
TYR CB  HB3  sing N N 363 
TYR CG  CD1  doub Y N 364 
TYR CG  CD2  sing Y N 365 
TYR CD1 CE1  sing Y N 366 
TYR CD1 HD1  sing N N 367 
TYR CD2 CE2  doub Y N 368 
TYR CD2 HD2  sing N N 369 
TYR CE1 CZ   doub Y N 370 
TYR CE1 HE1  sing N N 371 
TYR CE2 CZ   sing Y N 372 
TYR CE2 HE2  sing N N 373 
TYR CZ  OH   sing N N 374 
TYR OH  HH   sing N N 375 
TYR OXT HXT  sing N N 376 
VAL N   CA   sing N N 377 
VAL N   H    sing N N 378 
VAL N   H2   sing N N 379 
VAL CA  C    sing N N 380 
VAL CA  CB   sing N N 381 
VAL CA  HA   sing N N 382 
VAL C   O    doub N N 383 
VAL C   OXT  sing N N 384 
VAL CB  CG1  sing N N 385 
VAL CB  CG2  sing N N 386 
VAL CB  HB   sing N N 387 
VAL CG1 HG11 sing N N 388 
VAL CG1 HG12 sing N N 389 
VAL CG1 HG13 sing N N 390 
VAL CG2 HG21 sing N N 391 
VAL CG2 HG22 sing N N 392 
VAL CG2 HG23 sing N N 393 
VAL OXT HXT  sing N N 394 
# 
_atom_sites.entry_id                    1B2V 
_atom_sites.fract_transf_matrix[1][1]   -0.00120673 
_atom_sites.fract_transf_matrix[1][2]   -0.01871577 
_atom_sites.fract_transf_matrix[1][3]   0.01506651 
_atom_sites.fract_transf_matrix[2][1]   -0.00839189 
_atom_sites.fract_transf_matrix[2][2]   -0.00538836 
_atom_sites.fract_transf_matrix[2][3]   -0.00736561 
_atom_sites.fract_transf_matrix[3][1]   0.01156477 
_atom_sites.fract_transf_matrix[3][2]   -0.00794527 
_atom_sites.fract_transf_matrix[3][3]   -0.00736373 
_atom_sites.fract_transf_vector[1]      0.408408 
_atom_sites.fract_transf_vector[2]      -0.002864 
_atom_sites.fract_transf_vector[3]      0.233952 
# 
loop_
_atom_type.symbol 
C  
CA 
FE 
N  
O  
S  
# 
loop_
_atom_site.group_PDB 
_atom_site.id 
_atom_site.type_symbol 
_atom_site.label_atom_id 
_atom_site.label_alt_id 
_atom_site.label_comp_id 
_atom_site.label_asym_id 
_atom_site.label_entity_id 
_atom_site.label_seq_id 
_atom_site.pdbx_PDB_ins_code 
_atom_site.Cartn_x 
_atom_site.Cartn_y 
_atom_site.Cartn_z 
_atom_site.occupancy 
_atom_site.B_iso_or_equiv 
_atom_site.pdbx_formal_charge 
_atom_site.auth_seq_id 
_atom_site.auth_comp_id 
_atom_site.auth_asym_id 
_atom_site.auth_atom_id 
_atom_site.pdbx_PDB_model_num 
ATOM   1    N  N   . ALA A 1 2   ? -1.954  0.309   17.346  1.00 35.93 ? 2   ALA A N   1 
ATOM   2    C  CA  . ALA A 1 2   ? -1.472  -1.100  17.308  1.00 31.38 ? 2   ALA A CA  1 
ATOM   3    C  C   . ALA A 1 2   ? -0.527  -1.242  16.099  1.00 27.20 ? 2   ALA A C   1 
ATOM   4    O  O   . ALA A 1 2   ? -0.520  -2.280  15.489  1.00 29.78 ? 2   ALA A O   1 
ATOM   5    C  CB  . ALA A 1 2   ? -2.629  -2.056  17.278  1.00 32.01 ? 2   ALA A CB  1 
ATOM   6    N  N   . PHE A 1 3   ? 0.231   -0.201  15.816  1.00 26.05 ? 3   PHE A N   1 
ATOM   7    C  CA  . PHE A 1 3   ? 1.197   -0.201  14.725  1.00 26.00 ? 3   PHE A CA  1 
ATOM   8    C  C   . PHE A 1 3   ? 2.315   -1.231  14.924  1.00 26.08 ? 3   PHE A C   1 
ATOM   9    O  O   . PHE A 1 3   ? 2.961   -1.316  15.968  1.00 23.31 ? 3   PHE A O   1 
ATOM   10   C  CB  . PHE A 1 3   ? 1.809   1.206   14.592  1.00 25.58 ? 3   PHE A CB  1 
ATOM   11   C  CG  . PHE A 1 3   ? 2.839   1.302   13.510  1.00 24.60 ? 3   PHE A CG  1 
ATOM   12   C  CD1 . PHE A 1 3   ? 2.476   1.396   12.174  1.00 25.95 ? 3   PHE A CD1 1 
ATOM   13   C  CD2 . PHE A 1 3   ? 4.187   1.271   13.820  1.00 27.98 ? 3   PHE A CD2 1 
ATOM   14   C  CE1 . PHE A 1 3   ? 3.433   1.463   11.181  1.00 31.06 ? 3   PHE A CE1 1 
ATOM   15   C  CE2 . PHE A 1 3   ? 5.150   1.325   12.832  1.00 27.02 ? 3   PHE A CE2 1 
ATOM   16   C  CZ  . PHE A 1 3   ? 4.780   1.433   11.511  1.00 29.02 ? 3   PHE A CZ  1 
ATOM   17   N  N   . SER A 1 4   ? 2.557   -2.022  13.876  1.00 23.73 ? 4   SER A N   1 
ATOM   18   C  CA  . SER A 1 4   ? 3.628   -2.982  13.858  1.00 26.23 ? 4   SER A CA  1 
ATOM   19   C  C   . SER A 1 4   ? 4.334   -2.962  12.499  1.00 26.10 ? 4   SER A C   1 
ATOM   20   O  O   . SER A 1 4   ? 3.798   -2.555  11.460  1.00 23.55 ? 4   SER A O   1 
ATOM   21   C  CB  . SER A 1 4   ? 3.126   -4.381  14.206  1.00 26.19 ? 4   SER A CB  1 
ATOM   22   O  OG  . SER A 1 4   ? 2.276   -4.866  13.150  1.00 32.23 ? 4   SER A OG  1 
ATOM   23   N  N   . VAL A 1 5   ? 5.591   -3.365  12.557  1.00 24.91 ? 5   VAL A N   1 
ATOM   24   C  CA  . VAL A 1 5   ? 6.379   -3.489  11.329  1.00 25.24 ? 5   VAL A CA  1 
ATOM   25   C  C   . VAL A 1 5   ? 7.002   -4.871  11.331  1.00 26.46 ? 5   VAL A C   1 
ATOM   26   O  O   . VAL A 1 5   ? 7.340   -5.429  12.377  1.00 26.14 ? 5   VAL A O   1 
ATOM   27   C  CB  . VAL A 1 5   ? 7.405   -2.358  11.192  1.00 28.84 ? 5   VAL A CB  1 
ATOM   28   C  CG1 . VAL A 1 5   ? 8.497   -2.490  12.243  1.00 27.66 ? 5   VAL A CG1 1 
ATOM   29   C  CG2 . VAL A 1 5   ? 8.041   -2.332  9.818   1.00 31.43 ? 5   VAL A CG2 1 
ATOM   30   N  N   . ASN A 1 6   ? 7.143   -5.421  10.147  1.00 23.22 ? 6   ASN A N   1 
ATOM   31   C  CA  . ASN A 1 6   ? 7.783   -6.699  9.963   1.00 24.24 ? 6   ASN A CA  1 
ATOM   32   C  C   . ASN A 1 6   ? 8.695   -6.602  8.734   1.00 22.24 ? 6   ASN A C   1 
ATOM   33   O  O   . ASN A 1 6   ? 8.251   -6.047  7.726   1.00 22.27 ? 6   ASN A O   1 
ATOM   34   C  CB  . ASN A 1 6   ? 6.655   -7.715  9.650   1.00 34.90 ? 6   ASN A CB  1 
ATOM   35   C  CG  . ASN A 1 6   ? 7.010   -8.984  10.390  1.00 43.53 ? 6   ASN A CG  1 
ATOM   36   O  OD1 . ASN A 1 6   ? 7.743   -9.785  9.815   1.00 48.89 ? 6   ASN A OD1 1 
ATOM   37   N  ND2 . ASN A 1 6   ? 6.508   -9.068  11.611  1.00 48.14 ? 6   ASN A ND2 1 
ATOM   38   N  N   . TYR A 1 7   ? 9.900   -7.104  8.841   1.00 19.55 ? 7   TYR A N   1 
ATOM   39   C  CA  . TYR A 1 7   ? 10.886  -6.824  7.806   1.00 19.39 ? 7   TYR A CA  1 
ATOM   40   C  C   . TYR A 1 7   ? 11.921  -7.952  7.817   1.00 21.51 ? 7   TYR A C   1 
ATOM   41   O  O   . TYR A 1 7   ? 12.264  -8.445  8.877   1.00 21.06 ? 7   TYR A O   1 
ATOM   42   C  CB  . TYR A 1 7   ? 11.580  -5.494  7.974   1.00 19.76 ? 7   TYR A CB  1 
ATOM   43   C  CG  . TYR A 1 7   ? 12.235  -5.273  9.299   1.00 21.25 ? 7   TYR A CG  1 
ATOM   44   C  CD1 . TYR A 1 7   ? 11.485  -4.906  10.417  1.00 22.64 ? 7   TYR A CD1 1 
ATOM   45   C  CD2 . TYR A 1 7   ? 13.631  -5.422  9.436   1.00 21.77 ? 7   TYR A CD2 1 
ATOM   46   C  CE1 . TYR A 1 7   ? 12.120  -4.687  11.628  1.00 18.77 ? 7   TYR A CE1 1 
ATOM   47   C  CE2 . TYR A 1 7   ? 14.238  -5.212  10.656  1.00 21.31 ? 7   TYR A CE2 1 
ATOM   48   C  CZ  . TYR A 1 7   ? 13.458  -4.844  11.745  1.00 21.27 ? 7   TYR A CZ  1 
ATOM   49   O  OH  . TYR A 1 7   ? 14.087  -4.632  12.967  1.00 23.65 ? 7   TYR A OH  1 
ATOM   50   N  N   . ASP A 1 8   ? 12.333  -8.274  6.606   1.00 21.83 ? 8   ASP A N   1 
ATOM   51   C  CA  . ASP A 1 8   ? 13.519  -9.142  6.427   1.00 23.30 ? 8   ASP A CA  1 
ATOM   52   C  C   . ASP A 1 8   ? 14.717  -8.455  7.043   1.00 21.60 ? 8   ASP A C   1 
ATOM   53   O  O   . ASP A 1 8   ? 14.923  -7.270  6.869   1.00 21.22 ? 8   ASP A O   1 
ATOM   54   C  CB  . ASP A 1 8   ? 13.719  -9.280  4.901   1.00 24.43 ? 8   ASP A CB  1 
ATOM   55   C  CG  . ASP A 1 8   ? 14.881  -10.200 4.562   1.00 28.40 ? 8   ASP A CG  1 
ATOM   56   O  OD1 . ASP A 1 8   ? 16.036  -9.835  4.837   1.00 27.45 ? 8   ASP A OD1 1 
ATOM   57   O  OD2 . ASP A 1 8   ? 14.521  -11.243 4.018   1.00 31.75 ? 8   ASP A OD2 1 
ATOM   58   N  N   . SER A 1 9   ? 15.609  -9.233  7.669   1.00 23.09 ? 9   SER A N   1 
ATOM   59   C  CA  . SER A 1 9   ? 16.701  -8.631  8.437   1.00 22.45 ? 9   SER A CA  1 
ATOM   60   C  C   . SER A 1 9   ? 17.666  -7.879  7.578   1.00 23.20 ? 9   SER A C   1 
ATOM   61   O  O   . SER A 1 9   ? 18.340  -6.968  8.091   1.00 23.83 ? 9   SER A O   1 
ATOM   62   C  CB  . SER A 1 9   ? 17.407  -9.731  9.252   1.00 28.04 ? 9   SER A CB  1 
ATOM   63   O  OG  . SER A 1 9   ? 17.888  -10.722 8.370   1.00 31.04 ? 9   SER A OG  1 
ATOM   64   N  N   . SER A 1 10  ? 17.786  -8.133  6.274   1.00 22.94 ? 10  SER A N   1 
ATOM   65   C  CA  . SER A 1 10  ? 18.599  -7.311  5.397   1.00 22.57 ? 10  SER A CA  1 
ATOM   66   C  C   . SER A 1 10  ? 18.139  -5.865  5.329   1.00 22.81 ? 10  SER A C   1 
ATOM   67   O  O   . SER A 1 10  ? 18.907  -5.077  4.789   1.00 22.88 ? 10  SER A O   1 
ATOM   68   C  CB  . SER A 1 10  ? 18.556  -7.758  3.907   1.00 27.04 ? 10  SER A CB  1 
ATOM   69   O  OG  . SER A 1 10  ? 18.526  -9.152  3.871   1.00 33.46 ? 10  SER A OG  1 
ATOM   70   N  N   . PHE A 1 11  ? 16.913  -5.580  5.761   1.00 22.22 ? 11  PHE A N   1 
ATOM   71   C  CA  . PHE A 1 11  ? 16.470  -4.186  5.714   1.00 21.85 ? 11  PHE A CA  1 
ATOM   72   C  C   . PHE A 1 11  ? 16.597  -3.501  7.035   1.00 21.15 ? 11  PHE A C   1 
ATOM   73   O  O   . PHE A 1 11  ? 16.256  -2.324  7.057   1.00 23.23 ? 11  PHE A O   1 
ATOM   74   C  CB  . PHE A 1 11  ? 15.019  -4.064  5.163   1.00 18.97 ? 11  PHE A CB  1 
ATOM   75   C  CG  . PHE A 1 11  ? 14.950  -4.649  3.754   1.00 19.45 ? 11  PHE A CG  1 
ATOM   76   C  CD1 . PHE A 1 11  ? 15.622  -4.051  2.721   1.00 21.06 ? 11  PHE A CD1 1 
ATOM   77   C  CD2 . PHE A 1 11  ? 14.244  -5.792  3.516   1.00 21.30 ? 11  PHE A CD2 1 
ATOM   78   C  CE1 . PHE A 1 11  ? 15.568  -4.582  1.437   1.00 23.91 ? 11  PHE A CE1 1 
ATOM   79   C  CE2 . PHE A 1 11  ? 14.162  -6.342  2.241   1.00 22.73 ? 11  PHE A CE2 1 
ATOM   80   C  CZ  . PHE A 1 11  ? 14.835  -5.731  1.199   1.00 21.47 ? 11  PHE A CZ  1 
ATOM   81   N  N   . GLY A 1 12  ? 17.126  -4.143  8.073   1.00 22.09 ? 12  GLY A N   1 
ATOM   82   C  CA  . GLY A 1 12  ? 17.145  -3.518  9.417   1.00 21.41 ? 12  GLY A CA  1 
ATOM   83   C  C   . GLY A 1 12  ? 17.843  -2.163  9.410   1.00 21.60 ? 12  GLY A C   1 
ATOM   84   O  O   . GLY A 1 12  ? 17.445  -1.230  10.120  1.00 21.67 ? 12  GLY A O   1 
ATOM   85   N  N   . GLY A 1 13  ? 18.909  -1.984  8.632   1.00 19.14 ? 13  GLY A N   1 
ATOM   86   C  CA  . GLY A 1 13  ? 19.670  -0.741  8.648   1.00 20.21 ? 13  GLY A CA  1 
ATOM   87   C  C   . GLY A 1 13  ? 19.170  0.216   7.589   1.00 20.74 ? 13  GLY A C   1 
ATOM   88   O  O   . GLY A 1 13  ? 19.799  1.253   7.393   1.00 20.96 ? 13  GLY A O   1 
ATOM   89   N  N   . TYR A 1 14  ? 18.098  -0.131  6.873   1.00 19.50 ? 14  TYR A N   1 
ATOM   90   C  CA  . TYR A 1 14  ? 17.602  0.827   5.860   1.00 20.36 ? 14  TYR A CA  1 
ATOM   91   C  C   . TYR A 1 14  ? 16.670  1.842   6.560   1.00 18.51 ? 14  TYR A C   1 
ATOM   92   O  O   . TYR A 1 14  ? 15.847  1.381   7.338   1.00 18.15 ? 14  TYR A O   1 
ATOM   93   C  CB  . TYR A 1 14  ? 16.682  0.136   4.837   1.00 19.19 ? 14  TYR A CB  1 
ATOM   94   C  CG  . TYR A 1 14  ? 17.349  -0.520  3.655   1.00 25.12 ? 14  TYR A CG  1 
ATOM   95   C  CD1 . TYR A 1 14  ? 18.445  -1.378  3.827   1.00 26.67 ? 14  TYR A CD1 1 
ATOM   96   C  CD2 . TYR A 1 14  ? 16.848  -0.317  2.378   1.00 24.27 ? 14  TYR A CD2 1 
ATOM   97   C  CE1 . TYR A 1 14  ? 19.032  -1.985  2.716   1.00 27.29 ? 14  TYR A CE1 1 
ATOM   98   C  CE2 . TYR A 1 14  ? 17.436  -0.924  1.287   1.00 28.24 ? 14  TYR A CE2 1 
ATOM   99   C  CZ  . TYR A 1 14  ? 18.530  -1.742  1.471   1.00 26.80 ? 14  TYR A CZ  1 
ATOM   100  O  OH  . TYR A 1 14  ? 19.094  -2.337  0.362   1.00 32.30 ? 14  TYR A OH  1 
ATOM   101  N  N   . SER A 1 15  ? 16.673  3.111   6.181   1.00 18.90 ? 15  SER A N   1 
ATOM   102  C  CA  . SER A 1 15  ? 15.515  3.942   6.528   1.00 18.95 ? 15  SER A CA  1 
ATOM   103  C  C   . SER A 1 15  ? 14.240  3.419   5.831   1.00 20.15 ? 15  SER A C   1 
ATOM   104  O  O   . SER A 1 15  ? 14.288  2.771   4.784   1.00 18.61 ? 15  SER A O   1 
ATOM   105  C  CB  . SER A 1 15  ? 15.770  5.395   6.314   1.00 21.34 ? 15  SER A CB  1 
ATOM   106  O  OG  . SER A 1 15  ? 15.707  5.811   4.943   1.00 28.02 ? 15  SER A OG  1 
ATOM   107  N  N   . ILE A 1 16  ? 13.091  3.703   6.448   1.00 17.40 ? 16  ILE A N   1 
ATOM   108  C  CA  . ILE A 1 16  ? 11.808  3.390   5.783   1.00 18.09 ? 16  ILE A CA  1 
ATOM   109  C  C   . ILE A 1 16  ? 11.755  4.060   4.425   1.00 18.58 ? 16  ILE A C   1 
ATOM   110  O  O   . ILE A 1 16  ? 11.391  3.453   3.411   1.00 17.97 ? 16  ILE A O   1 
ATOM   111  C  CB  . ILE A 1 16  ? 10.611  3.794   6.694   1.00 21.31 ? 16  ILE A CB  1 
ATOM   112  C  CG1 . ILE A 1 16  ? 10.604  2.868   7.928   1.00 24.55 ? 16  ILE A CG1 1 
ATOM   113  C  CG2 . ILE A 1 16  ? 9.304   3.553   5.905   1.00 20.69 ? 16  ILE A CG2 1 
ATOM   114  C  CD1 . ILE A 1 16  ? 9.472   3.010   8.889   1.00 27.56 ? 16  ILE A CD1 1 
ATOM   115  N  N   . HIS A 1 17  ? 12.161  5.322   4.368   1.00 20.34 ? 17  HIS A N   1 
ATOM   116  C  CA  . HIS A 1 17  ? 12.187  6.124   3.138   1.00 19.01 ? 17  HIS A CA  1 
ATOM   117  C  C   . HIS A 1 17  ? 13.060  5.490   2.102   1.00 19.33 ? 17  HIS A C   1 
ATOM   118  O  O   . HIS A 1 17  ? 12.679  5.361   0.883   1.00 17.48 ? 17  HIS A O   1 
ATOM   119  C  CB  . HIS A 1 17  ? 12.662  7.534   3.516   1.00 19.57 ? 17  HIS A CB  1 
ATOM   120  C  CG  . HIS A 1 17  ? 12.941  8.418   2.346   1.00 26.47 ? 17  HIS A CG  1 
ATOM   121  N  ND1 . HIS A 1 17  ? 11.947  9.081   1.647   1.00 23.40 ? 17  HIS A ND1 1 
ATOM   122  C  CD2 . HIS A 1 17  ? 14.111  8.753   1.755   1.00 28.16 ? 17  HIS A CD2 1 
ATOM   123  C  CE1 . HIS A 1 17  ? 12.479  9.780   0.656   1.00 27.99 ? 17  HIS A CE1 1 
ATOM   124  N  NE2 . HIS A 1 17  ? 13.795  9.590   0.706   1.00 31.28 ? 17  HIS A NE2 1 
ATOM   125  N  N   . ASP A 1 18  ? 14.240  5.005   2.492   1.00 16.64 ? 18  ASP A N   1 
ATOM   126  C  CA  . ASP A 1 18  ? 15.115  4.385   1.468   1.00 17.13 ? 18  ASP A CA  1 
ATOM   127  C  C   . ASP A 1 18  ? 14.527  3.098   0.964   1.00 18.50 ? 18  ASP A C   1 
ATOM   128  O  O   . ASP A 1 18  ? 14.699  2.793   -0.238  1.00 20.34 ? 18  ASP A O   1 
ATOM   129  C  CB  . ASP A 1 18  ? 16.500  4.071   2.054   1.00 21.79 ? 18  ASP A CB  1 
ATOM   130  C  CG  . ASP A 1 18  ? 17.305  5.350   2.203   1.00 26.72 ? 18  ASP A CG  1 
ATOM   131  O  OD1 . ASP A 1 18  ? 16.953  6.435   1.702   1.00 31.64 ? 18  ASP A OD1 1 
ATOM   132  O  OD2 . ASP A 1 18  ? 18.334  5.276   2.870   1.00 36.03 ? 18  ASP A OD2 1 
ATOM   133  N  N   . TYR A 1 19  ? 13.877  2.306   1.833   1.00 15.81 ? 19  TYR A N   1 
ATOM   134  C  CA  . TYR A 1 19  ? 13.296  1.069   1.296   1.00 16.49 ? 19  TYR A CA  1 
ATOM   135  C  C   . TYR A 1 19  ? 12.209  1.429   0.266   1.00 17.18 ? 19  TYR A C   1 
ATOM   136  O  O   . TYR A 1 19  ? 12.172  0.913   -0.845  1.00 18.37 ? 19  TYR A O   1 
ATOM   137  C  CB  . TYR A 1 19  ? 12.717  0.141   2.380   1.00 18.07 ? 19  TYR A CB  1 
ATOM   138  C  CG  . TYR A 1 19  ? 11.975  -1.006  1.670   1.00 19.56 ? 19  TYR A CG  1 
ATOM   139  C  CD1 . TYR A 1 19  ? 12.671  -2.052  1.109   1.00 21.81 ? 19  TYR A CD1 1 
ATOM   140  C  CD2 . TYR A 1 19  ? 10.592  -0.950  1.566   1.00 18.76 ? 19  TYR A CD2 1 
ATOM   141  C  CE1 . TYR A 1 19  ? 11.974  -3.056  0.421   1.00 23.19 ? 19  TYR A CE1 1 
ATOM   142  C  CE2 . TYR A 1 19  ? 9.899   -1.934  0.874   1.00 18.04 ? 19  TYR A CE2 1 
ATOM   143  C  CZ  . TYR A 1 19  ? 10.586  -2.959  0.307   1.00 20.05 ? 19  TYR A CZ  1 
ATOM   144  O  OH  . TYR A 1 19  ? 9.929   -3.946  -0.390  1.00 22.18 ? 19  TYR A OH  1 
ATOM   145  N  N   . LEU A 1 20  ? 11.287  2.315   0.663   1.00 16.87 ? 20  LEU A N   1 
ATOM   146  C  CA  . LEU A 1 20  ? 10.141  2.600   -0.205  1.00 16.49 ? 20  LEU A CA  1 
ATOM   147  C  C   . LEU A 1 20  ? 10.598  3.242   -1.510  1.00 16.99 ? 20  LEU A C   1 
ATOM   148  O  O   . LEU A 1 20  ? 10.017  2.971   -2.537  1.00 17.67 ? 20  LEU A O   1 
ATOM   149  C  CB  . LEU A 1 20  ? 9.207   3.540   0.548   1.00 14.25 ? 20  LEU A CB  1 
ATOM   150  C  CG  . LEU A 1 20  ? 8.486   2.910   1.750   1.00 18.43 ? 20  LEU A CG  1 
ATOM   151  C  CD1 . LEU A 1 20  ? 7.761   3.998   2.532   1.00 17.68 ? 20  LEU A CD1 1 
ATOM   152  C  CD2 . LEU A 1 20  ? 7.519   1.853   1.172   1.00 20.46 ? 20  LEU A CD2 1 
ATOM   153  N  N   . GLY A 1 21  ? 11.665  4.043   -1.445  1.00 20.16 ? 21  GLY A N   1 
ATOM   154  C  CA  . GLY A 1 21  ? 12.266  4.601   -2.682  1.00 21.15 ? 21  GLY A CA  1 
ATOM   155  C  C   . GLY A 1 21  ? 12.801  3.498   -3.592  1.00 21.98 ? 21  GLY A C   1 
ATOM   156  O  O   . GLY A 1 21  ? 12.554  3.533   -4.810  1.00 22.19 ? 21  GLY A O   1 
ATOM   157  N  N   . GLN A 1 22  ? 13.519  2.479   -3.092  1.00 19.25 ? 22  GLN A N   1 
ATOM   158  C  CA  . GLN A 1 22  ? 13.880  1.351   -3.934  1.00 19.92 ? 22  GLN A CA  1 
ATOM   159  C  C   . GLN A 1 22  ? 12.729  0.513   -4.467  1.00 18.08 ? 22  GLN A C   1 
ATOM   160  O  O   . GLN A 1 22  ? 12.759  0.062   -5.631  1.00 17.65 ? 22  GLN A O   1 
ATOM   161  C  CB  . GLN A 1 22  ? 14.849  0.427   -3.117  1.00 25.69 ? 22  GLN A CB  1 
ATOM   162  C  CG  . GLN A 1 22  ? 16.162  1.205   -2.907  1.00 38.48 ? 22  GLN A CG  1 
ATOM   163  C  CD  . GLN A 1 22  ? 17.369  0.401   -2.485  1.00 43.69 ? 22  GLN A CD  1 
ATOM   164  O  OE1 . GLN A 1 22  ? 18.335  1.018   -1.974  1.00 47.47 ? 22  GLN A OE1 1 
ATOM   165  N  NE2 . GLN A 1 22  ? 17.406  -0.910  -2.621  1.00 42.88 ? 22  GLN A NE2 1 
ATOM   166  N  N   . TRP A 1 23  ? 11.752  0.200   -3.609  1.00 16.69 ? 23  TRP A N   1 
ATOM   167  C  CA  . TRP A 1 23  ? 10.535  -0.492  -4.026  1.00 16.28 ? 23  TRP A CA  1 
ATOM   168  C  C   . TRP A 1 23  ? 9.877   0.305   -5.155  1.00 17.12 ? 23  TRP A C   1 
ATOM   169  O  O   . TRP A 1 23  ? 9.521   -0.227  -6.188  1.00 17.29 ? 23  TRP A O   1 
ATOM   170  C  CB  . TRP A 1 23  ? 9.574   -0.753  -2.841  1.00 13.12 ? 23  TRP A CB  1 
ATOM   171  C  CG  . TRP A 1 23  ? 8.273   -1.384  -3.349  1.00 12.60 ? 23  TRP A CG  1 
ATOM   172  C  CD1 . TRP A 1 23  ? 8.045   -2.717  -3.473  1.00 14.11 ? 23  TRP A CD1 1 
ATOM   173  C  CD2 . TRP A 1 23  ? 7.125   -0.718  -3.839  1.00 14.42 ? 23  TRP A CD2 1 
ATOM   174  N  NE1 . TRP A 1 23  ? 6.813   -2.943  -4.005  1.00 16.99 ? 23  TRP A NE1 1 
ATOM   175  C  CE2 . TRP A 1 23  ? 6.212   -1.716  -4.237  1.00 15.24 ? 23  TRP A CE2 1 
ATOM   176  C  CE3 . TRP A 1 23  ? 6.768   0.618   -3.967  1.00 13.88 ? 23  TRP A CE3 1 
ATOM   177  C  CZ2 . TRP A 1 23  ? 4.960   -1.450  -4.775  1.00 18.16 ? 23  TRP A CZ2 1 
ATOM   178  C  CZ3 . TRP A 1 23  ? 5.490   0.900   -4.507  1.00 15.94 ? 23  TRP A CZ3 1 
ATOM   179  C  CH2 . TRP A 1 23  ? 4.622   -0.109  -4.896  1.00 14.86 ? 23  TRP A CH2 1 
ATOM   180  N  N   . ALA A 1 24  ? 9.747   1.644   -4.998  1.00 18.89 ? 24  ALA A N   1 
ATOM   181  C  CA  . ALA A 1 24  ? 8.948   2.395   -6.002  1.00 19.88 ? 24  ALA A CA  1 
ATOM   182  C  C   . ALA A 1 24  ? 9.652   2.432   -7.344  1.00 21.88 ? 24  ALA A C   1 
ATOM   183  O  O   . ALA A 1 24  ? 9.045   2.386   -8.433  1.00 19.02 ? 24  ALA A O   1 
ATOM   184  C  CB  . ALA A 1 24  ? 8.804   3.833   -5.506  1.00 16.63 ? 24  ALA A CB  1 
ATOM   185  N  N   . SER A 1 25  ? 10.982  2.557   -7.241  1.00 19.64 ? 25  SER A N   1 
ATOM   186  C  CA  . SER A 1 25  ? 11.746  2.668   -8.505  1.00 22.96 ? 25  SER A CA  1 
ATOM   187  C  C   . SER A 1 25  ? 11.867  1.327   -9.183  1.00 24.87 ? 25  SER A C   1 
ATOM   188  O  O   . SER A 1 25  ? 11.989  1.249   -10.407 1.00 27.82 ? 25  SER A O   1 
ATOM   189  C  CB  . SER A 1 25  ? 13.018  3.438   -8.236  1.00 27.50 ? 25  SER A CB  1 
ATOM   190  O  OG  . SER A 1 25  ? 14.100  2.590   -8.100  1.00 33.97 ? 25  SER A OG  1 
ATOM   191  N  N   . THR A 1 26  ? 11.688  0.198   -8.523  1.00 22.88 ? 26  THR A N   1 
ATOM   192  C  CA  . THR A 1 26  ? 11.588  -1.099  -9.155  1.00 21.55 ? 26  THR A CA  1 
ATOM   193  C  C   . THR A 1 26  ? 10.177  -1.392  -9.685  1.00 22.03 ? 26  THR A C   1 
ATOM   194  O  O   . THR A 1 26  ? 9.979   -2.013  -10.733 1.00 20.58 ? 26  THR A O   1 
ATOM   195  C  CB  . THR A 1 26  ? 11.991  -2.199  -8.165  1.00 23.98 ? 26  THR A CB  1 
ATOM   196  O  OG1 . THR A 1 26  ? 13.318  -1.906  -7.662  1.00 22.74 ? 26  THR A OG1 1 
ATOM   197  C  CG2 . THR A 1 26  ? 12.009  -3.566  -8.796  1.00 22.47 ? 26  THR A CG2 1 
ATOM   198  N  N   . PHE A 1 27  ? 9.159   -0.989  -8.891  1.00 18.91 ? 27  PHE A N   1 
ATOM   199  C  CA  . PHE A 1 27  ? 7.787   -1.278  -9.326  1.00 17.91 ? 27  PHE A CA  1 
ATOM   200  C  C   . PHE A 1 27  ? 7.410   -0.430  -10.519 1.00 17.82 ? 27  PHE A C   1 
ATOM   201  O  O   . PHE A 1 27  ? 6.673   -0.867  -11.404 1.00 19.10 ? 27  PHE A O   1 
ATOM   202  C  CB  . PHE A 1 27  ? 6.846   -0.859  -8.171  1.00 17.75 ? 27  PHE A CB  1 
ATOM   203  C  CG  . PHE A 1 27  ? 5.378   -1.050  -8.425  1.00 16.00 ? 27  PHE A CG  1 
ATOM   204  C  CD1 . PHE A 1 27  ? 4.775   -2.247  -8.188  1.00 17.50 ? 27  PHE A CD1 1 
ATOM   205  C  CD2 . PHE A 1 27  ? 4.636   0.047   -8.816  1.00 20.71 ? 27  PHE A CD2 1 
ATOM   206  C  CE1 . PHE A 1 27  ? 3.412   -2.430  -8.354  1.00 19.21 ? 27  PHE A CE1 1 
ATOM   207  C  CE2 . PHE A 1 27  ? 3.254   -0.116  -9.009  1.00 22.05 ? 27  PHE A CE2 1 
ATOM   208  C  CZ  . PHE A 1 27  ? 2.673   -1.325  -8.770  1.00 20.16 ? 27  PHE A CZ  1 
ATOM   209  N  N   . GLY A 1 28  ? 7.871   0.816   -10.476 1.00 20.54 ? 28  GLY A N   1 
ATOM   210  C  CA  . GLY A 1 28  ? 7.635   1.776   -11.574 1.00 18.79 ? 28  GLY A CA  1 
ATOM   211  C  C   . GLY A 1 28  ? 6.265   2.456   -11.375 1.00 18.84 ? 28  GLY A C   1 
ATOM   212  O  O   . GLY A 1 28  ? 5.837   2.753   -10.270 1.00 18.64 ? 28  GLY A O   1 
ATOM   213  N  N   . ASP A 1 29  ? 5.543   2.617   -12.487 1.00 18.53 ? 29  ASP A N   1 
ATOM   214  C  CA  . ASP A 1 29  ? 4.230   3.339   -12.442 1.00 19.52 ? 29  ASP A CA  1 
ATOM   215  C  C   . ASP A 1 29  ? 3.268   2.586   -13.340 1.00 20.35 ? 29  ASP A C   1 
ATOM   216  O  O   . ASP A 1 29  ? 3.517   2.384   -14.518 1.00 20.92 ? 29  ASP A O   1 
ATOM   217  C  CB  . ASP A 1 29  ? 4.459   4.739   -12.928 1.00 20.79 ? 29  ASP A CB  1 
ATOM   218  C  CG  . ASP A 1 29  ? 3.239   5.626   -13.096 1.00 24.14 ? 29  ASP A CG  1 
ATOM   219  O  OD1 . ASP A 1 29  ? 2.081   5.301   -12.849 1.00 18.67 ? 29  ASP A OD1 1 
ATOM   220  O  OD2 . ASP A 1 29  ? 3.524   6.735   -13.567 1.00 24.95 ? 29  ASP A OD2 1 
ATOM   221  N  N   . VAL A 1 30  ? 2.173   2.106   -12.806 1.00 17.59 ? 30  VAL A N   1 
ATOM   222  C  CA  . VAL A 1 30  ? 1.236   1.274   -13.611 1.00 19.32 ? 30  VAL A CA  1 
ATOM   223  C  C   . VAL A 1 30  ? 0.465   2.180   -14.580 1.00 20.07 ? 30  VAL A C   1 
ATOM   224  O  O   . VAL A 1 30  ? -0.286  1.686   -15.400 1.00 18.83 ? 30  VAL A O   1 
ATOM   225  C  CB  . VAL A 1 30  ? 0.458   0.594   -12.484 1.00 26.22 ? 30  VAL A CB  1 
ATOM   226  C  CG1 . VAL A 1 30  ? -1.013  0.741   -12.429 1.00 19.95 ? 30  VAL A CG1 1 
ATOM   227  C  CG2 . VAL A 1 30  ? 1.016   -0.795  -12.171 1.00 22.05 ? 30  VAL A CG2 1 
ATOM   228  N  N   . ASN A 1 31  ? 0.599   3.494   -14.537 1.00 18.07 ? 31  ASN A N   1 
ATOM   229  C  CA  . ASN A 1 31  ? -0.122  4.449   -15.378 1.00 21.03 ? 31  ASN A CA  1 
ATOM   230  C  C   . ASN A 1 31  ? -1.631  4.198   -15.438 1.00 20.25 ? 31  ASN A C   1 
ATOM   231  O  O   . ASN A 1 31  ? -2.278  4.065   -16.514 1.00 16.51 ? 31  ASN A O   1 
ATOM   232  C  CB  . ASN A 1 31  ? 0.486   4.400   -16.807 1.00 27.92 ? 31  ASN A CB  1 
ATOM   233  C  CG  . ASN A 1 31  ? 0.020   5.554   -17.669 1.00 35.06 ? 31  ASN A CG  1 
ATOM   234  O  OD1 . ASN A 1 31  ? -0.347  6.620   -17.162 1.00 38.88 ? 31  ASN A OD1 1 
ATOM   235  N  ND2 . ASN A 1 31  ? 0.020   5.376   -19.007 1.00 36.28 ? 31  ASN A ND2 1 
ATOM   236  N  N   . HIS A 1 32  ? -2.230  4.154   -14.246 1.00 18.77 ? 32  HIS A N   1 
ATOM   237  C  CA  . HIS A 1 32  ? -3.697  3.925   -14.145 1.00 21.19 ? 32  HIS A CA  1 
ATOM   238  C  C   . HIS A 1 32  ? -4.327  5.315   -14.204 1.00 21.32 ? 32  HIS A C   1 
ATOM   239  O  O   . HIS A 1 32  ? -4.666  5.952   -13.192 1.00 21.13 ? 32  HIS A O   1 
ATOM   240  C  CB  . HIS A 1 32  ? -4.046  3.202   -12.868 1.00 20.71 ? 32  HIS A CB  1 
ATOM   241  C  CG  . HIS A 1 32  ? -5.464  2.776   -12.671 1.00 12.97 ? 32  HIS A CG  1 
ATOM   242  N  ND1 . HIS A 1 32  ? -5.905  1.535   -12.934 1.00 15.63 ? 32  HIS A ND1 1 
ATOM   243  C  CD2 . HIS A 1 32  ? -6.564  3.483   -12.276 1.00 12.94 ? 32  HIS A CD2 1 
ATOM   244  C  CE1 . HIS A 1 32  ? -7.197  1.428   -12.676 1.00 17.39 ? 32  HIS A CE1 1 
ATOM   245  N  NE2 . HIS A 1 32  ? -7.597  2.629   -12.278 1.00 17.55 ? 32  HIS A NE2 1 
ATOM   246  N  N   . THR A 1 33  ? -4.456  5.800   -15.451 1.00 22.08 ? 33  THR A N   1 
ATOM   247  C  CA  . THR A 1 33  ? -4.819  7.186   -15.688 1.00 21.26 ? 33  THR A CA  1 
ATOM   248  C  C   . THR A 1 33  ? -5.863  7.274   -16.812 1.00 23.34 ? 33  THR A C   1 
ATOM   249  O  O   . THR A 1 33  ? -6.100  6.281   -17.495 1.00 23.26 ? 33  THR A O   1 
ATOM   250  C  CB  . THR A 1 33  ? -3.661  8.100   -16.082 1.00 25.65 ? 33  THR A CB  1 
ATOM   251  O  OG1 . THR A 1 33  ? -3.006  7.504   -17.213 1.00 28.30 ? 33  THR A OG1 1 
ATOM   252  C  CG2 . THR A 1 33  ? -2.645  8.222   -14.942 1.00 28.50 ? 33  THR A CG2 1 
ATOM   253  N  N   . ASN A 1 34  ? -6.449  8.470   -16.896 1.00 22.42 ? 34  ASN A N   1 
ATOM   254  C  CA  . ASN A 1 34  ? -7.414  8.826   -17.920 1.00 24.31 ? 34  ASN A CA  1 
ATOM   255  C  C   . ASN A 1 34  ? -6.951  8.314   -19.267 1.00 22.11 ? 34  ASN A C   1 
ATOM   256  O  O   . ASN A 1 34  ? -5.864  8.756   -19.646 1.00 22.46 ? 34  ASN A O   1 
ATOM   257  C  CB  . ASN A 1 34  ? -7.494  10.382  -18.027 1.00 26.55 ? 34  ASN A CB  1 
ATOM   258  C  CG  . ASN A 1 34  ? -8.666  10.858  -18.834 1.00 32.53 ? 34  ASN A CG  1 
ATOM   259  O  OD1 . ASN A 1 34  ? -9.548  10.073  -19.104 1.00 25.40 ? 34  ASN A OD1 1 
ATOM   260  N  ND2 . ASN A 1 34  ? -8.771  12.117  -19.276 1.00 33.76 ? 34  ASN A ND2 1 
ATOM   261  N  N   . GLY A 1 35  ? -7.692  7.444   -19.946 1.00 21.88 ? 35  GLY A N   1 
ATOM   262  C  CA  . GLY A 1 35  ? -7.271  7.063   -21.290 1.00 23.12 ? 35  GLY A CA  1 
ATOM   263  C  C   . GLY A 1 35  ? -6.350  5.863   -21.332 1.00 24.91 ? 35  GLY A C   1 
ATOM   264  O  O   . GLY A 1 35  ? -6.008  5.371   -22.402 1.00 24.89 ? 35  GLY A O   1 
ATOM   265  N  N   . ASN A 1 36  ? -5.966  5.272   -20.197 1.00 24.02 ? 36  ASN A N   1 
ATOM   266  C  CA  . ASN A 1 36  ? -4.989  4.176   -20.212 1.00 25.47 ? 36  ASN A CA  1 
ATOM   267  C  C   . ASN A 1 36  ? -5.371  3.019   -19.316 1.00 23.52 ? 36  ASN A C   1 
ATOM   268  O  O   . ASN A 1 36  ? -4.506  2.194   -18.994 1.00 26.65 ? 36  ASN A O   1 
ATOM   269  C  CB  . ASN A 1 36  ? -3.632  4.734   -19.764 1.00 22.94 ? 36  ASN A CB  1 
ATOM   270  C  CG  A ASN A 1 36  ? -2.486  3.861   -20.237 0.50 26.37 ? 36  ASN A CG  1 
ATOM   271  C  CG  B ASN A 1 36  ? -3.105  5.874   -20.590 0.50 23.27 ? 36  ASN A CG  1 
ATOM   272  O  OD1 A ASN A 1 36  ? -1.612  3.472   -19.445 0.50 25.73 ? 36  ASN A OD1 1 
ATOM   273  O  OD1 B ASN A 1 36  ? -3.154  7.044   -20.182 0.50 28.34 ? 36  ASN A OD1 1 
ATOM   274  N  ND2 A ASN A 1 36  ? -2.486  3.523   -21.518 0.50 25.20 ? 36  ASN A ND2 1 
ATOM   275  N  ND2 B ASN A 1 36  ? -2.574  5.596   -21.767 0.50 19.17 ? 36  ASN A ND2 1 
ATOM   276  N  N   . VAL A 1 37  ? -6.620  2.875   -18.900 1.00 22.37 ? 37  VAL A N   1 
ATOM   277  C  CA  . VAL A 1 37  ? -6.955  1.796   -17.962 1.00 19.65 ? 37  VAL A CA  1 
ATOM   278  C  C   . VAL A 1 37  ? -7.426  0.563   -18.724 1.00 22.03 ? 37  VAL A C   1 
ATOM   279  O  O   . VAL A 1 37  ? -8.386  0.588   -19.522 1.00 20.20 ? 37  VAL A O   1 
ATOM   280  C  CB  . VAL A 1 37  ? -7.990  2.242   -16.943 1.00 20.99 ? 37  VAL A CB  1 
ATOM   281  C  CG1 . VAL A 1 37  ? -8.511  1.056   -16.133 1.00 19.50 ? 37  VAL A CG1 1 
ATOM   282  C  CG2 . VAL A 1 37  ? -7.398  3.307   -16.009 1.00 23.17 ? 37  VAL A CG2 1 
ATOM   283  N  N   . THR A 1 38  ? -6.715  -0.551  -18.568 1.00 20.37 ? 38  THR A N   1 
ATOM   284  C  CA  . THR A 1 38  ? -7.236  -1.860  -18.888 1.00 20.67 ? 38  THR A CA  1 
ATOM   285  C  C   . THR A 1 38  ? -7.184  -2.831  -17.714 1.00 23.18 ? 38  THR A C   1 
ATOM   286  O  O   . THR A 1 38  ? -6.892  -2.487  -16.565 1.00 21.30 ? 38  THR A O   1 
ATOM   287  C  CB  . THR A 1 38  ? -6.437  -2.504  -20.054 1.00 21.61 ? 38  THR A CB  1 
ATOM   288  O  OG1 . THR A 1 38  ? -5.087  -2.669  -19.628 1.00 24.98 ? 38  THR A OG1 1 
ATOM   289  C  CG2 . THR A 1 38  ? -6.525  -1.551  -21.231 1.00 19.09 ? 38  THR A CG2 1 
ATOM   290  N  N   . ASP A 1 39  ? -7.509  -4.091  -18.032 1.00 22.50 ? 39  ASP A N   1 
ATOM   291  C  CA  . ASP A 1 39  ? -7.416  -5.162  -17.062 1.00 26.80 ? 39  ASP A CA  1 
ATOM   292  C  C   . ASP A 1 39  ? -5.961  -5.341  -16.577 1.00 26.26 ? 39  ASP A C   1 
ATOM   293  O  O   . ASP A 1 39  ? -5.730  -5.635  -15.408 1.00 27.19 ? 39  ASP A O   1 
ATOM   294  C  CB  . ASP A 1 39  ? -7.870  -6.479  -17.708 1.00 37.96 ? 39  ASP A CB  1 
ATOM   295  C  CG  . ASP A 1 39  ? -8.794  -7.169  -16.711 1.00 48.58 ? 39  ASP A CG  1 
ATOM   296  O  OD1 . ASP A 1 39  ? -8.227  -7.899  -15.875 1.00 52.29 ? 39  ASP A OD1 1 
ATOM   297  O  OD2 . ASP A 1 39  ? -10.021 -6.916  -16.802 1.00 52.01 ? 39  ASP A OD2 1 
ATOM   298  N  N   . ALA A 1 40  ? -5.018  -5.068  -17.458 1.00 24.23 ? 40  ALA A N   1 
ATOM   299  C  CA  . ALA A 1 40  ? -3.606  -5.205  -17.157 1.00 24.56 ? 40  ALA A CA  1 
ATOM   300  C  C   . ALA A 1 40  ? -3.159  -4.284  -16.032 1.00 23.89 ? 40  ALA A C   1 
ATOM   301  O  O   . ALA A 1 40  ? -2.186  -4.633  -15.365 1.00 24.52 ? 40  ALA A O   1 
ATOM   302  C  CB  . ALA A 1 40  ? -2.772  -4.831  -18.399 1.00 25.87 ? 40  ALA A CB  1 
ATOM   303  N  N   . ASN A 1 41  ? -3.725  -3.104  -15.882 1.00 20.20 ? 41  ASN A N   1 
ATOM   304  C  CA  . ASN A 1 41  ? -3.211  -2.167  -14.891 1.00 20.78 ? 41  ASN A CA  1 
ATOM   305  C  C   . ASN A 1 41  ? -4.280  -1.734  -13.906 1.00 20.68 ? 41  ASN A C   1 
ATOM   306  O  O   . ASN A 1 41  ? -4.203  -0.650  -13.329 1.00 19.74 ? 41  ASN A O   1 
ATOM   307  C  CB  . ASN A 1 41  ? -2.552  -0.970  -15.580 1.00 22.62 ? 41  ASN A CB  1 
ATOM   308  C  CG  . ASN A 1 41  ? -3.500  -0.124  -16.388 1.00 20.24 ? 41  ASN A CG  1 
ATOM   309  O  OD1 . ASN A 1 41  ? -4.630  -0.517  -16.702 1.00 24.45 ? 41  ASN A OD1 1 
ATOM   310  N  ND2 . ASN A 1 41  ? -3.061  1.035   -16.784 1.00 19.17 ? 41  ASN A ND2 1 
ATOM   311  N  N   . SER A 1 42  ? -5.256  -2.622  -13.687 1.00 20.09 ? 42  SER A N   1 
ATOM   312  C  CA  . SER A 1 42  ? -6.258  -2.400  -12.692 1.00 23.26 ? 42  SER A CA  1 
ATOM   313  C  C   . SER A 1 42  ? -6.071  -3.116  -11.365 1.00 24.19 ? 42  SER A C   1 
ATOM   314  O  O   . SER A 1 42  ? -6.734  -2.706  -10.414 1.00 24.89 ? 42  SER A O   1 
ATOM   315  C  CB  . SER A 1 42  ? -7.628  -2.886  -13.261 1.00 25.89 ? 42  SER A CB  1 
ATOM   316  O  OG  . SER A 1 42  ? -8.005  -1.809  -14.133 1.00 30.51 ? 42  SER A OG  1 
ATOM   317  N  N   . GLY A 1 43  ? -5.292  -4.177  -11.289 1.00 22.30 ? 43  GLY A N   1 
ATOM   318  C  CA  . GLY A 1 43  ? -5.223  -4.933  -10.050 1.00 23.14 ? 43  GLY A CA  1 
ATOM   319  C  C   . GLY A 1 43  ? -6.569  -5.588  -9.740  1.00 24.23 ? 43  GLY A C   1 
ATOM   320  O  O   . GLY A 1 43  ? -7.423  -5.766  -10.602 1.00 22.65 ? 43  GLY A O   1 
ATOM   321  N  N   . GLY A 1 44  ? -6.750  -5.940  -8.465  1.00 21.32 ? 44  GLY A N   1 
ATOM   322  C  CA  . GLY A 1 44  ? -7.952  -6.730  -8.143  1.00 22.07 ? 44  GLY A CA  1 
ATOM   323  C  C   . GLY A 1 44  ? -8.236  -6.675  -6.645  1.00 19.65 ? 44  GLY A C   1 
ATOM   324  O  O   . GLY A 1 44  ? -7.388  -6.322  -5.845  1.00 19.13 ? 44  GLY A O   1 
ATOM   325  N  N   . PHE A 1 45  ? -9.432  -7.090  -6.254  1.00 19.76 ? 45  PHE A N   1 
ATOM   326  C  CA  . PHE A 1 45  ? -9.816  -7.143  -4.862  1.00 19.82 ? 45  PHE A CA  1 
ATOM   327  C  C   . PHE A 1 45  ? -9.950  -8.589  -4.416  1.00 21.19 ? 45  PHE A C   1 
ATOM   328  O  O   . PHE A 1 45  ? -10.266 -9.451  -5.231  1.00 20.24 ? 45  PHE A O   1 
ATOM   329  C  CB  . PHE A 1 45  ? -11.178 -6.428  -4.641  1.00 18.51 ? 45  PHE A CB  1 
ATOM   330  C  CG  . PHE A 1 45  ? -11.079 -4.930  -4.677  1.00 21.04 ? 45  PHE A CG  1 
ATOM   331  C  CD1 . PHE A 1 45  ? -11.168 -4.268  -5.908  1.00 17.91 ? 45  PHE A CD1 1 
ATOM   332  C  CD2 . PHE A 1 45  ? -10.885 -4.197  -3.503  1.00 17.41 ? 45  PHE A CD2 1 
ATOM   333  C  CE1 . PHE A 1 45  ? -11.096 -2.882  -5.946  1.00 22.75 ? 45  PHE A CE1 1 
ATOM   334  C  CE2 . PHE A 1 45  ? -10.801 -2.816  -3.567  1.00 18.57 ? 45  PHE A CE2 1 
ATOM   335  C  CZ  . PHE A 1 45  ? -10.910 -2.152  -4.763  1.00 22.16 ? 45  PHE A CZ  1 
ATOM   336  N  N   . TYR A 1 46  ? -9.748  -8.888  -3.151  1.00 21.82 ? 46  TYR A N   1 
ATOM   337  C  CA  . TYR A 1 46  ? -10.138 -10.215 -2.648  1.00 23.55 ? 46  TYR A CA  1 
ATOM   338  C  C   . TYR A 1 46  ? -11.357 -9.988  -1.736  1.00 25.94 ? 46  TYR A C   1 
ATOM   339  O  O   . TYR A 1 46  ? -11.288 -9.102  -0.892  1.00 24.19 ? 46  TYR A O   1 
ATOM   340  C  CB  . TYR A 1 46  ? -9.006  -10.845 -1.868  1.00 23.55 ? 46  TYR A CB  1 
ATOM   341  C  CG  . TYR A 1 46  ? -9.426  -12.060 -1.072  1.00 26.36 ? 46  TYR A CG  1 
ATOM   342  C  CD1 . TYR A 1 46  ? -9.779  -13.246 -1.712  1.00 28.37 ? 46  TYR A CD1 1 
ATOM   343  C  CD2 . TYR A 1 46  ? -9.500  -11.978 0.305   1.00 28.30 ? 46  TYR A CD2 1 
ATOM   344  C  CE1 . TYR A 1 46  ? -10.173 -14.357 -0.963  1.00 30.87 ? 46  TYR A CE1 1 
ATOM   345  C  CE2 . TYR A 1 46  ? -9.892  -13.081 1.050   1.00 29.73 ? 46  TYR A CE2 1 
ATOM   346  C  CZ  . TYR A 1 46  ? -10.221 -14.246 0.403   1.00 31.10 ? 46  TYR A CZ  1 
ATOM   347  O  OH  . TYR A 1 46  ? -10.611 -15.325 1.153   1.00 34.93 ? 46  TYR A OH  1 
ATOM   348  N  N   . GLY A 1 47  ? -12.376 -10.775 -1.964  1.00 26.03 ? 47  GLY A N   1 
ATOM   349  C  CA  . GLY A 1 47  ? -13.617 -10.710 -1.267  1.00 29.42 ? 47  GLY A CA  1 
ATOM   350  C  C   . GLY A 1 47  ? -14.722 -10.011 -2.053  1.00 30.61 ? 47  GLY A C   1 
ATOM   351  O  O   . GLY A 1 47  ? -15.783 -9.760  -1.454  1.00 32.21 ? 47  GLY A O   1 
ATOM   352  N  N   . GLY A 1 48  ? -14.520 -9.658  -3.321  1.00 29.61 ? 48  GLY A N   1 
ATOM   353  C  CA  . GLY A 1 48  ? -15.590 -8.919  -4.030  1.00 28.31 ? 48  GLY A CA  1 
ATOM   354  C  C   . GLY A 1 48  ? -14.979 -8.413  -5.339  1.00 28.97 ? 48  GLY A C   1 
ATOM   355  O  O   . GLY A 1 48  ? -13.761 -8.568  -5.514  1.00 27.86 ? 48  GLY A O   1 
ATOM   356  N  N   . SER A 1 49  ? -15.756 -7.819  -6.223  1.00 28.27 ? 49  SER A N   1 
ATOM   357  C  CA  . SER A 1 49  ? -15.186 -7.336  -7.488  1.00 28.21 ? 49  SER A CA  1 
ATOM   358  C  C   . SER A 1 49  ? -14.670 -5.912  -7.382  1.00 26.66 ? 49  SER A C   1 
ATOM   359  O  O   . SER A 1 49  ? -13.688 -5.551  -8.043  1.00 27.22 ? 49  SER A O   1 
ATOM   360  C  CB  . SER A 1 49  ? -16.294 -7.340  -8.571  1.00 32.44 ? 49  SER A CB  1 
ATOM   361  O  OG  . SER A 1 49  ? -16.976 -8.572  -8.481  1.00 42.49 ? 49  SER A OG  1 
ATOM   362  N  N   . LEU A 1 50  ? -15.363 -5.104  -6.606  1.00 24.57 ? 50  LEU A N   1 
ATOM   363  C  CA  . LEU A 1 50  ? -14.990 -3.697  -6.420  1.00 23.08 ? 50  LEU A CA  1 
ATOM   364  C  C   . LEU A 1 50  ? -14.844 -3.389  -4.937  1.00 21.06 ? 50  LEU A C   1 
ATOM   365  O  O   . LEU A 1 50  ? -14.784 -2.201  -4.592  1.00 20.92 ? 50  LEU A O   1 
ATOM   366  C  CB  . LEU A 1 50  ? -16.058 -2.761  -6.998  1.00 27.49 ? 50  LEU A CB  1 
ATOM   367  C  CG  . LEU A 1 50  ? -15.929 -2.255  -8.428  1.00 30.24 ? 50  LEU A CG  1 
ATOM   368  C  CD1 . LEU A 1 50  ? -14.894 -2.960  -9.251  1.00 30.11 ? 50  LEU A CD1 1 
ATOM   369  C  CD2 . LEU A 1 50  ? -17.291 -2.195  -9.100  1.00 33.30 ? 50  LEU A CD2 1 
ATOM   370  N  N   . SER A 1 51  ? -14.794 -4.383  -4.055  1.00 20.45 ? 51  SER A N   1 
ATOM   371  C  CA  . SER A 1 51  ? -14.522 -4.111  -2.652  1.00 21.89 ? 51  SER A CA  1 
ATOM   372  C  C   . SER A 1 51  ? -14.037 -5.390  -2.000  1.00 21.59 ? 51  SER A C   1 
ATOM   373  O  O   . SER A 1 51  ? -14.155 -6.446  -2.646  1.00 24.38 ? 51  SER A O   1 
ATOM   374  C  CB  . SER A 1 51  ? -15.787 -3.637  -1.913  1.00 21.37 ? 51  SER A CB  1 
ATOM   375  O  OG  . SER A 1 51  ? -16.768 -4.671  -2.142  1.00 24.99 ? 51  SER A OG  1 
ATOM   376  N  N   . GLY A 1 52  ? -13.477 -5.293  -0.792  1.00 18.45 ? 52  GLY A N   1 
ATOM   377  C  CA  . GLY A 1 52  ? -13.097 -6.563  -0.136  1.00 18.65 ? 52  GLY A CA  1 
ATOM   378  C  C   . GLY A 1 52  ? -12.106 -6.246  1.002   1.00 20.27 ? 52  GLY A C   1 
ATOM   379  O  O   . GLY A 1 52  ? -11.855 -5.092  1.365   1.00 18.81 ? 52  GLY A O   1 
ATOM   380  N  N   . SER A 1 53  ? -11.533 -7.292  1.568   1.00 17.37 ? 53  SER A N   1 
ATOM   381  C  CA  . SER A 1 53  ? -10.547 -7.143  2.633   1.00 19.01 ? 53  SER A CA  1 
ATOM   382  C  C   . SER A 1 53  ? -9.140  -6.852  2.088   1.00 19.28 ? 53  SER A C   1 
ATOM   383  O  O   . SER A 1 53  ? -8.275  -6.410  2.868   1.00 20.03 ? 53  SER A O   1 
ATOM   384  C  CB  . SER A 1 53  ? -10.546 -8.402  3.485   1.00 16.50 ? 53  SER A CB  1 
ATOM   385  O  OG  . SER A 1 53  ? -10.150 -9.522  2.711   1.00 17.95 ? 53  SER A OG  1 
ATOM   386  N  N   . GLN A 1 54  ? -8.872  -7.074  0.805   1.00 18.09 ? 54  GLN A N   1 
ATOM   387  C  CA  . GLN A 1 54  ? -7.592  -6.732  0.225   1.00 19.18 ? 54  GLN A CA  1 
ATOM   388  C  C   . GLN A 1 54  ? -7.740  -6.122  -1.181  1.00 19.36 ? 54  GLN A C   1 
ATOM   389  O  O   . GLN A 1 54  ? -8.608  -6.476  -1.988  1.00 18.80 ? 54  GLN A O   1 
ATOM   390  C  CB  . GLN A 1 54  ? -6.626  -7.924  0.101   1.00 18.74 ? 54  GLN A CB  1 
ATOM   391  C  CG  . GLN A 1 54  ? -6.355  -8.755  1.341   1.00 21.16 ? 54  GLN A CG  1 
ATOM   392  C  CD  . GLN A 1 54  ? -5.669  -10.075 0.941   1.00 21.45 ? 54  GLN A CD  1 
ATOM   393  O  OE1 . GLN A 1 54  ? -6.195  -10.796 0.078   1.00 21.10 ? 54  GLN A OE1 1 
ATOM   394  N  NE2 . GLN A 1 54  ? -4.526  -10.352 1.550   1.00 19.97 ? 54  GLN A NE2 1 
ATOM   395  N  N   . TYR A 1 55  ? -6.807  -5.249  -1.510  1.00 18.10 ? 55  TYR A N   1 
ATOM   396  C  CA  . TYR A 1 55  ? -6.584  -4.797  -2.871  1.00 18.83 ? 55  TYR A CA  1 
ATOM   397  C  C   . TYR A 1 55  ? -5.099  -5.078  -3.191  1.00 19.16 ? 55  TYR A C   1 
ATOM   398  O  O   . TYR A 1 55  ? -4.205  -4.846  -2.326  1.00 18.05 ? 55  TYR A O   1 
ATOM   399  C  CB  . TYR A 1 55  ? -6.937  -3.299  -3.053  1.00 18.29 ? 55  TYR A CB  1 
ATOM   400  C  CG  . TYR A 1 55  ? -6.538  -2.820  -4.442  1.00 15.71 ? 55  TYR A CG  1 
ATOM   401  C  CD1 . TYR A 1 55  ? -7.359  -3.118  -5.565  1.00 17.35 ? 55  TYR A CD1 1 
ATOM   402  C  CD2 . TYR A 1 55  ? -5.374  -2.121  -4.628  1.00 16.42 ? 55  TYR A CD2 1 
ATOM   403  C  CE1 . TYR A 1 55  ? -6.939  -2.715  -6.821  1.00 17.43 ? 55  TYR A CE1 1 
ATOM   404  C  CE2 . TYR A 1 55  ? -4.943  -1.711  -5.872  1.00 18.82 ? 55  TYR A CE2 1 
ATOM   405  C  CZ  . TYR A 1 55  ? -5.752  -2.012  -6.965  1.00 19.69 ? 55  TYR A CZ  1 
ATOM   406  O  OH  . TYR A 1 55  ? -5.338  -1.577  -8.198  1.00 18.08 ? 55  TYR A OH  1 
ATOM   407  N  N   . ALA A 1 56  ? -4.839  -5.587  -4.372  1.00 14.54 ? 56  ALA A N   1 
ATOM   408  C  CA  . ALA A 1 56  ? -3.442  -5.848  -4.756  1.00 17.04 ? 56  ALA A CA  1 
ATOM   409  C  C   . ALA A 1 56  ? -3.187  -5.632  -6.236  1.00 17.75 ? 56  ALA A C   1 
ATOM   410  O  O   . ALA A 1 56  ? -4.103  -5.773  -7.056  1.00 18.62 ? 56  ALA A O   1 
ATOM   411  C  CB  . ALA A 1 56  ? -3.101  -7.309  -4.436  1.00 17.49 ? 56  ALA A CB  1 
ATOM   412  N  N   . ILE A 1 57  ? -1.912  -5.328  -6.538  1.00 17.07 ? 57  ILE A N   1 
ATOM   413  C  CA  . ILE A 1 57  ? -1.561  -5.078  -7.936  1.00 17.10 ? 57  ILE A CA  1 
ATOM   414  C  C   . ILE A 1 57  ? -0.074  -5.365  -8.138  1.00 18.48 ? 57  ILE A C   1 
ATOM   415  O  O   . ILE A 1 57  ? 0.685   -5.260  -7.195  1.00 17.50 ? 57  ILE A O   1 
ATOM   416  C  CB  . ILE A 1 57  ? -1.941  -3.643  -8.347  1.00 18.92 ? 57  ILE A CB  1 
ATOM   417  C  CG1 . ILE A 1 57  ? -1.815  -3.523  -9.881  1.00 17.08 ? 57  ILE A CG1 1 
ATOM   418  C  CG2 . ILE A 1 57  ? -1.184  -2.553  -7.609  1.00 16.82 ? 57  ILE A CG2 1 
ATOM   419  C  CD1 . ILE A 1 57  ? -2.274  -2.147  -10.334 1.00 17.80 ? 57  ILE A CD1 1 
ATOM   420  N  N   . SER A 1 58  ? 0.317   -5.808  -9.329  1.00 18.16 ? 58  SER A N   1 
ATOM   421  C  CA  . SER A 1 58  ? 1.672   -6.117  -9.711  1.00 20.10 ? 58  SER A CA  1 
ATOM   422  C  C   . SER A 1 58  ? 2.175   -5.088  -10.744 1.00 20.45 ? 58  SER A C   1 
ATOM   423  O  O   . SER A 1 58  ? 1.380   -4.545  -11.515 1.00 18.87 ? 58  SER A O   1 
ATOM   424  C  CB  . SER A 1 58  ? 1.613   -7.467  -10.552 1.00 21.98 ? 58  SER A CB  1 
ATOM   425  O  OG  . SER A 1 58  ? 1.951   -8.431  -9.556  1.00 36.46 ? 58  SER A OG  1 
ATOM   426  N  N   . SER A 1 59  ? 3.472   -4.925  -10.809 1.00 20.00 ? 59  SER A N   1 
ATOM   427  C  CA  . SER A 1 59  ? 4.138   -3.971  -11.659 1.00 19.57 ? 59  SER A CA  1 
ATOM   428  C  C   . SER A 1 59  ? 3.855   -4.343  -13.131 1.00 20.48 ? 59  SER A C   1 
ATOM   429  O  O   . SER A 1 59  ? 3.941   -5.507  -13.449 1.00 20.13 ? 59  SER A O   1 
ATOM   430  C  CB  . SER A 1 59  ? 5.628   -3.984  -11.403 1.00 18.72 ? 59  SER A CB  1 
ATOM   431  O  OG  . SER A 1 59  ? 6.407   -3.323  -12.356 1.00 16.20 ? 59  SER A OG  1 
ATOM   432  N  N   . THR A 1 60  ? 3.569   -3.301  -13.915 1.00 21.08 ? 60  THR A N   1 
ATOM   433  C  CA  . THR A 1 60  ? 3.523   -3.582  -15.370 1.00 24.67 ? 60  THR A CA  1 
ATOM   434  C  C   . THR A 1 60  ? 4.895   -3.430  -15.969 1.00 24.94 ? 60  THR A C   1 
ATOM   435  O  O   . THR A 1 60  ? 5.068   -3.883  -17.108 1.00 27.89 ? 60  THR A O   1 
ATOM   436  C  CB  . THR A 1 60  ? 2.502   -2.678  -16.084 1.00 23.81 ? 60  THR A CB  1 
ATOM   437  O  OG1 . THR A 1 60  ? 2.831   -1.303  -15.832 1.00 23.36 ? 60  THR A OG1 1 
ATOM   438  C  CG2 . THR A 1 60  ? 1.111   -2.935  -15.505 1.00 22.67 ? 60  THR A CG2 1 
ATOM   439  N  N   . ALA A 1 61  ? 5.851   -2.810  -15.297 1.00 25.84 ? 61  ALA A N   1 
ATOM   440  C  CA  . ALA A 1 61  ? 7.231   -2.775  -15.781 1.00 25.24 ? 61  ALA A CA  1 
ATOM   441  C  C   . ALA A 1 61  ? 7.866   -4.142  -15.715 1.00 26.89 ? 61  ALA A C   1 
ATOM   442  O  O   . ALA A 1 61  ? 8.457   -4.621  -16.714 1.00 27.71 ? 61  ALA A O   1 
ATOM   443  C  CB  . ALA A 1 61  ? 8.021   -1.704  -15.060 1.00 27.42 ? 61  ALA A CB  1 
ATOM   444  N  N   . ASN A 1 62  ? 7.772   -4.899  -14.619 1.00 23.70 ? 62  ASN A N   1 
ATOM   445  C  CA  . ASN A 1 62  ? 8.611   -6.111  -14.522 1.00 20.95 ? 62  ASN A CA  1 
ATOM   446  C  C   . ASN A 1 62  ? 7.750   -7.300  -14.218 1.00 21.42 ? 62  ASN A C   1 
ATOM   447  O  O   . ASN A 1 62  ? 8.203   -8.429  -14.138 1.00 20.64 ? 62  ASN A O   1 
ATOM   448  C  CB  . ASN A 1 62  ? 9.772   -5.922  -13.541 1.00 21.89 ? 62  ASN A CB  1 
ATOM   449  C  CG  . ASN A 1 62  ? 9.325   -5.782  -12.082 1.00 21.10 ? 62  ASN A CG  1 
ATOM   450  O  OD1 . ASN A 1 62  ? 8.215   -6.198  -11.689 1.00 17.44 ? 62  ASN A OD1 1 
ATOM   451  N  ND2 . ASN A 1 62  ? 10.207  -5.224  -11.262 1.00 22.93 ? 62  ASN A ND2 1 
ATOM   452  N  N   . GLN A 1 63  ? 6.429   -7.105  -14.056 1.00 20.98 ? 63  GLN A N   1 
ATOM   453  C  CA  . GLN A 1 63  ? 5.524   -8.222  -13.824 1.00 22.85 ? 63  GLN A CA  1 
ATOM   454  C  C   . GLN A 1 63  ? 5.677   -8.927  -12.504 1.00 24.32 ? 63  GLN A C   1 
ATOM   455  O  O   . GLN A 1 63  ? 4.958   -9.893  -12.232 1.00 25.69 ? 63  GLN A O   1 
ATOM   456  C  CB  . GLN A 1 63  ? 5.652   -9.268  -14.945 1.00 30.36 ? 63  GLN A CB  1 
ATOM   457  C  CG  . GLN A 1 63  ? 5.388   -8.734  -16.344 1.00 35.63 ? 63  GLN A CG  1 
ATOM   458  C  CD  . GLN A 1 63  ? 3.903   -8.418  -16.491 1.00 40.58 ? 63  GLN A CD  1 
ATOM   459  O  OE1 . GLN A 1 63  ? 3.492   -7.291  -16.700 1.00 43.45 ? 63  GLN A OE1 1 
ATOM   460  N  NE2 . GLN A 1 63  ? 3.103   -9.473  -16.365 1.00 44.29 ? 63  GLN A NE2 1 
ATOM   461  N  N   . VAL A 1 64  ? 6.601   -8.567  -11.612 1.00 22.02 ? 64  VAL A N   1 
ATOM   462  C  CA  . VAL A 1 64  ? 6.713   -9.337  -10.369 1.00 20.77 ? 64  VAL A CA  1 
ATOM   463  C  C   . VAL A 1 64  ? 6.529   -8.469  -9.133  1.00 19.46 ? 64  VAL A C   1 
ATOM   464  O  O   . VAL A 1 64  ? 5.901   -8.913  -8.199  1.00 19.92 ? 64  VAL A O   1 
ATOM   465  C  CB  . VAL A 1 64  ? 8.001   -10.179 -10.328 1.00 19.99 ? 64  VAL A CB  1 
ATOM   466  C  CG1 A VAL A 1 64  ? 9.091   -9.456  -11.132 0.50 20.37 ? 64  VAL A CG1 1 
ATOM   467  C  CG1 B VAL A 1 64  ? 8.389   -10.729 -11.685 0.50 16.33 ? 64  VAL A CG1 1 
ATOM   468  C  CG2 A VAL A 1 64  ? 8.484   -10.603 -8.968  0.50 15.46 ? 64  VAL A CG2 1 
ATOM   469  C  CG2 B VAL A 1 64  ? 9.135   -9.430  -9.650  0.50 17.67 ? 64  VAL A CG2 1 
ATOM   470  N  N   . THR A 1 65  ? 7.124   -7.265  -9.092  1.00 16.81 ? 65  THR A N   1 
ATOM   471  C  CA  . THR A 1 65  ? 7.079   -6.468  -7.879  1.00 18.34 ? 65  THR A CA  1 
ATOM   472  C  C   . THR A 1 65  ? 5.638   -6.036  -7.578  1.00 17.93 ? 65  THR A C   1 
ATOM   473  O  O   . THR A 1 65  ? 4.899   -5.805  -8.554  1.00 15.95 ? 65  THR A O   1 
ATOM   474  C  CB  . THR A 1 65  ? 7.965   -5.220  -8.026  1.00 19.38 ? 65  THR A CB  1 
ATOM   475  O  OG1 . THR A 1 65  ? 9.280   -5.750  -8.314  1.00 22.21 ? 65  THR A OG1 1 
ATOM   476  C  CG2 . THR A 1 65  ? 8.006   -4.385  -6.768  1.00 20.95 ? 65  THR A CG2 1 
ATOM   477  N  N   . ALA A 1 66  ? 5.257   -6.094  -6.327  1.00 15.74 ? 66  ALA A N   1 
ATOM   478  C  CA  . ALA A 1 66  ? 3.829   -5.922  -5.993  1.00 16.25 ? 66  ALA A CA  1 
ATOM   479  C  C   . ALA A 1 66  ? 3.623   -5.342  -4.597  1.00 16.88 ? 66  ALA A C   1 
ATOM   480  O  O   . ALA A 1 66  ? 4.594   -5.212  -3.810  1.00 14.92 ? 66  ALA A O   1 
ATOM   481  C  CB  . ALA A 1 66  ? 3.194   -7.341  -6.067  1.00 18.17 ? 66  ALA A CB  1 
ATOM   482  N  N   . PHE A 1 67  ? 2.351   -5.004  -4.275  1.00 15.60 ? 67  PHE A N   1 
ATOM   483  C  CA  . PHE A 1 67  ? 1.966   -4.615  -2.949  1.00 15.76 ? 67  PHE A CA  1 
ATOM   484  C  C   . PHE A 1 67  ? 0.532   -5.152  -2.728  1.00 17.38 ? 67  PHE A C   1 
ATOM   485  O  O   . PHE A 1 67  ? -0.181  -5.404  -3.683  1.00 14.55 ? 67  PHE A O   1 
ATOM   486  C  CB  . PHE A 1 67  ? 2.030   -3.129  -2.619  1.00 17.03 ? 67  PHE A CB  1 
ATOM   487  C  CG  . PHE A 1 67  ? 0.982   -2.247  -3.259  1.00 19.10 ? 67  PHE A CG  1 
ATOM   488  C  CD1 . PHE A 1 67  ? 1.214   -1.678  -4.507  1.00 20.30 ? 67  PHE A CD1 1 
ATOM   489  C  CD2 . PHE A 1 67  ? -0.219  -1.996  -2.616  1.00 18.22 ? 67  PHE A CD2 1 
ATOM   490  C  CE1 . PHE A 1 67  ? 0.260   -0.867  -5.114  1.00 19.24 ? 67  PHE A CE1 1 
ATOM   491  C  CE2 . PHE A 1 67  ? -1.175  -1.206  -3.221  1.00 21.42 ? 67  PHE A CE2 1 
ATOM   492  C  CZ  . PHE A 1 67  ? -0.938  -0.636  -4.464  1.00 19.89 ? 67  PHE A CZ  1 
ATOM   493  N  N   . VAL A 1 68  ? 0.204   -5.383  -1.484  1.00 16.47 ? 68  VAL A N   1 
ATOM   494  C  CA  . VAL A 1 68  ? -1.081  -5.877  -1.041  1.00 18.12 ? 68  VAL A CA  1 
ATOM   495  C  C   . VAL A 1 68  ? -1.529  -4.899  0.093   1.00 18.02 ? 68  VAL A C   1 
ATOM   496  O  O   . VAL A 1 68  ? -0.729  -4.687  0.997   1.00 17.88 ? 68  VAL A O   1 
ATOM   497  C  CB  . VAL A 1 68  ? -1.131  -7.311  -0.503  1.00 18.99 ? 68  VAL A CB  1 
ATOM   498  C  CG1 . VAL A 1 68  ? -2.581  -7.628  -0.067  1.00 16.97 ? 68  VAL A CG1 1 
ATOM   499  C  CG2 . VAL A 1 68  ? -0.720  -8.342  -1.572  1.00 23.78 ? 68  VAL A CG2 1 
ATOM   500  N  N   . ALA A 1 69  ? -2.683  -4.330  -0.125  1.00 15.20 ? 69  ALA A N   1 
ATOM   501  C  CA  . ALA A 1 69  ? -3.273  -3.380  0.802   1.00 17.14 ? 69  ALA A CA  1 
ATOM   502  C  C   . ALA A 1 69  ? -4.374  -4.104  1.567   1.00 17.22 ? 69  ALA A C   1 
ATOM   503  O  O   . ALA A 1 69  ? -5.215  -4.774  0.916   1.00 18.65 ? 69  ALA A O   1 
ATOM   504  C  CB  . ALA A 1 69  ? -3.826  -2.135  0.102   1.00 14.26 ? 69  ALA A CB  1 
ATOM   505  N  N   . GLY A 1 70  ? -4.339  -4.024  2.905   1.00 16.96 ? 70  GLY A N   1 
ATOM   506  C  CA  . GLY A 1 70  ? -5.381  -4.845  3.603   1.00 17.87 ? 70  GLY A CA  1 
ATOM   507  C  C   . GLY A 1 70  ? -6.211  -4.015  4.561   1.00 17.17 ? 70  GLY A C   1 
ATOM   508  O  O   . GLY A 1 70  ? -5.735  -3.026  5.166   1.00 15.49 ? 70  GLY A O   1 
ATOM   509  N  N   . GLY A 1 71  ? -7.500  -4.434  4.717   1.00 16.59 ? 71  GLY A N   1 
ATOM   510  C  CA  . GLY A 1 71  ? -8.368  -3.794  5.699   1.00 16.12 ? 71  GLY A CA  1 
ATOM   511  C  C   . GLY A 1 71  ? -9.839  -3.933  5.282   1.00 17.68 ? 71  GLY A C   1 
ATOM   512  O  O   . GLY A 1 71  ? -10.313 -5.043  5.178   1.00 15.23 ? 71  GLY A O   1 
ATOM   513  N  N   . ASN A 1 72  ? -10.518 -2.809  5.048   1.00 16.41 ? 72  ASN A N   1 
ATOM   514  C  CA  . ASN A 1 72  ? -11.879 -2.947  4.449   1.00 18.22 ? 72  ASN A CA  1 
ATOM   515  C  C   . ASN A 1 72  ? -12.032 -1.881  3.393   1.00 16.97 ? 72  ASN A C   1 
ATOM   516  O  O   . ASN A 1 72  ? -12.118 -0.699  3.752   1.00 19.42 ? 72  ASN A O   1 
ATOM   517  C  CB  . ASN A 1 72  ? -12.913 -2.684  5.610   1.00 16.89 ? 72  ASN A CB  1 
ATOM   518  C  CG  . ASN A 1 72  ? -14.325 -2.714  5.101   1.00 29.93 ? 72  ASN A CG  1 
ATOM   519  O  OD1 . ASN A 1 72  ? -15.189 -1.943  5.572   1.00 34.55 ? 72  ASN A OD1 1 
ATOM   520  N  ND2 . ASN A 1 72  ? -14.582 -3.563  4.140   1.00 27.17 ? 72  ASN A ND2 1 
ATOM   521  N  N   . LEU A 1 73  ? -12.030 -2.224  2.112   1.00 16.14 ? 73  LEU A N   1 
ATOM   522  C  CA  . LEU A 1 73  ? -11.747 -1.216  1.092   1.00 18.04 ? 73  LEU A CA  1 
ATOM   523  C  C   . LEU A 1 73  ? -12.866 -1.320  0.058   1.00 21.52 ? 73  LEU A C   1 
ATOM   524  O  O   . LEU A 1 73  ? -13.372 -2.443  -0.167  1.00 20.94 ? 73  LEU A O   1 
ATOM   525  C  CB  . LEU A 1 73  ? -10.401 -1.510  0.392   1.00 19.56 ? 73  LEU A CB  1 
ATOM   526  C  CG  . LEU A 1 73  ? -9.169  -1.360  1.311   1.00 19.22 ? 73  LEU A CG  1 
ATOM   527  C  CD1 . LEU A 1 73  ? -7.965  -2.016  0.603   1.00 21.44 ? 73  LEU A CD1 1 
ATOM   528  C  CD2 . LEU A 1 73  ? -8.833  0.129   1.582   1.00 17.68 ? 73  LEU A CD2 1 
ATOM   529  N  N   . THR A 1 74  ? -13.268 -0.161  -0.440  1.00 20.02 ? 74  THR A N   1 
ATOM   530  C  CA  . THR A 1 74  ? -14.219 -0.183  -1.561  1.00 19.04 ? 74  THR A CA  1 
ATOM   531  C  C   . THR A 1 74  ? -13.908 0.912   -2.551  1.00 18.76 ? 74  THR A C   1 
ATOM   532  O  O   . THR A 1 74  ? -13.416 1.991   -2.218  1.00 17.25 ? 74  THR A O   1 
ATOM   533  C  CB  . THR A 1 74  ? -15.666 -0.358  -1.165  1.00 26.99 ? 74  THR A CB  1 
ATOM   534  O  OG1 . THR A 1 74  ? -16.603 0.510   -1.768  1.00 30.89 ? 74  THR A OG1 1 
ATOM   535  C  CG2 . THR A 1 74  ? -15.905 -0.544  0.289   1.00 14.80 ? 74  THR A CG2 1 
ATOM   536  N  N   . TYR A 1 75  ? -14.098 0.578   -3.832  1.00 17.51 ? 75  TYR A N   1 
ATOM   537  C  CA  . TYR A 1 75  ? -13.847 1.536   -4.911  1.00 16.70 ? 75  TYR A CA  1 
ATOM   538  C  C   . TYR A 1 75  ? -15.171 1.950   -5.559  1.00 16.80 ? 75  TYR A C   1 
ATOM   539  O  O   . TYR A 1 75  ? -15.976 1.042   -5.797  1.00 15.68 ? 75  TYR A O   1 
ATOM   540  C  CB  . TYR A 1 75  ? -12.998 0.838   -5.979  1.00 16.07 ? 75  TYR A CB  1 
ATOM   541  C  CG  . TYR A 1 75  ? -12.554 1.637   -7.170  1.00 16.57 ? 75  TYR A CG  1 
ATOM   542  C  CD1 . TYR A 1 75  ? -11.832 2.827   -7.061  1.00 16.55 ? 75  TYR A CD1 1 
ATOM   543  C  CD2 . TYR A 1 75  ? -12.856 1.167   -8.441  1.00 19.20 ? 75  TYR A CD2 1 
ATOM   544  C  CE1 . TYR A 1 75  ? -11.429 3.524   -8.218  1.00 16.45 ? 75  TYR A CE1 1 
ATOM   545  C  CE2 . TYR A 1 75  ? -12.442 1.841   -9.560  1.00 14.89 ? 75  TYR A CE2 1 
ATOM   546  C  CZ  . TYR A 1 75  ? -11.740 3.008   -9.449  1.00 15.82 ? 75  TYR A CZ  1 
ATOM   547  O  OH  . TYR A 1 75  ? -11.355 3.609   -10.634 1.00 18.74 ? 75  TYR A OH  1 
ATOM   548  N  N   . THR A 1 76  ? -15.371 3.218   -5.824  1.00 16.55 ? 76  THR A N   1 
ATOM   549  C  CA  . THR A 1 76  ? -16.732 3.612   -6.306  1.00 18.22 ? 76  THR A CA  1 
ATOM   550  C  C   . THR A 1 76  ? -16.820 3.424   -7.825  1.00 19.29 ? 76  THR A C   1 
ATOM   551  O  O   . THR A 1 76  ? -17.913 3.629   -8.368  1.00 22.87 ? 76  THR A O   1 
ATOM   552  C  CB  . THR A 1 76  ? -16.949 5.110   -6.024  1.00 16.88 ? 76  THR A CB  1 
ATOM   553  O  OG1 . THR A 1 76  ? -15.892 5.872   -6.718  1.00 17.02 ? 76  THR A OG1 1 
ATOM   554  C  CG2 . THR A 1 76  ? -16.838 5.412   -4.539  1.00 17.10 ? 76  THR A CG2 1 
ATOM   555  N  N   . LEU A 1 77  ? -15.741 3.183   -8.537  1.00 20.36 ? 77  LEU A N   1 
ATOM   556  C  CA  . LEU A 1 77  ? -15.815 3.085   -10.013 1.00 20.99 ? 77  LEU A CA  1 
ATOM   557  C  C   . LEU A 1 77  ? -16.539 4.315   -10.573 1.00 20.74 ? 77  LEU A C   1 
ATOM   558  O  O   . LEU A 1 77  ? -15.941 5.400   -10.531 1.00 19.47 ? 77  LEU A O   1 
ATOM   559  C  CB  . LEU A 1 77  ? -16.454 1.778   -10.428 1.00 20.57 ? 77  LEU A CB  1 
ATOM   560  C  CG  . LEU A 1 77  ? -16.430 1.428   -11.921 1.00 20.52 ? 77  LEU A CG  1 
ATOM   561  C  CD1 . LEU A 1 77  ? -15.018 1.258   -12.435 1.00 21.23 ? 77  LEU A CD1 1 
ATOM   562  C  CD2 . LEU A 1 77  ? -17.226 0.147   -12.164 1.00 24.29 ? 77  LEU A CD2 1 
ATOM   563  N  N   . PHE A 1 78  ? -17.757 4.219   -11.099 1.00 22.06 ? 78  PHE A N   1 
ATOM   564  C  CA  . PHE A 1 78  ? -18.417 5.427   -11.617 1.00 25.40 ? 78  PHE A CA  1 
ATOM   565  C  C   . PHE A 1 78  ? -19.410 6.083   -10.661 1.00 26.45 ? 78  PHE A C   1 
ATOM   566  O  O   . PHE A 1 78  ? -19.871 7.176   -10.982 1.00 27.97 ? 78  PHE A O   1 
ATOM   567  C  CB  . PHE A 1 78  ? -19.192 5.098   -12.932 1.00 26.07 ? 78  PHE A CB  1 
ATOM   568  C  CG  . PHE A 1 78  ? -18.253 4.441   -13.906 1.00 24.43 ? 78  PHE A CG  1 
ATOM   569  C  CD1 . PHE A 1 78  ? -17.145 5.152   -14.365 1.00 26.62 ? 78  PHE A CD1 1 
ATOM   570  C  CD2 . PHE A 1 78  ? -18.435 3.137   -14.326 1.00 27.70 ? 78  PHE A CD2 1 
ATOM   571  C  CE1 . PHE A 1 78  ? -16.250 4.592   -15.241 1.00 27.13 ? 78  PHE A CE1 1 
ATOM   572  C  CE2 . PHE A 1 78  ? -17.528 2.592   -15.218 1.00 23.53 ? 78  PHE A CE2 1 
ATOM   573  C  CZ  . PHE A 1 78  ? -16.442 3.301   -15.659 1.00 23.98 ? 78  PHE A CZ  1 
ATOM   574  N  N   . ASN A 1 79  ? -19.751 5.497   -9.542  1.00 26.88 ? 79  ASN A N   1 
ATOM   575  C  CA  . ASN A 1 79  ? -20.565 6.166   -8.516  1.00 28.20 ? 79  ASN A CA  1 
ATOM   576  C  C   . ASN A 1 79  ? -19.844 7.375   -7.934  1.00 28.53 ? 79  ASN A C   1 
ATOM   577  O  O   . ASN A 1 79  ? -18.618 7.379   -7.845  1.00 27.75 ? 79  ASN A O   1 
ATOM   578  C  CB  . ASN A 1 79  ? -20.906 5.179   -7.405  1.00 29.63 ? 79  ASN A CB  1 
ATOM   579  C  CG  . ASN A 1 79  ? -21.634 3.940   -7.845  1.00 36.76 ? 79  ASN A CG  1 
ATOM   580  O  OD1 . ASN A 1 79  ? -22.646 3.959   -8.549  1.00 41.89 ? 79  ASN A OD1 1 
ATOM   581  N  ND2 . ASN A 1 79  ? -21.176 2.758   -7.463  1.00 38.85 ? 79  ASN A ND2 1 
ATOM   582  N  N   . GLU A 1 80  ? -20.583 8.421   -7.514  1.00 27.68 ? 80  GLU A N   1 
ATOM   583  C  CA  . GLU A 1 80  ? -19.917 9.661   -7.088  1.00 29.06 ? 80  GLU A CA  1 
ATOM   584  C  C   . GLU A 1 80  ? -19.361 9.484   -5.695  1.00 25.06 ? 80  GLU A C   1 
ATOM   585  O  O   . GLU A 1 80  ? -19.912 8.678   -4.939  1.00 26.47 ? 80  GLU A O   1 
ATOM   586  C  CB  . GLU A 1 80  ? -20.968 10.790  -7.067  1.00 38.04 ? 80  GLU A CB  1 
ATOM   587  C  CG  . GLU A 1 80  ? -21.825 10.869  -8.288  1.00 45.84 ? 80  GLU A CG  1 
ATOM   588  C  CD  . GLU A 1 80  ? -22.933 9.871   -8.492  1.00 48.62 ? 80  GLU A CD  1 
ATOM   589  O  OE1 . GLU A 1 80  ? -23.209 8.928   -7.722  1.00 50.43 ? 80  GLU A OE1 1 
ATOM   590  O  OE2 . GLU A 1 80  ? -23.625 10.009  -9.534  1.00 55.19 ? 80  GLU A OE2 1 
ATOM   591  N  N   . PRO A 1 81  ? -18.285 10.112  -5.331  1.00 25.92 ? 81  PRO A N   1 
ATOM   592  C  CA  . PRO A 1 81  ? -17.369 10.756  -6.254  1.00 24.99 ? 81  PRO A CA  1 
ATOM   593  C  C   . PRO A 1 81  ? -16.629 9.716   -7.073  1.00 22.07 ? 81  PRO A C   1 
ATOM   594  O  O   . PRO A 1 81  ? -16.139 8.730   -6.515  1.00 21.30 ? 81  PRO A O   1 
ATOM   595  C  CB  . PRO A 1 81  ? -16.387 11.483  -5.351  1.00 26.26 ? 81  PRO A CB  1 
ATOM   596  C  CG  . PRO A 1 81  ? -16.709 11.168  -3.972  1.00 27.66 ? 81  PRO A CG  1 
ATOM   597  C  CD  . PRO A 1 81  ? -17.818 10.179  -3.909  1.00 26.27 ? 81  PRO A CD  1 
ATOM   598  N  N   . ALA A 1 82  ? -16.512 9.884   -8.383  1.00 22.76 ? 82  ALA A N   1 
ATOM   599  C  CA  . ALA A 1 82  ? -16.004 8.784   -9.205  1.00 20.80 ? 82  ALA A CA  1 
ATOM   600  C  C   . ALA A 1 82  ? -14.541 8.449   -8.855  1.00 17.30 ? 82  ALA A C   1 
ATOM   601  O  O   . ALA A 1 82  ? -13.720 9.274   -8.520  1.00 17.72 ? 82  ALA A O   1 
ATOM   602  C  CB  . ALA A 1 82  ? -16.130 9.105   -10.687 1.00 21.96 ? 82  ALA A CB  1 
ATOM   603  N  N   . HIS A 1 83  ? -14.220 7.181   -9.054  1.00 18.30 ? 83  HIS A N   1 
ATOM   604  C  CA  . HIS A 1 83  ? -12.909 6.599   -9.028  1.00 17.04 ? 83  HIS A CA  1 
ATOM   605  C  C   . HIS A 1 83  ? -12.247 6.878   -7.666  1.00 17.58 ? 83  HIS A C   1 
ATOM   606  O  O   . HIS A 1 83  ? -11.154 7.375   -7.583  1.00 19.48 ? 83  HIS A O   1 
ATOM   607  C  CB  . HIS A 1 83  ? -12.071 7.068   -10.226 1.00 22.56 ? 83  HIS A CB  1 
ATOM   608  C  CG  . HIS A 1 83  ? -12.715 6.725   -11.548 1.00 20.48 ? 83  HIS A CG  1 
ATOM   609  N  ND1 . HIS A 1 83  ? -12.974 5.430   -11.940 1.00 20.55 ? 83  HIS A ND1 1 
ATOM   610  C  CD2 . HIS A 1 83  ? -13.166 7.535   -12.554 1.00 20.16 ? 83  HIS A CD2 1 
ATOM   611  C  CE1 . HIS A 1 83  ? -13.586 5.468   -13.128 1.00 17.80 ? 83  HIS A CE1 1 
ATOM   612  N  NE2 . HIS A 1 83  ? -13.664 6.718   -13.523 1.00 16.06 ? 83  HIS A NE2 1 
ATOM   613  N  N   . THR A 1 84  ? -12.993 6.596   -6.597  1.00 16.57 ? 84  THR A N   1 
ATOM   614  C  CA  . THR A 1 84  ? -12.454 6.772   -5.248  1.00 18.23 ? 84  THR A CA  1 
ATOM   615  C  C   . THR A 1 84  ? -12.306 5.459   -4.515  1.00 16.11 ? 84  THR A C   1 
ATOM   616  O  O   . THR A 1 84  ? -13.256 4.679   -4.371  1.00 17.93 ? 84  THR A O   1 
ATOM   617  C  CB  . THR A 1 84  ? -13.365 7.739   -4.453  1.00 19.99 ? 84  THR A CB  1 
ATOM   618  O  OG1 . THR A 1 84  ? -13.394 9.012   -5.112  1.00 23.79 ? 84  THR A OG1 1 
ATOM   619  C  CG2 . THR A 1 84  ? -12.801 7.874   -3.010  1.00 20.16 ? 84  THR A CG2 1 
ATOM   620  N  N   . LEU A 1 85  ? -11.110 5.150   -3.988  1.00 15.48 ? 85  LEU A N   1 
ATOM   621  C  CA  . LEU A 1 85  ? -10.958 4.116   -2.977  1.00 17.59 ? 85  LEU A CA  1 
ATOM   622  C  C   . LEU A 1 85  ? -11.141 4.620   -1.554  1.00 16.24 ? 85  LEU A C   1 
ATOM   623  O  O   . LEU A 1 85  ? -10.441 5.554   -1.146  1.00 18.28 ? 85  LEU A O   1 
ATOM   624  C  CB  . LEU A 1 85  ? -9.529  3.500   -3.074  1.00 18.31 ? 85  LEU A CB  1 
ATOM   625  C  CG  . LEU A 1 85  ? -9.235  2.255   -2.287  1.00 20.16 ? 85  LEU A CG  1 
ATOM   626  C  CD1 . LEU A 1 85  ? -10.080 1.105   -2.827  1.00 16.54 ? 85  LEU A CD1 1 
ATOM   627  C  CD2 . LEU A 1 85  ? -7.735  1.883   -2.344  1.00 18.59 ? 85  LEU A CD2 1 
ATOM   628  N  N   . TYR A 1 86  ? -12.036 4.043   -0.777  1.00 16.52 ? 86  TYR A N   1 
ATOM   629  C  CA  . TYR A 1 86  ? -12.233 4.556   0.593   1.00 18.86 ? 86  TYR A CA  1 
ATOM   630  C  C   . TYR A 1 86  ? -12.394 3.331   1.514   1.00 15.98 ? 86  TYR A C   1 
ATOM   631  O  O   . TYR A 1 86  ? -12.499 2.226   1.028   1.00 17.57 ? 86  TYR A O   1 
ATOM   632  C  CB  . TYR A 1 86  ? -13.418 5.544   0.695   1.00 15.97 ? 86  TYR A CB  1 
ATOM   633  C  CG  . TYR A 1 86  ? -14.736 4.812   0.479   1.00 20.45 ? 86  TYR A CG  1 
ATOM   634  C  CD1 . TYR A 1 86  ? -15.246 4.626   -0.811  1.00 19.69 ? 86  TYR A CD1 1 
ATOM   635  C  CD2 . TYR A 1 86  ? -15.439 4.278   1.552   1.00 19.58 ? 86  TYR A CD2 1 
ATOM   636  C  CE1 . TYR A 1 86  ? -16.428 3.929   -0.998  1.00 19.29 ? 86  TYR A CE1 1 
ATOM   637  C  CE2 . TYR A 1 86  ? -16.626 3.603   1.367   1.00 19.00 ? 86  TYR A CE2 1 
ATOM   638  C  CZ  . TYR A 1 86  ? -17.116 3.449   0.098   1.00 20.69 ? 86  TYR A CZ  1 
ATOM   639  O  OH  . TYR A 1 86  ? -18.275 2.751   -0.087  1.00 21.97 ? 86  TYR A OH  1 
ATOM   640  N  N   . GLY A 1 87  ? -12.403 3.539   2.798   1.00 15.12 ? 87  GLY A N   1 
ATOM   641  C  CA  . GLY A 1 87  ? -12.695 2.591   3.841   1.00 15.22 ? 87  GLY A CA  1 
ATOM   642  C  C   . GLY A 1 87  ? -11.525 2.583   4.844   1.00 17.06 ? 87  GLY A C   1 
ATOM   643  O  O   . GLY A 1 87  ? -11.024 3.675   5.196   1.00 17.61 ? 87  GLY A O   1 
ATOM   644  N  N   . GLN A 1 88  ? -11.136 1.412   5.292   1.00 14.39 ? 88  GLN A N   1 
ATOM   645  C  CA  . GLN A 1 88  ? -10.049 1.327   6.279   1.00 17.50 ? 88  GLN A CA  1 
ATOM   646  C  C   . GLN A 1 88  ? -8.837  0.586   5.691   1.00 18.08 ? 88  GLN A C   1 
ATOM   647  O  O   . GLN A 1 88  ? -8.903  -0.509  5.140   1.00 18.89 ? 88  GLN A O   1 
ATOM   648  C  CB  . GLN A 1 88  ? -10.493 0.549   7.521   1.00 19.65 ? 88  GLN A CB  1 
ATOM   649  C  CG  . GLN A 1 88  ? -11.676 1.159   8.243   1.00 28.58 ? 88  GLN A CG  1 
ATOM   650  C  CD  . GLN A 1 88  ? -12.257 0.187   9.270   1.00 35.84 ? 88  GLN A CD  1 
ATOM   651  O  OE1 . GLN A 1 88  ? -13.424 -0.220  9.156   1.00 35.39 ? 88  GLN A OE1 1 
ATOM   652  N  NE2 . GLN A 1 88  ? -11.381 -0.136  10.248  1.00 35.23 ? 88  GLN A NE2 1 
ATOM   653  N  N   . LEU A 1 89  ? -7.681  1.211   5.806   1.00 17.56 ? 89  LEU A N   1 
ATOM   654  C  CA  . LEU A 1 89  ? -6.423  0.609   5.380   1.00 17.80 ? 89  LEU A CA  1 
ATOM   655  C  C   . LEU A 1 89  ? -5.607  0.318   6.630   1.00 16.24 ? 89  LEU A C   1 
ATOM   656  O  O   . LEU A 1 89  ? -5.083  1.233   7.310   1.00 16.53 ? 89  LEU A O   1 
ATOM   657  C  CB  . LEU A 1 89  ? -5.611  1.603   4.517   1.00 17.25 ? 89  LEU A CB  1 
ATOM   658  C  CG  . LEU A 1 89  ? -4.251  1.077   3.996   1.00 18.45 ? 89  LEU A CG  1 
ATOM   659  C  CD1 . LEU A 1 89  ? -4.414  -0.085  3.068   1.00 16.67 ? 89  LEU A CD1 1 
ATOM   660  C  CD2 . LEU A 1 89  ? -3.519  2.209   3.222   1.00 20.27 ? 89  LEU A CD2 1 
ATOM   661  N  N   . ASP A 1 90  ? -5.448  -0.953  6.909   1.00 16.07 ? 90  ASP A N   1 
ATOM   662  C  CA  . ASP A 1 90  ? -4.751  -1.312  8.164   1.00 17.08 ? 90  ASP A CA  1 
ATOM   663  C  C   . ASP A 1 90  ? -3.428  -1.981  7.883   1.00 17.32 ? 90  ASP A C   1 
ATOM   664  O  O   . ASP A 1 90  ? -2.516  -1.932  8.707   1.00 16.07 ? 90  ASP A O   1 
ATOM   665  C  CB  . ASP A 1 90  ? -5.724  -2.177  8.973   1.00 23.65 ? 90  ASP A CB  1 
ATOM   666  C  CG  . ASP A 1 90  ? -5.512  -1.942  10.469  1.00 31.30 ? 90  ASP A CG  1 
ATOM   667  O  OD1 . ASP A 1 90  ? -5.558  -0.769  10.941  1.00 29.12 ? 90  ASP A OD1 1 
ATOM   668  O  OD2 . ASP A 1 90  ? -5.241  -2.995  11.134  1.00 34.45 ? 90  ASP A OD2 1 
ATOM   669  N  N   . SER A 1 91  ? -3.269  -2.620  6.707   1.00 14.26 ? 91  SER A N   1 
ATOM   670  C  CA  . SER A 1 91  ? -1.942  -3.209  6.428   1.00 15.84 ? 91  SER A CA  1 
ATOM   671  C  C   . SER A 1 91  ? -1.488  -2.965  5.011   1.00 15.34 ? 91  SER A C   1 
ATOM   672  O  O   . SER A 1 91  ? -2.275  -2.767  4.062   1.00 15.27 ? 91  SER A O   1 
ATOM   673  C  CB  . SER A 1 91  ? -1.919  -4.739  6.707   1.00 19.13 ? 91  SER A CB  1 
ATOM   674  O  OG  . SER A 1 91  ? -2.770  -5.341  5.759   1.00 27.32 ? 91  SER A OG  1 
ATOM   675  N  N   . LEU A 1 92  ? -0.165  -3.002  4.887   1.00 16.03 ? 92  LEU A N   1 
ATOM   676  C  CA  . LEU A 1 92  ? 0.446   -2.897  3.522   1.00 17.00 ? 92  LEU A CA  1 
ATOM   677  C  C   . LEU A 1 92  ? 1.599   -3.902  3.473   1.00 17.04 ? 92  LEU A C   1 
ATOM   678  O  O   . LEU A 1 92  ? 2.398   -3.881  4.442   1.00 19.04 ? 92  LEU A O   1 
ATOM   679  C  CB  . LEU A 1 92  ? 0.966   -1.508  3.394   1.00 19.88 ? 92  LEU A CB  1 
ATOM   680  C  CG  . LEU A 1 92  ? 0.655   -0.515  2.330   1.00 28.23 ? 92  LEU A CG  1 
ATOM   681  C  CD1 . LEU A 1 92  ? -0.538  -0.864  1.473   1.00 24.47 ? 92  LEU A CD1 1 
ATOM   682  C  CD2 . LEU A 1 92  ? 0.657   0.906   2.879   1.00 24.72 ? 92  LEU A CD2 1 
ATOM   683  N  N   . SER A 1 93  ? 1.755   -4.691  2.453   1.00 17.31 ? 93  SER A N   1 
ATOM   684  C  CA  . SER A 1 93  ? 2.919   -5.581  2.356   1.00 15.45 ? 93  SER A CA  1 
ATOM   685  C  C   . SER A 1 93  ? 3.558   -5.411  0.982   1.00 17.27 ? 93  SER A C   1 
ATOM   686  O  O   . SER A 1 93  ? 2.850   -5.152  -0.023  1.00 15.82 ? 93  SER A O   1 
ATOM   687  C  CB  . SER A 1 93  ? 2.489   -7.065  2.447   1.00 19.22 ? 93  SER A CB  1 
ATOM   688  O  OG  . SER A 1 93  ? 1.686   -7.237  3.613   1.00 30.27 ? 93  SER A OG  1 
ATOM   689  N  N   . PHE A 1 94  ? 4.855   -5.545  0.935   1.00 13.54 ? 94  PHE A N   1 
ATOM   690  C  CA  . PHE A 1 94  ? 5.666   -5.208  -0.209  1.00 17.06 ? 94  PHE A CA  1 
ATOM   691  C  C   . PHE A 1 94  ? 6.621   -6.354  -0.541  1.00 16.72 ? 94  PHE A C   1 
ATOM   692  O  O   . PHE A 1 94  ? 7.212   -6.955  0.362   1.00 20.83 ? 94  PHE A O   1 
ATOM   693  C  CB  . PHE A 1 94  ? 6.456   -3.909  0.012   1.00 13.92 ? 94  PHE A CB  1 
ATOM   694  C  CG  . PHE A 1 94  ? 5.671   -2.661  0.217   1.00 17.66 ? 94  PHE A CG  1 
ATOM   695  C  CD1 . PHE A 1 94  ? 5.256   -1.880  -0.839  1.00 14.03 ? 94  PHE A CD1 1 
ATOM   696  C  CD2 . PHE A 1 94  ? 5.339   -2.217  1.505   1.00 18.50 ? 94  PHE A CD2 1 
ATOM   697  C  CE1 . PHE A 1 94  ? 4.544   -0.708  -0.678  1.00 18.71 ? 94  PHE A CE1 1 
ATOM   698  C  CE2 . PHE A 1 94  ? 4.582   -1.065  1.675   1.00 16.75 ? 94  PHE A CE2 1 
ATOM   699  C  CZ  . PHE A 1 94  ? 4.175   -0.293  0.594   1.00 18.85 ? 94  PHE A CZ  1 
ATOM   700  N  N   . GLY A 1 95  ? 6.785   -6.662  -1.807  1.00 18.76 ? 95  GLY A N   1 
ATOM   701  C  CA  . GLY A 1 95  ? 7.913   -7.612  -2.173  1.00 18.33 ? 95  GLY A CA  1 
ATOM   702  C  C   . GLY A 1 95  ? 7.612   -8.084  -3.602  1.00 20.08 ? 95  GLY A C   1 
ATOM   703  O  O   . GLY A 1 95  ? 7.049   -7.286  -4.389  1.00 19.76 ? 95  GLY A O   1 
ATOM   704  N  N   . ASP A 1 96  ? 7.994   -9.309  -3.928  1.00 17.11 ? 96  ASP A N   1 
ATOM   705  C  CA  . ASP A 1 96  ? 8.045   -9.733  -5.329  1.00 18.09 ? 96  ASP A CA  1 
ATOM   706  C  C   . ASP A 1 96  ? 7.092   -10.920 -5.427  1.00 18.25 ? 96  ASP A C   1 
ATOM   707  O  O   . ASP A 1 96  ? 7.203   -11.752 -4.516  1.00 19.40 ? 96  ASP A O   1 
ATOM   708  C  CB  . ASP A 1 96  ? 9.469   -10.227 -5.682  1.00 18.15 ? 96  ASP A CB  1 
ATOM   709  C  CG  . ASP A 1 96  ? 10.396  -9.102  -6.085  1.00 23.65 ? 96  ASP A CG  1 
ATOM   710  O  OD1 . ASP A 1 96  ? 9.908   -7.950  -6.253  1.00 20.60 ? 96  ASP A OD1 1 
ATOM   711  O  OD2 . ASP A 1 96  ? 11.622  -9.347  -6.250  1.00 21.31 ? 96  ASP A OD2 1 
ATOM   712  N  N   . GLY A 1 97  ? 6.223   -10.958 -6.414  1.00 17.65 ? 97  GLY A N   1 
ATOM   713  C  CA  . GLY A 1 97  ? 5.452   -12.154 -6.691  1.00 19.05 ? 97  GLY A CA  1 
ATOM   714  C  C   . GLY A 1 97  ? 4.101   -12.064 -5.968  1.00 22.60 ? 97  GLY A C   1 
ATOM   715  O  O   . GLY A 1 97  ? 4.046   -11.957 -4.747  1.00 24.17 ? 97  GLY A O   1 
ATOM   716  N  N   . LEU A 1 98  ? 3.032   -12.039 -6.749  1.00 22.85 ? 98  LEU A N   1 
ATOM   717  C  CA  . LEU A 1 98  ? 1.685   -11.996 -6.177  1.00 23.61 ? 98  LEU A CA  1 
ATOM   718  C  C   . LEU A 1 98  ? 1.007   -13.328 -6.433  1.00 25.69 ? 98  LEU A C   1 
ATOM   719  O  O   . LEU A 1 98  ? 1.032   -13.710 -7.599  1.00 26.01 ? 98  LEU A O   1 
ATOM   720  C  CB  . LEU A 1 98  ? 0.903   -10.876 -6.895  1.00 23.50 ? 98  LEU A CB  1 
ATOM   721  C  CG  . LEU A 1 98  ? -0.256  -10.239 -6.154  1.00 28.98 ? 98  LEU A CG  1 
ATOM   722  C  CD1 . LEU A 1 98  ? 0.039   -9.781  -4.732  1.00 22.75 ? 98  LEU A CD1 1 
ATOM   723  C  CD2 . LEU A 1 98  ? -0.722  -8.984  -6.936  1.00 28.25 ? 98  LEU A CD2 1 
ATOM   724  N  N   . SER A 1 99  ? 0.442   -13.993 -5.441  1.00 26.27 ? 99  SER A N   1 
ATOM   725  C  CA  . SER A 1 99  ? -0.411  -15.150 -5.713  1.00 26.31 ? 99  SER A CA  1 
ATOM   726  C  C   . SER A 1 99  ? -1.765  -14.989 -4.974  1.00 26.17 ? 99  SER A C   1 
ATOM   727  O  O   . SER A 1 99  ? -1.903  -14.161 -4.077  1.00 23.19 ? 99  SER A O   1 
ATOM   728  C  CB  . SER A 1 99  ? 0.233   -16.429 -5.193  1.00 27.95 ? 99  SER A CB  1 
ATOM   729  O  OG  . SER A 1 99  ? 0.504   -16.255 -3.789  1.00 36.75 ? 99  SER A OG  1 
ATOM   730  N  N   . GLY A 1 100 ? -2.707  -15.862 -5.350  1.00 25.54 ? 100 GLY A N   1 
ATOM   731  C  CA  . GLY A 1 100 ? -3.998  -15.886 -4.669  1.00 23.30 ? 100 GLY A CA  1 
ATOM   732  C  C   . GLY A 1 100 ? -4.888  -14.766 -5.191  1.00 25.64 ? 100 GLY A C   1 
ATOM   733  O  O   . GLY A 1 100 ? -4.714  -14.190 -6.263  1.00 22.13 ? 100 GLY A O   1 
ATOM   734  N  N   . GLY A 1 101 ? -5.901  -14.412 -4.380  1.00 25.82 ? 101 GLY A N   1 
ATOM   735  C  CA  . GLY A 1 101 ? -6.793  -13.330 -4.716  1.00 27.48 ? 101 GLY A CA  1 
ATOM   736  C  C   . GLY A 1 101 ? -8.162  -13.797 -5.164  1.00 31.02 ? 101 GLY A C   1 
ATOM   737  O  O   . GLY A 1 101 ? -8.996  -12.953 -5.506  1.00 31.48 ? 101 GLY A O   1 
ATOM   738  N  N   . ASP A 1 102 ? -8.414  -15.096 -5.210  1.00 32.30 ? 102 ASP A N   1 
ATOM   739  C  CA  . ASP A 1 102 ? -9.661  -15.579 -5.790  1.00 36.65 ? 102 ASP A CA  1 
ATOM   740  C  C   . ASP A 1 102 ? -10.468 -16.346 -4.761  1.00 37.48 ? 102 ASP A C   1 
ATOM   741  O  O   . ASP A 1 102 ? -11.316 -15.701 -4.111  1.00 40.46 ? 102 ASP A O   1 
ATOM   742  C  CB  . ASP A 1 102 ? -9.419  -16.354 -7.077  1.00 41.50 ? 102 ASP A CB  1 
ATOM   743  C  CG  . ASP A 1 102 ? -10.268 -15.705 -8.176  1.00 50.40 ? 102 ASP A CG  1 
ATOM   744  O  OD1 . ASP A 1 102 ? -11.469 -16.064 -8.240  1.00 50.28 ? 102 ASP A OD1 1 
ATOM   745  O  OD2 . ASP A 1 102 ? -9.719  -14.845 -8.899  1.00 55.24 ? 102 ASP A OD2 1 
ATOM   746  N  N   . THR A 1 103 ? -10.190 -17.605 -4.505  1.00 37.41 ? 103 THR A N   1 
ATOM   747  C  CA  . THR A 1 103 ? -10.763 -18.275 -3.332  1.00 37.94 ? 103 THR A CA  1 
ATOM   748  C  C   . THR A 1 103 ? -9.850  -18.266 -2.138  1.00 37.72 ? 103 THR A C   1 
ATOM   749  O  O   . THR A 1 103 ? -10.279 -18.755 -1.069  1.00 40.90 ? 103 THR A O   1 
ATOM   750  C  CB  . THR A 1 103 ? -11.199 -19.719 -3.618  1.00 41.23 ? 103 THR A CB  1 
ATOM   751  O  OG1 . THR A 1 103 ? -10.032 -20.517 -3.864  1.00 44.46 ? 103 THR A OG1 1 
ATOM   752  C  CG2 . THR A 1 103 ? -12.141 -19.742 -4.804  1.00 42.74 ? 103 THR A CG2 1 
ATOM   753  N  N   . SER A 1 104 ? -8.645  -17.725 -2.230  1.00 34.94 ? 104 SER A N   1 
ATOM   754  C  CA  . SER A 1 104 ? -7.874  -17.437 -1.020  1.00 30.09 ? 104 SER A CA  1 
ATOM   755  C  C   . SER A 1 104 ? -7.235  -16.046 -1.127  1.00 26.21 ? 104 SER A C   1 
ATOM   756  O  O   . SER A 1 104 ? -7.160  -15.458 -2.207  1.00 23.93 ? 104 SER A O   1 
ATOM   757  C  CB  . SER A 1 104 ? -6.797  -18.479 -0.757  1.00 35.36 ? 104 SER A CB  1 
ATOM   758  O  OG  . SER A 1 104 ? -5.862  -18.534 -1.789  1.00 36.92 ? 104 SER A OG  1 
ATOM   759  N  N   . PRO A 1 105 ? -6.808  -15.525 -0.004  1.00 24.06 ? 105 PRO A N   1 
ATOM   760  C  CA  . PRO A 1 105 ? -6.362  -14.137 0.051   1.00 23.28 ? 105 PRO A CA  1 
ATOM   761  C  C   . PRO A 1 105 ? -5.112  -13.980 -0.826  1.00 24.10 ? 105 PRO A C   1 
ATOM   762  O  O   . PRO A 1 105 ? -4.362  -14.950 -1.101  1.00 21.54 ? 105 PRO A O   1 
ATOM   763  C  CB  . PRO A 1 105 ? -6.057  -13.868 1.490   1.00 25.31 ? 105 PRO A CB  1 
ATOM   764  C  CG  . PRO A 1 105 ? -6.401  -15.068 2.260   1.00 27.06 ? 105 PRO A CG  1 
ATOM   765  C  CD  . PRO A 1 105 ? -6.856  -16.156 1.325   1.00 25.03 ? 105 PRO A CD  1 
ATOM   766  N  N   . TYR A 1 106 ? -4.887  -12.762 -1.287  1.00 20.40 ? 106 TYR A N   1 
ATOM   767  C  CA  . TYR A 1 106 ? -3.603  -12.456 -1.912  1.00 20.44 ? 106 TYR A CA  1 
ATOM   768  C  C   . TYR A 1 106 ? -2.478  -12.617 -0.901  1.00 20.55 ? 106 TYR A C   1 
ATOM   769  O  O   . TYR A 1 106 ? -2.642  -12.276 0.285   1.00 21.60 ? 106 TYR A O   1 
ATOM   770  C  CB  . TYR A 1 106 ? -3.591  -11.009 -2.388  1.00 19.28 ? 106 TYR A CB  1 
ATOM   771  C  CG  . TYR A 1 106 ? -4.378  -10.664 -3.616  1.00 21.01 ? 106 TYR A CG  1 
ATOM   772  C  CD1 . TYR A 1 106 ? -3.952  -11.036 -4.890  1.00 21.95 ? 106 TYR A CD1 1 
ATOM   773  C  CD2 . TYR A 1 106 ? -5.554  -9.918  -3.474  1.00 20.63 ? 106 TYR A CD2 1 
ATOM   774  C  CE1 . TYR A 1 106 ? -4.666  -10.668 -6.002  1.00 23.78 ? 106 TYR A CE1 1 
ATOM   775  C  CE2 . TYR A 1 106 ? -6.293  -9.546  -4.588  1.00 21.23 ? 106 TYR A CE2 1 
ATOM   776  C  CZ  . TYR A 1 106 ? -5.846  -9.918  -5.835  1.00 23.68 ? 106 TYR A CZ  1 
ATOM   777  O  OH  . TYR A 1 106 ? -6.549  -9.524  -6.932  1.00 23.31 ? 106 TYR A OH  1 
ATOM   778  N  N   . SER A 1 107 ? -1.346  -13.120 -1.370  1.00 20.62 ? 107 SER A N   1 
ATOM   779  C  CA  . SER A 1 107 ? -0.112  -12.957 -0.630  1.00 22.96 ? 107 SER A CA  1 
ATOM   780  C  C   . SER A 1 107 ? 1.095   -12.665 -1.499  1.00 22.33 ? 107 SER A C   1 
ATOM   781  O  O   . SER A 1 107 ? 1.169   -12.963 -2.693  1.00 21.56 ? 107 SER A O   1 
ATOM   782  C  CB  . SER A 1 107 ? 0.150   -14.199 0.250   1.00 26.69 ? 107 SER A CB  1 
ATOM   783  O  OG  . SER A 1 107 ? 0.365   -15.291 -0.574  1.00 33.13 ? 107 SER A OG  1 
ATOM   784  N  N   . ILE A 1 108 ? 2.089   -12.051 -0.857  1.00 19.55 ? 108 ILE A N   1 
ATOM   785  C  CA  . ILE A 1 108 ? 3.328   -11.725 -1.602  1.00 20.68 ? 108 ILE A CA  1 
ATOM   786  C  C   . ILE A 1 108 ? 4.222   -12.972 -1.500  1.00 21.93 ? 108 ILE A C   1 
ATOM   787  O  O   . ILE A 1 108 ? 4.350   -13.527 -0.390  1.00 22.14 ? 108 ILE A O   1 
ATOM   788  C  CB  . ILE A 1 108 ? 4.002   -10.520 -0.958  1.00 18.90 ? 108 ILE A CB  1 
ATOM   789  C  CG1 . ILE A 1 108 ? 3.130   -9.245  -1.063  1.00 26.00 ? 108 ILE A CG1 1 
ATOM   790  C  CG2 . ILE A 1 108 ? 5.386   -10.256 -1.521  1.00 20.18 ? 108 ILE A CG2 1 
ATOM   791  C  CD1 . ILE A 1 108 ? 3.194   -8.509  -2.371  1.00 23.26 ? 108 ILE A CD1 1 
ATOM   792  N  N   . GLN A 1 109 ? 4.825   -13.416 -2.579  1.00 21.88 ? 109 GLN A N   1 
ATOM   793  C  CA  . GLN A 1 109 ? 5.590   -14.681 -2.529  1.00 20.96 ? 109 GLN A CA  1 
ATOM   794  C  C   . GLN A 1 109 ? 6.944   -14.485 -1.890  1.00 21.29 ? 109 GLN A C   1 
ATOM   795  O  O   . GLN A 1 109 ? 7.482   -15.363 -1.208  1.00 21.65 ? 109 GLN A O   1 
ATOM   796  C  CB  . GLN A 1 109 ? 5.685   -15.225 -3.976  1.00 23.97 ? 109 GLN A CB  1 
ATOM   797  C  CG  . GLN A 1 109 ? 4.490   -16.162 -4.301  1.00 32.17 ? 109 GLN A CG  1 
ATOM   798  C  CD  . GLN A 1 109 ? 4.195   -16.216 -5.773  1.00 39.00 ? 109 GLN A CD  1 
ATOM   799  O  OE1 . GLN A 1 109 ? 4.331   -15.189 -6.464  1.00 45.24 ? 109 GLN A OE1 1 
ATOM   800  N  NE2 . GLN A 1 109 ? 3.799   -17.359 -6.347  1.00 37.91 ? 109 GLN A NE2 1 
ATOM   801  N  N   . VAL A 1 110 ? 7.584   -13.324 -2.120  1.00 18.33 ? 110 VAL A N   1 
ATOM   802  C  CA  . VAL A 1 110 ? 8.865   -13.080 -1.493  1.00 18.06 ? 110 VAL A CA  1 
ATOM   803  C  C   . VAL A 1 110 ? 8.802   -11.720 -0.753  1.00 19.62 ? 110 VAL A C   1 
ATOM   804  O  O   . VAL A 1 110 ? 9.101   -10.726 -1.390  1.00 17.11 ? 110 VAL A O   1 
ATOM   805  C  CB  . VAL A 1 110 ? 10.027  -13.002 -2.490  1.00 20.30 ? 110 VAL A CB  1 
ATOM   806  C  CG1 . VAL A 1 110 ? 11.359  -12.937 -1.722  1.00 16.93 ? 110 VAL A CG1 1 
ATOM   807  C  CG2 . VAL A 1 110 ? 10.045  -14.220 -3.421  1.00 23.64 ? 110 VAL A CG2 1 
ATOM   808  N  N   . PRO A 1 111 ? 8.383   -11.745 0.490   1.00 20.20 ? 111 PRO A N   1 
ATOM   809  C  CA  . PRO A 1 111 ? 7.944   -10.520 1.181   1.00 21.06 ? 111 PRO A CA  1 
ATOM   810  C  C   . PRO A 1 111 ? 9.184   -9.780  1.700   1.00 22.52 ? 111 PRO A C   1 
ATOM   811  O  O   . PRO A 1 111 ? 10.038  -10.481 2.265   1.00 24.37 ? 111 PRO A O   1 
ATOM   812  C  CB  . PRO A 1 111 ? 7.109   -11.026 2.337   1.00 21.39 ? 111 PRO A CB  1 
ATOM   813  C  CG  . PRO A 1 111 ? 7.442   -12.475 2.501   1.00 25.13 ? 111 PRO A CG  1 
ATOM   814  C  CD  . PRO A 1 111 ? 7.917   -12.986 1.192   1.00 22.14 ? 111 PRO A CD  1 
ATOM   815  N  N   . ASP A 1 112 ? 9.359   -8.500  1.490   1.00 20.70 ? 112 ASP A N   1 
ATOM   816  C  CA  . ASP A 1 112 ? 10.386  -7.673  2.043   1.00 18.72 ? 112 ASP A CA  1 
ATOM   817  C  C   . ASP A 1 112 ? 9.975   -7.046  3.387   1.00 19.49 ? 112 ASP A C   1 
ATOM   818  O  O   . ASP A 1 112 ? 10.724  -7.140  4.367   1.00 19.30 ? 112 ASP A O   1 
ATOM   819  C  CB  . ASP A 1 112 ? 10.741  -6.482  1.143   1.00 20.14 ? 112 ASP A CB  1 
ATOM   820  C  CG  . ASP A 1 112 ? 11.385  -6.878  -0.183  1.00 24.42 ? 112 ASP A CG  1 
ATOM   821  O  OD1 . ASP A 1 112 ? 11.943  -7.978  -0.201  1.00 20.44 ? 112 ASP A OD1 1 
ATOM   822  O  OD2 . ASP A 1 112 ? 11.293  -6.048  -1.131  1.00 25.08 ? 112 ASP A OD2 1 
ATOM   823  N  N   . VAL A 1 113 ? 8.844   -6.328  3.341   1.00 17.29 ? 113 VAL A N   1 
ATOM   824  C  CA  . VAL A 1 113 ? 8.438   -5.492  4.461   1.00 17.71 ? 113 VAL A CA  1 
ATOM   825  C  C   . VAL A 1 113 ? 6.928   -5.491  4.559   1.00 19.10 ? 113 VAL A C   1 
ATOM   826  O  O   . VAL A 1 113 ? 6.198   -5.520  3.548   1.00 18.56 ? 113 VAL A O   1 
ATOM   827  C  CB  . VAL A 1 113 ? 8.998   -4.068  4.205   1.00 17.44 ? 113 VAL A CB  1 
ATOM   828  C  CG1 . VAL A 1 113 ? 8.308   -2.991  4.990   1.00 24.64 ? 113 VAL A CG1 1 
ATOM   829  C  CG2 . VAL A 1 113 ? 10.516  -4.042  4.428   1.00 21.98 ? 113 VAL A CG2 1 
ATOM   830  N  N   . SER A 1 114 ? 6.370   -5.453  5.780   1.00 20.60 ? 114 SER A N   1 
ATOM   831  C  CA  . SER A 1 114 ? 4.940   -5.290  5.989   1.00 21.08 ? 114 SER A CA  1 
ATOM   832  C  C   . SER A 1 114 ? 4.662   -4.332  7.150   1.00 21.46 ? 114 SER A C   1 
ATOM   833  O  O   . SER A 1 114 ? 5.430   -4.328  8.143   1.00 23.53 ? 114 SER A O   1 
ATOM   834  C  CB  . SER A 1 114 ? 4.314   -6.654  6.374   1.00 25.37 ? 114 SER A CB  1 
ATOM   835  O  OG  . SER A 1 114 ? 4.616   -7.568  5.345   1.00 40.53 ? 114 SER A OG  1 
ATOM   836  N  N   . PHE A 1 115 ? 3.591   -3.578  7.035   1.00 18.07 ? 115 PHE A N   1 
ATOM   837  C  CA  . PHE A 1 115 ? 3.211   -2.645  8.144   1.00 16.85 ? 115 PHE A CA  1 
ATOM   838  C  C   . PHE A 1 115 ? 1.837   -3.112  8.590   1.00 18.32 ? 115 PHE A C   1 
ATOM   839  O  O   . PHE A 1 115 ? 1.011   -3.415  7.714   1.00 18.03 ? 115 PHE A O   1 
ATOM   840  C  CB  . PHE A 1 115 ? 3.203   -1.243  7.607   1.00 18.40 ? 115 PHE A CB  1 
ATOM   841  C  CG  . PHE A 1 115 ? 4.449   -0.601  7.126   1.00 18.69 ? 115 PHE A CG  1 
ATOM   842  C  CD1 . PHE A 1 115 ? 5.424   -0.132  8.019   1.00 20.26 ? 115 PHE A CD1 1 
ATOM   843  C  CD2 . PHE A 1 115 ? 4.696   -0.435  5.772   1.00 24.35 ? 115 PHE A CD2 1 
ATOM   844  C  CE1 . PHE A 1 115 ? 6.577   0.464   7.563   1.00 25.50 ? 115 PHE A CE1 1 
ATOM   845  C  CE2 . PHE A 1 115 ? 5.857   0.152   5.295   1.00 24.53 ? 115 PHE A CE2 1 
ATOM   846  C  CZ  . PHE A 1 115 ? 6.816   0.605   6.187   1.00 22.46 ? 115 PHE A CZ  1 
ATOM   847  N  N   . GLY A 1 116 ? 1.556   -3.203  9.894   1.00 17.50 ? 116 GLY A N   1 
ATOM   848  C  CA  . GLY A 1 116 ? 0.208   -3.583  10.329  1.00 15.35 ? 116 GLY A CA  1 
ATOM   849  C  C   . GLY A 1 116 ? -0.275  -2.514  11.315  1.00 17.42 ? 116 GLY A C   1 
ATOM   850  O  O   . GLY A 1 116 ? 0.520   -1.639  11.704  1.00 16.69 ? 116 GLY A O   1 
ATOM   851  N  N   . GLY A 1 117 ? -1.556  -2.523  11.636  1.00 16.71 ? 117 GLY A N   1 
ATOM   852  C  CA  . GLY A 1 117 ? -2.048  -1.547  12.653  1.00 17.22 ? 117 GLY A CA  1 
ATOM   853  C  C   . GLY A 1 117 ? -1.989  -0.129  12.133  1.00 19.23 ? 117 GLY A C   1 
ATOM   854  O  O   . GLY A 1 117 ? -1.858  0.818   12.916  1.00 20.64 ? 117 GLY A O   1 
ATOM   855  N  N   . LEU A 1 118 ? -2.028  0.122   10.814  1.00 16.64 ? 118 LEU A N   1 
ATOM   856  C  CA  . LEU A 1 118 ? -1.905  1.498   10.312  1.00 16.43 ? 118 LEU A CA  1 
ATOM   857  C  C   . LEU A 1 118 ? -3.091  2.400   10.727  1.00 17.45 ? 118 LEU A C   1 
ATOM   858  O  O   . LEU A 1 118 ? -2.915  3.631   10.900  1.00 16.57 ? 118 LEU A O   1 
ATOM   859  C  CB  . LEU A 1 118 ? -1.917  1.438   8.795   1.00 20.48 ? 118 LEU A CB  1 
ATOM   860  C  CG  . LEU A 1 118 ? -0.721  1.471   7.892   1.00 23.38 ? 118 LEU A CG  1 
ATOM   861  C  CD1 . LEU A 1 118 ? 0.617   1.500   8.587   1.00 18.99 ? 118 LEU A CD1 1 
ATOM   862  C  CD2 . LEU A 1 118 ? -0.818  0.488   6.752   1.00 19.94 ? 118 LEU A CD2 1 
ATOM   863  N  N   . ASN A 1 119 ? -4.298  1.853   10.775  1.00 16.11 ? 119 ASN A N   1 
ATOM   864  C  CA  . ASN A 1 119 ? -5.444  2.603   11.312  1.00 17.76 ? 119 ASN A CA  1 
ATOM   865  C  C   . ASN A 1 119 ? -5.841  3.779   10.457  1.00 16.66 ? 119 ASN A C   1 
ATOM   866  O  O   . ASN A 1 119 ? -6.356  4.811   10.943  1.00 17.28 ? 119 ASN A O   1 
ATOM   867  C  CB  . ASN A 1 119 ? -5.201  3.074   12.766  1.00 19.36 ? 119 ASN A CB  1 
ATOM   868  C  CG  . ASN A 1 119 ? -6.552  3.335   13.458  1.00 24.55 ? 119 ASN A CG  1 
ATOM   869  O  OD1 . ASN A 1 119 ? -7.523  2.669   13.162  1.00 28.67 ? 119 ASN A OD1 1 
ATOM   870  N  ND2 . ASN A 1 119 ? -6.617  4.314   14.329  1.00 28.23 ? 119 ASN A ND2 1 
ATOM   871  N  N   . LEU A 1 120 ? -5.691  3.679   9.172   1.00 16.35 ? 120 LEU A N   1 
ATOM   872  C  CA  . LEU A 1 120 ? -5.980  4.777   8.257   1.00 17.68 ? 120 LEU A CA  1 
ATOM   873  C  C   . LEU A 1 120 ? -7.417  4.610   7.789   1.00 18.69 ? 120 LEU A C   1 
ATOM   874  O  O   . LEU A 1 120 ? -7.808  3.507   7.419   1.00 20.29 ? 120 LEU A O   1 
ATOM   875  C  CB  . LEU A 1 120 ? -5.005  4.869   7.098   1.00 17.45 ? 120 LEU A CB  1 
ATOM   876  C  CG  . LEU A 1 120 ? -3.525  5.022   7.484   1.00 24.55 ? 120 LEU A CG  1 
ATOM   877  C  CD1 . LEU A 1 120 ? -2.668  4.758   6.251   1.00 25.38 ? 120 LEU A CD1 1 
ATOM   878  C  CD2 . LEU A 1 120 ? -3.254  6.404   8.088   1.00 23.59 ? 120 LEU A CD2 1 
ATOM   879  N  N   . SER A 1 121 ? -8.218  5.657   7.886   1.00 16.37 ? 121 SER A N   1 
ATOM   880  C  CA  . SER A 1 121 ? -9.616  5.486   7.498   1.00 16.05 ? 121 SER A CA  1 
ATOM   881  C  C   . SER A 1 121 ? -10.145 6.702   6.807   1.00 16.74 ? 121 SER A C   1 
ATOM   882  O  O   . SER A 1 121 ? -9.890  7.841   7.207   1.00 19.30 ? 121 SER A O   1 
ATOM   883  C  CB  . SER A 1 121 ? -10.468 5.235   8.799   1.00 18.73 ? 121 SER A CB  1 
ATOM   884  O  OG  . SER A 1 121 ? -10.189 6.402   9.617   1.00 24.45 ? 121 SER A OG  1 
ATOM   885  N  N   . SER A 1 122 ? -10.893 6.559   5.717   1.00 17.91 ? 122 SER A N   1 
ATOM   886  C  CA  . SER A 1 122 ? -11.432 7.756   5.045   1.00 18.46 ? 122 SER A CA  1 
ATOM   887  C  C   . SER A 1 122 ? -12.847 7.426   4.562   1.00 18.03 ? 122 SER A C   1 
ATOM   888  O  O   . SER A 1 122 ? -13.081 6.253   4.269   1.00 17.92 ? 122 SER A O   1 
ATOM   889  C  CB  . SER A 1 122 ? -10.640 8.140   3.808   1.00 23.54 ? 122 SER A CB  1 
ATOM   890  O  OG  . SER A 1 122 ? -9.279  8.140   3.877   1.00 26.24 ? 122 SER A OG  1 
ATOM   891  N  N   . LEU A 1 123 ? -13.651 8.439   4.385   1.00 17.55 ? 123 LEU A N   1 
ATOM   892  C  CA  . LEU A 1 123 ? -15.070 8.199   3.976   1.00 19.90 ? 123 LEU A CA  1 
ATOM   893  C  C   . LEU A 1 123 ? -15.242 8.479   2.486   1.00 19.82 ? 123 LEU A C   1 
ATOM   894  O  O   . LEU A 1 123 ? -14.464 9.263   1.932   1.00 21.02 ? 123 LEU A O   1 
ATOM   895  C  CB  . LEU A 1 123 ? -15.932 9.248   4.702   1.00 16.59 ? 123 LEU A CB  1 
ATOM   896  C  CG  . LEU A 1 123 ? -15.757 9.284   6.224   1.00 21.93 ? 123 LEU A CG  1 
ATOM   897  C  CD1 . LEU A 1 123 ? -16.546 10.501  6.757   1.00 23.63 ? 123 LEU A CD1 1 
ATOM   898  C  CD2 . LEU A 1 123 ? -16.320 7.993   6.822   1.00 20.10 ? 123 LEU A CD2 1 
ATOM   899  N  N   . GLN A 1 124 ? -16.214 7.851   1.885   1.00 21.02 ? 124 GLN A N   1 
ATOM   900  C  CA  . GLN A 1 124 ? -16.583 8.067   0.497   1.00 23.60 ? 124 GLN A CA  1 
ATOM   901  C  C   . GLN A 1 124 ? -16.660 9.532   0.173   1.00 25.99 ? 124 GLN A C   1 
ATOM   902  O  O   . GLN A 1 124 ? -16.056 9.992   -0.813  1.00 26.89 ? 124 GLN A O   1 
ATOM   903  C  CB  . GLN A 1 124 ? -17.900 7.331   0.171   1.00 27.39 ? 124 GLN A CB  1 
ATOM   904  C  CG  . GLN A 1 124 ? -18.073 7.091   -1.337  1.00 25.20 ? 124 GLN A CG  1 
ATOM   905  C  CD  . GLN A 1 124 ? -19.417 6.453   -1.666  1.00 28.09 ? 124 GLN A CD  1 
ATOM   906  O  OE1 . GLN A 1 124 ? -19.959 5.688   -0.856  1.00 29.54 ? 124 GLN A OE1 1 
ATOM   907  N  NE2 . GLN A 1 124 ? -19.952 6.747   -2.834  1.00 26.41 ? 124 GLN A NE2 1 
ATOM   908  N  N   . ALA A 1 125 ? -17.344 10.325  1.027   1.00 24.87 ? 125 ALA A N   1 
ATOM   909  C  CA  . ALA A 1 125 ? -17.566 11.720  0.652   1.00 26.67 ? 125 ALA A CA  1 
ATOM   910  C  C   . ALA A 1 125 ? -16.312 12.541  0.587   1.00 27.97 ? 125 ALA A C   1 
ATOM   911  O  O   . ALA A 1 125 ? -16.321 13.657  0.032   1.00 28.92 ? 125 ALA A O   1 
ATOM   912  C  CB  . ALA A 1 125 ? -18.593 12.375  1.590   1.00 29.58 ? 125 ALA A CB  1 
ATOM   913  N  N   . GLN A 1 126 ? -15.171 12.084  1.127   1.00 25.45 ? 126 GLN A N   1 
ATOM   914  C  CA  . GLN A 1 126 ? -13.958 12.885  0.935   1.00 23.29 ? 126 GLN A CA  1 
ATOM   915  C  C   . GLN A 1 126 ? -13.375 12.700  -0.465  1.00 22.02 ? 126 GLN A C   1 
ATOM   916  O  O   . GLN A 1 126 ? -12.487 13.448  -0.882  1.00 23.36 ? 126 GLN A O   1 
ATOM   917  C  CB  . GLN A 1 126 ? -12.926 12.427  1.974   1.00 24.37 ? 126 GLN A CB  1 
ATOM   918  C  CG  . GLN A 1 126 ? -13.472 12.695  3.418   1.00 30.63 ? 126 GLN A CG  1 
ATOM   919  C  CD  . GLN A 1 126 ? -12.436 12.117  4.380   1.00 29.77 ? 126 GLN A CD  1 
ATOM   920  O  OE1 . GLN A 1 126 ? -11.384 12.734  4.568   1.00 37.48 ? 126 GLN A OE1 1 
ATOM   921  N  NE2 . GLN A 1 126 ? -12.728 10.945  4.903   1.00 25.49 ? 126 GLN A NE2 1 
ATOM   922  N  N   . GLY A 1 127 ? -13.848 11.730  -1.198  1.00 22.01 ? 127 GLY A N   1 
ATOM   923  C  CA  . GLY A 1 127 ? -13.429 11.454  -2.564  1.00 21.02 ? 127 GLY A CA  1 
ATOM   924  C  C   . GLY A 1 127 ? -11.905 11.404  -2.652  1.00 23.28 ? 127 GLY A C   1 
ATOM   925  O  O   . GLY A 1 127 ? -11.262 10.766  -1.820  1.00 20.55 ? 127 GLY A O   1 
ATOM   926  N  N   . HIS A 1 128 ? -11.309 12.046  -3.676  1.00 22.76 ? 128 HIS A N   1 
ATOM   927  C  CA  . HIS A 1 128 ? -9.871  11.817  -3.866  1.00 23.78 ? 128 HIS A CA  1 
ATOM   928  C  C   . HIS A 1 128 ? -8.990  12.488  -2.801  1.00 25.06 ? 128 HIS A C   1 
ATOM   929  O  O   . HIS A 1 128 ? -7.775  12.207  -2.815  1.00 24.92 ? 128 HIS A O   1 
ATOM   930  C  CB  . HIS A 1 128 ? -9.373  12.295  -5.224  1.00 24.17 ? 128 HIS A CB  1 
ATOM   931  C  CG  . HIS A 1 128 ? -10.023 11.605  -6.387  1.00 24.79 ? 128 HIS A CG  1 
ATOM   932  N  ND1 . HIS A 1 128 ? -9.669  11.901  -7.677  1.00 26.77 ? 128 HIS A ND1 1 
ATOM   933  C  CD2 . HIS A 1 128 ? -10.990 10.669  -6.455  1.00 25.72 ? 128 HIS A CD2 1 
ATOM   934  C  CE1 . HIS A 1 128 ? -10.406 11.135  -8.505  1.00 28.19 ? 128 HIS A CE1 1 
ATOM   935  N  NE2 . HIS A 1 128 ? -11.245 10.399  -7.787  1.00 28.95 ? 128 HIS A NE2 1 
ATOM   936  N  N   . ASP A 1 129 ? -9.511  13.337  -1.955  1.00 21.43 ? 129 ASP A N   1 
ATOM   937  C  CA  . ASP A 1 129 ? -8.672  13.837  -0.858  1.00 24.02 ? 129 ASP A CA  1 
ATOM   938  C  C   . ASP A 1 129 ? -8.547  12.882  0.315   1.00 21.35 ? 129 ASP A C   1 
ATOM   939  O  O   . ASP A 1 129 ? -7.728  13.128  1.191   1.00 20.85 ? 129 ASP A O   1 
ATOM   940  C  CB  . ASP A 1 129 ? -9.296  15.152  -0.326  1.00 28.94 ? 129 ASP A CB  1 
ATOM   941  C  CG  . ASP A 1 129 ? -9.093  16.245  -1.368  1.00 34.98 ? 129 ASP A CG  1 
ATOM   942  O  OD1 . ASP A 1 129 ? -8.060  16.225  -2.063  1.00 36.61 ? 129 ASP A OD1 1 
ATOM   943  O  OD2 . ASP A 1 129 ? -9.996  17.093  -1.458  1.00 42.22 ? 129 ASP A OD2 1 
ATOM   944  N  N   . GLY A 1 130 ? -9.284  11.780  0.393   1.00 20.79 ? 130 GLY A N   1 
ATOM   945  C  CA  . GLY A 1 130 ? -9.146  10.936  1.590   1.00 20.64 ? 130 GLY A CA  1 
ATOM   946  C  C   . GLY A 1 130 ? -7.791  10.243  1.614   1.00 19.80 ? 130 GLY A C   1 
ATOM   947  O  O   . GLY A 1 130 ? -7.167  9.936   0.585   1.00 17.09 ? 130 GLY A O   1 
ATOM   948  N  N   . VAL A 1 131 ? -7.324  9.975   2.853   1.00 16.82 ? 131 VAL A N   1 
ATOM   949  C  CA  . VAL A 1 131 ? -5.956  9.478   2.987   1.00 17.88 ? 131 VAL A CA  1 
ATOM   950  C  C   . VAL A 1 131 ? -5.868  8.101   2.348   1.00 15.35 ? 131 VAL A C   1 
ATOM   951  O  O   . VAL A 1 131 ? -4.787  7.815   1.801   1.00 16.94 ? 131 VAL A O   1 
ATOM   952  C  CB  . VAL A 1 131 ? -5.467  9.476   4.432   1.00 22.32 ? 131 VAL A CB  1 
ATOM   953  C  CG1 . VAL A 1 131 ? -6.322  8.530   5.275   1.00 22.03 ? 131 VAL A CG1 1 
ATOM   954  C  CG2 . VAL A 1 131 ? -3.997  9.028   4.528   1.00 25.66 ? 131 VAL A CG2 1 
ATOM   955  N  N   . VAL A 1 132 ? -6.908  7.268   2.442   1.00 17.75 ? 132 VAL A N   1 
ATOM   956  C  CA  . VAL A 1 132 ? -6.686  5.915   1.920   1.00 17.53 ? 132 VAL A CA  1 
ATOM   957  C  C   . VAL A 1 132 ? -6.551  5.917   0.393   1.00 16.56 ? 132 VAL A C   1 
ATOM   958  O  O   . VAL A 1 132 ? -5.682  5.184   -0.138  1.00 13.86 ? 132 VAL A O   1 
ATOM   959  C  CB  . VAL A 1 132 ? -7.459  4.726   2.442   1.00 25.85 ? 132 VAL A CB  1 
ATOM   960  C  CG1 . VAL A 1 132 ? -8.146  4.827   3.786   1.00 22.45 ? 132 VAL A CG1 1 
ATOM   961  C  CG2 . VAL A 1 132 ? -8.253  3.966   1.417   1.00 21.71 ? 132 VAL A CG2 1 
ATOM   962  N  N   . HIS A 1 133 ? -7.367  6.695   -0.282  1.00 16.28 ? 133 HIS A N   1 
ATOM   963  C  CA  . HIS A 1 133 ? -7.240  6.929   -1.718  1.00 16.44 ? 133 HIS A CA  1 
ATOM   964  C  C   . HIS A 1 133 ? -5.835  7.471   -2.058  1.00 14.99 ? 133 HIS A C   1 
ATOM   965  O  O   . HIS A 1 133 ? -5.148  6.887   -2.899  1.00 16.61 ? 133 HIS A O   1 
ATOM   966  C  CB  . HIS A 1 133 ? -8.295  7.975   -2.140  1.00 16.85 ? 133 HIS A CB  1 
ATOM   967  C  CG  . HIS A 1 133 ? -8.302  8.121   -3.636  1.00 16.39 ? 133 HIS A CG  1 
ATOM   968  N  ND1 . HIS A 1 133 ? -7.527  9.057   -4.311  1.00 20.20 ? 133 HIS A ND1 1 
ATOM   969  C  CD2 . HIS A 1 133 ? -8.944  7.366   -4.563  1.00 17.27 ? 133 HIS A CD2 1 
ATOM   970  C  CE1 . HIS A 1 133 ? -7.739  8.870   -5.634  1.00 15.61 ? 133 HIS A CE1 1 
ATOM   971  N  NE2 . HIS A 1 133 ? -8.560  7.855   -5.778  1.00 17.18 ? 133 HIS A NE2 1 
ATOM   972  N  N   . GLN A 1 134 ? -5.371  8.536   -1.415  1.00 13.39 ? 134 GLN A N   1 
ATOM   973  C  CA  . GLN A 1 134 ? -4.080  9.125   -1.776  1.00 15.64 ? 134 GLN A CA  1 
ATOM   974  C  C   . GLN A 1 134 ? -2.926  8.156   -1.606  1.00 16.52 ? 134 GLN A C   1 
ATOM   975  O  O   . GLN A 1 134 ? -2.008  8.126   -2.415  1.00 15.74 ? 134 GLN A O   1 
ATOM   976  C  CB  . GLN A 1 134 ? -3.782  10.356  -0.872  1.00 21.33 ? 134 GLN A CB  1 
ATOM   977  C  CG  . GLN A 1 134 ? -4.557  11.574  -1.459  1.00 29.94 ? 134 GLN A CG  1 
ATOM   978  C  CD  . GLN A 1 134 ? -4.472  12.775  -0.578  1.00 36.73 ? 134 GLN A CD  1 
ATOM   979  O  OE1 . GLN A 1 134 ? -4.767  12.693  0.626   1.00 43.82 ? 134 GLN A OE1 1 
ATOM   980  N  NE2 . GLN A 1 134 ? -4.083  13.912  -1.113  1.00 41.60 ? 134 GLN A NE2 1 
ATOM   981  N  N   . VAL A 1 135 ? -2.995  7.328   -0.538  1.00 14.75 ? 135 VAL A N   1 
ATOM   982  C  CA  . VAL A 1 135 ? -1.900  6.406   -0.262  1.00 14.13 ? 135 VAL A CA  1 
ATOM   983  C  C   . VAL A 1 135 ? -1.870  5.371   -1.374  1.00 15.72 ? 135 VAL A C   1 
ATOM   984  O  O   . VAL A 1 135 ? -0.830  5.080   -1.979  1.00 15.43 ? 135 VAL A O   1 
ATOM   985  C  CB  . VAL A 1 135 ? -2.028  5.753   1.122   1.00 15.92 ? 135 VAL A CB  1 
ATOM   986  C  CG1 . VAL A 1 135 ? -1.158  4.524   1.269   1.00 14.79 ? 135 VAL A CG1 1 
ATOM   987  C  CG2 . VAL A 1 135 ? -1.671  6.790   2.223   1.00 14.18 ? 135 VAL A CG2 1 
ATOM   988  N  N   . VAL A 1 136 ? -3.014  4.731   -1.614  1.00 14.46 ? 136 VAL A N   1 
ATOM   989  C  CA  . VAL A 1 136 ? -2.942  3.564   -2.499  1.00 14.53 ? 136 VAL A CA  1 
ATOM   990  C  C   . VAL A 1 136 ? -2.790  4.019   -3.965  1.00 16.39 ? 136 VAL A C   1 
ATOM   991  O  O   . VAL A 1 136 ? -2.034  3.388   -4.709  1.00 15.88 ? 136 VAL A O   1 
ATOM   992  C  CB  . VAL A 1 136 ? -4.208  2.695   -2.321  1.00 14.87 ? 136 VAL A CB  1 
ATOM   993  C  CG1 . VAL A 1 136 ? -4.236  1.600   -3.379  1.00 14.56 ? 136 VAL A CG1 1 
ATOM   994  C  CG2 . VAL A 1 136 ? -4.195  2.125   -0.882  1.00 16.63 ? 136 VAL A CG2 1 
ATOM   995  N  N   . TYR A 1 137 ? -3.453  5.102   -4.349  1.00 15.81 ? 137 TYR A N   1 
ATOM   996  C  CA  . TYR A 1 137 ? -3.298  5.547   -5.758  1.00 19.09 ? 137 TYR A CA  1 
ATOM   997  C  C   . TYR A 1 137 ? -1.868  6.055   -5.978  1.00 20.44 ? 137 TYR A C   1 
ATOM   998  O  O   . TYR A 1 137 ? -1.287  5.829   -7.021  1.00 18.00 ? 137 TYR A O   1 
ATOM   999  C  CB  . TYR A 1 137 ? -4.345  6.612   -6.110  1.00 19.56 ? 137 TYR A CB  1 
ATOM   1000 C  CG  . TYR A 1 137 ? -4.304  6.965   -7.589  1.00 19.74 ? 137 TYR A CG  1 
ATOM   1001 C  CD1 . TYR A 1 137 ? -4.704  6.057   -8.543  1.00 18.10 ? 137 TYR A CD1 1 
ATOM   1002 C  CD2 . TYR A 1 137 ? -3.862  8.224   -8.001  1.00 21.46 ? 137 TYR A CD2 1 
ATOM   1003 C  CE1 . TYR A 1 137 ? -4.650  6.378   -9.895  1.00 19.08 ? 137 TYR A CE1 1 
ATOM   1004 C  CE2 . TYR A 1 137 ? -3.815  8.566   -9.343  1.00 21.66 ? 137 TYR A CE2 1 
ATOM   1005 C  CZ  . TYR A 1 137 ? -4.202  7.638   -10.275 1.00 20.79 ? 137 TYR A CZ  1 
ATOM   1006 O  OH  . TYR A 1 137 ? -4.177  7.940   -11.621 1.00 24.27 ? 137 TYR A OH  1 
ATOM   1007 N  N   . GLY A 1 138 ? -1.266  6.670   -4.940  1.00 17.96 ? 138 GLY A N   1 
ATOM   1008 C  CA  . GLY A 1 138 ? 0.155   7.007   -5.027  1.00 17.28 ? 138 GLY A CA  1 
ATOM   1009 C  C   . GLY A 1 138 ? 1.017   5.788   -5.240  1.00 16.16 ? 138 GLY A C   1 
ATOM   1010 O  O   . GLY A 1 138 ? 1.853   5.779   -6.149  1.00 16.46 ? 138 GLY A O   1 
ATOM   1011 N  N   . LEU A 1 139 ? 0.759   4.703   -4.496  1.00 16.93 ? 139 LEU A N   1 
ATOM   1012 C  CA  . LEU A 1 139 ? 1.568   3.492   -4.672  1.00 18.66 ? 139 LEU A CA  1 
ATOM   1013 C  C   . LEU A 1 139 ? 1.441   2.897   -6.079  1.00 18.07 ? 139 LEU A C   1 
ATOM   1014 O  O   . LEU A 1 139 ? 2.441   2.474   -6.708  1.00 16.35 ? 139 LEU A O   1 
ATOM   1015 C  CB  . LEU A 1 139 ? 1.209   2.446   -3.609  1.00 13.73 ? 139 LEU A CB  1 
ATOM   1016 C  CG  . LEU A 1 139 ? 1.660   2.817   -2.173  1.00 20.06 ? 139 LEU A CG  1 
ATOM   1017 C  CD1 . LEU A 1 139 ? 1.158   1.695   -1.273  1.00 17.91 ? 139 LEU A CD1 1 
ATOM   1018 C  CD2 . LEU A 1 139 ? 3.187   2.959   -2.088  1.00 17.24 ? 139 LEU A CD2 1 
ATOM   1019 N  N   . MET A 1 140 ? 0.215   2.842   -6.562  1.00 17.86 ? 140 MET A N   1 
ATOM   1020 C  CA  . MET A 1 140 ? -0.044  2.383   -7.956  1.00 18.74 ? 140 MET A CA  1 
ATOM   1021 C  C   . MET A 1 140 ? 0.765   3.250   -8.927  1.00 18.36 ? 140 MET A C   1 
ATOM   1022 O  O   . MET A 1 140 ? 1.143   2.735   -9.963  1.00 18.97 ? 140 MET A O   1 
ATOM   1023 C  CB  . MET A 1 140 ? -1.523  2.516   -8.338  1.00 14.07 ? 140 MET A CB  1 
ATOM   1024 C  CG  . MET A 1 140 ? -2.430  1.532   -7.536  1.00 16.78 ? 140 MET A CG  1 
ATOM   1025 S  SD  . MET A 1 140 ? -4.173  1.990   -7.732  1.00 20.27 ? 140 MET A SD  1 
ATOM   1026 C  CE  . MET A 1 140 ? -4.470  1.424   -9.411  1.00 24.35 ? 140 MET A CE  1 
ATOM   1027 N  N   . SER A 1 141 ? 1.004   4.493   -8.617  1.00 18.62 ? 141 SER A N   1 
ATOM   1028 C  CA  . SER A 1 141 ? 1.689   5.424   -9.502  1.00 19.96 ? 141 SER A CA  1 
ATOM   1029 C  C   . SER A 1 141 ? 3.184   5.490   -9.241  1.00 22.80 ? 141 SER A C   1 
ATOM   1030 O  O   . SER A 1 141 ? 3.912   6.267   -9.860  1.00 23.51 ? 141 SER A O   1 
ATOM   1031 C  CB  . SER A 1 141 ? 1.047   6.818   -9.344  1.00 17.75 ? 141 SER A CB  1 
ATOM   1032 O  OG  . SER A 1 141 ? -0.397  6.684   -9.536  1.00 20.83 ? 141 SER A OG  1 
ATOM   1033 N  N   . GLY A 1 142 ? 3.712   4.676   -8.313  1.00 21.81 ? 142 GLY A N   1 
ATOM   1034 C  CA  . GLY A 1 142 ? 5.110   4.681   -7.954  1.00 22.50 ? 142 GLY A CA  1 
ATOM   1035 C  C   . GLY A 1 142 ? 5.460   5.928   -7.138  1.00 24.22 ? 142 GLY A C   1 
ATOM   1036 O  O   . GLY A 1 142 ? 6.625   6.344   -7.118  1.00 25.15 ? 142 GLY A O   1 
ATOM   1037 N  N   . ASP A 1 143 ? 4.486   6.527   -6.472  1.00 21.65 ? 143 ASP A N   1 
ATOM   1038 C  CA  . ASP A 1 143 ? 4.789   7.709   -5.646  1.00 23.91 ? 143 ASP A CA  1 
ATOM   1039 C  C   . ASP A 1 143 ? 4.488   7.400   -4.178  1.00 22.82 ? 143 ASP A C   1 
ATOM   1040 O  O   . ASP A 1 143 ? 3.323   7.204   -3.817  1.00 21.69 ? 143 ASP A O   1 
ATOM   1041 C  CB  . ASP A 1 143 ? 3.920   8.858   -6.130  1.00 28.73 ? 143 ASP A CB  1 
ATOM   1042 C  CG  . ASP A 1 143 ? 4.148   10.152  -5.415  1.00 30.49 ? 143 ASP A CG  1 
ATOM   1043 O  OD1 . ASP A 1 143 ? 4.929   10.242  -4.433  1.00 31.66 ? 143 ASP A OD1 1 
ATOM   1044 O  OD2 . ASP A 1 143 ? 3.525   11.139  -5.842  1.00 39.15 ? 143 ASP A OD2 1 
ATOM   1045 N  N   . THR A 1 144 ? 5.514   7.285   -3.332  1.00 21.19 ? 144 THR A N   1 
ATOM   1046 C  CA  . THR A 1 144 ? 5.262   6.912   -1.925  1.00 19.91 ? 144 THR A CA  1 
ATOM   1047 C  C   . THR A 1 144 ? 5.092   8.113   -1.023  1.00 20.01 ? 144 THR A C   1 
ATOM   1048 O  O   . THR A 1 144 ? 5.150   7.959   0.220   1.00 19.04 ? 144 THR A O   1 
ATOM   1049 C  CB  . THR A 1 144 ? 6.500   6.095   -1.408  1.00 22.42 ? 144 THR A CB  1 
ATOM   1050 O  OG1 . THR A 1 144 ? 7.634   6.959   -1.549  1.00 21.83 ? 144 THR A OG1 1 
ATOM   1051 C  CG2 . THR A 1 144 ? 6.683   4.833   -2.215  1.00 21.04 ? 144 THR A CG2 1 
ATOM   1052 N  N   . GLY A 1 145 ? 4.972   9.308   -1.582  1.00 19.75 ? 145 GLY A N   1 
ATOM   1053 C  CA  . GLY A 1 145 ? 4.897   10.556  -0.844  1.00 18.94 ? 145 GLY A CA  1 
ATOM   1054 C  C   . GLY A 1 145 ? 3.722   10.560  0.129   1.00 18.87 ? 145 GLY A C   1 
ATOM   1055 O  O   . GLY A 1 145 ? 3.836   10.909  1.325   1.00 16.43 ? 145 GLY A O   1 
ATOM   1056 N  N   . ALA A 1 146 ? 2.545   10.157  -0.322  1.00 16.53 ? 146 ALA A N   1 
ATOM   1057 C  CA  . ALA A 1 146 ? 1.405   10.118  0.597   1.00 18.09 ? 146 ALA A CA  1 
ATOM   1058 C  C   . ALA A 1 146 ? 1.541   9.074   1.694   1.00 18.63 ? 146 ALA A C   1 
ATOM   1059 O  O   . ALA A 1 146 ? 1.166   9.358   2.837   1.00 18.76 ? 146 ALA A O   1 
ATOM   1060 C  CB  . ALA A 1 146 ? 0.127   9.858   -0.215  1.00 19.75 ? 146 ALA A CB  1 
ATOM   1061 N  N   . LEU A 1 147 ? 2.061   7.880   1.402   1.00 17.48 ? 147 LEU A N   1 
ATOM   1062 C  CA  . LEU A 1 147 ? 2.294   6.907   2.478   1.00 18.31 ? 147 LEU A CA  1 
ATOM   1063 C  C   . LEU A 1 147 ? 3.312   7.428   3.520   1.00 17.29 ? 147 LEU A C   1 
ATOM   1064 O  O   . LEU A 1 147 ? 3.100   7.215   4.700   1.00 15.33 ? 147 LEU A O   1 
ATOM   1065 C  CB  . LEU A 1 147 ? 2.922   5.641   1.874   1.00 18.21 ? 147 LEU A CB  1 
ATOM   1066 C  CG  . LEU A 1 147 ? 2.813   4.313   2.579   1.00 22.58 ? 147 LEU A CG  1 
ATOM   1067 C  CD1 . LEU A 1 147 ? 3.918   3.359   2.181   1.00 21.77 ? 147 LEU A CD1 1 
ATOM   1068 C  CD2 . LEU A 1 147 ? 2.409   4.292   4.010   1.00 21.29 ? 147 LEU A CD2 1 
ATOM   1069 N  N   . GLU A 1 148 ? 4.409   8.060   3.080   1.00 16.83 ? 148 GLU A N   1 
ATOM   1070 C  CA  . GLU A 1 148 ? 5.407   8.557   4.040   1.00 18.23 ? 148 GLU A CA  1 
ATOM   1071 C  C   . GLU A 1 148 ? 4.845   9.617   4.948   1.00 19.65 ? 148 GLU A C   1 
ATOM   1072 O  O   . GLU A 1 148 ? 5.122   9.685   6.137   1.00 19.50 ? 148 GLU A O   1 
ATOM   1073 C  CB  . GLU A 1 148 ? 6.643   9.168   3.283   1.00 16.06 ? 148 GLU A CB  1 
ATOM   1074 C  CG  . GLU A 1 148 ? 7.262   7.993   2.478   1.00 22.42 ? 148 GLU A CG  1 
ATOM   1075 C  CD  . GLU A 1 148 ? 8.593   8.252   1.845   1.00 29.29 ? 148 GLU A CD  1 
ATOM   1076 O  OE1 . GLU A 1 148 ? 9.414   9.015   2.331   1.00 28.31 ? 148 GLU A OE1 1 
ATOM   1077 O  OE2 . GLU A 1 148 ? 8.912   7.655   0.782   1.00 35.45 ? 148 GLU A OE2 1 
ATOM   1078 N  N   . THR A 1 149 ? 4.000   10.483  4.353   1.00 20.26 ? 149 THR A N   1 
ATOM   1079 C  CA  . THR A 1 149 ? 3.317   11.466  5.170   1.00 19.25 ? 149 THR A CA  1 
ATOM   1080 C  C   . THR A 1 149 ? 2.434   10.804  6.200   1.00 19.38 ? 149 THR A C   1 
ATOM   1081 O  O   . THR A 1 149 ? 2.458   11.269  7.346   1.00 18.20 ? 149 THR A O   1 
ATOM   1082 C  CB  . THR A 1 149 ? 2.479   12.466  4.336   1.00 22.13 ? 149 THR A CB  1 
ATOM   1083 O  OG1 . THR A 1 149 ? 3.372   13.192  3.537   1.00 20.34 ? 149 THR A OG1 1 
ATOM   1084 C  CG2 . THR A 1 149 ? 1.793   13.467  5.268   1.00 22.11 ? 149 THR A CG2 1 
ATOM   1085 N  N   . ALA A 1 150 ? 1.698   9.763   5.774   1.00 18.63 ? 150 ALA A N   1 
ATOM   1086 C  CA  . ALA A 1 150 ? 0.841   9.084   6.755   1.00 17.58 ? 150 ALA A CA  1 
ATOM   1087 C  C   . ALA A 1 150 ? 1.694   8.344   7.787   1.00 18.92 ? 150 ALA A C   1 
ATOM   1088 O  O   . ALA A 1 150 ? 1.299   8.325   8.969   1.00 16.77 ? 150 ALA A O   1 
ATOM   1089 C  CB  . ALA A 1 150 ? -0.091  8.082   6.037   1.00 15.04 ? 150 ALA A CB  1 
ATOM   1090 N  N   . LEU A 1 151 ? 2.811   7.734   7.387   1.00 17.30 ? 151 LEU A N   1 
ATOM   1091 C  CA  . LEU A 1 151 ? 3.682   7.076   8.383   1.00 17.66 ? 151 LEU A CA  1 
ATOM   1092 C  C   . LEU A 1 151 ? 4.353   8.061   9.338   1.00 16.06 ? 151 LEU A C   1 
ATOM   1093 O  O   . LEU A 1 151 ? 4.446   7.751   10.555  1.00 19.95 ? 151 LEU A O   1 
ATOM   1094 C  CB  . LEU A 1 151 ? 4.784   6.233   7.683   1.00 13.22 ? 151 LEU A CB  1 
ATOM   1095 C  CG  . LEU A 1 151 ? 4.301   4.940   7.011   1.00 18.82 ? 151 LEU A CG  1 
ATOM   1096 C  CD1 . LEU A 1 151 ? 5.451   4.370   6.124   1.00 14.53 ? 151 LEU A CD1 1 
ATOM   1097 C  CD2 . LEU A 1 151 ? 3.850   3.899   8.033   1.00 16.87 ? 151 LEU A CD2 1 
ATOM   1098 N  N   . ASN A 1 152 ? 4.831   9.213   8.931   1.00 17.80 ? 152 ASN A N   1 
ATOM   1099 C  CA  . ASN A 1 152 ? 5.357   10.252  9.810   1.00 20.23 ? 152 ASN A CA  1 
ATOM   1100 C  C   . ASN A 1 152 ? 4.361   10.670  10.889  1.00 22.68 ? 152 ASN A C   1 
ATOM   1101 O  O   . ASN A 1 152 ? 4.716   10.875  12.068  1.00 24.73 ? 152 ASN A O   1 
ATOM   1102 C  CB  . ASN A 1 152 ? 5.754   11.518  9.024   1.00 21.92 ? 152 ASN A CB  1 
ATOM   1103 C  CG  . ASN A 1 152 ? 7.087   11.328  8.353   1.00 23.16 ? 152 ASN A CG  1 
ATOM   1104 O  OD1 . ASN A 1 152 ? 7.803   10.392  8.725   1.00 21.13 ? 152 ASN A OD1 1 
ATOM   1105 N  ND2 . ASN A 1 152 ? 7.428   12.144  7.360   1.00 24.17 ? 152 ASN A ND2 1 
ATOM   1106 N  N   . GLY A 1 153 ? 3.078   10.720  10.532  1.00 22.23 ? 153 GLY A N   1 
ATOM   1107 C  CA  . GLY A 1 153 ? 2.009   11.010  11.437  1.00 21.88 ? 153 GLY A CA  1 
ATOM   1108 C  C   . GLY A 1 153 ? 1.789   9.870   12.410  1.00 22.30 ? 153 GLY A C   1 
ATOM   1109 O  O   . GLY A 1 153 ? 1.360   10.085  13.539  1.00 22.55 ? 153 GLY A O   1 
ATOM   1110 N  N   . ILE A 1 154 ? 2.066   8.618   12.069  1.00 18.04 ? 154 ILE A N   1 
ATOM   1111 C  CA  . ILE A 1 154 ? 1.969   7.544   13.052  1.00 19.72 ? 154 ILE A CA  1 
ATOM   1112 C  C   . ILE A 1 154 ? 3.210   7.524   13.954  1.00 21.87 ? 154 ILE A C   1 
ATOM   1113 O  O   . ILE A 1 154 ? 3.186   7.315   15.158  1.00 20.26 ? 154 ILE A O   1 
ATOM   1114 C  CB  . ILE A 1 154 ? 1.846   6.173   12.337  1.00 20.02 ? 154 ILE A CB  1 
ATOM   1115 C  CG1 . ILE A 1 154 ? 0.475   6.020   11.648  1.00 19.31 ? 154 ILE A CG1 1 
ATOM   1116 C  CG2 . ILE A 1 154 ? 2.091   5.045   13.321  1.00 16.32 ? 154 ILE A CG2 1 
ATOM   1117 C  CD1 . ILE A 1 154 ? 0.406   5.000   10.551  1.00 21.84 ? 154 ILE A CD1 1 
ATOM   1118 N  N   . LEU A 1 155 ? 4.354   7.726   13.318  1.00 22.89 ? 155 LEU A N   1 
ATOM   1119 C  CA  . LEU A 1 155 ? 5.645   7.559   13.938  1.00 22.92 ? 155 LEU A CA  1 
ATOM   1120 C  C   . LEU A 1 155 ? 6.027   8.673   14.887  1.00 24.22 ? 155 LEU A C   1 
ATOM   1121 O  O   . LEU A 1 155 ? 6.833   8.436   15.819  1.00 24.08 ? 155 LEU A O   1 
ATOM   1122 C  CB  . LEU A 1 155 ? 6.692   7.371   12.839  1.00 18.87 ? 155 LEU A CB  1 
ATOM   1123 C  CG  . LEU A 1 155 ? 6.631   5.964   12.174  1.00 19.79 ? 155 LEU A CG  1 
ATOM   1124 C  CD1 . LEU A 1 155 ? 7.546   5.944   10.955  1.00 23.44 ? 155 LEU A CD1 1 
ATOM   1125 C  CD2 . LEU A 1 155 ? 7.021   4.875   13.141  1.00 20.56 ? 155 LEU A CD2 1 
ATOM   1126 N  N   . ASP A 1 156 ? 5.490   9.870   14.683  1.00 23.25 ? 156 ASP A N   1 
ATOM   1127 C  CA  . ASP A 1 156 ? 5.858   11.000  15.485  1.00 24.87 ? 156 ASP A CA  1 
ATOM   1128 C  C   . ASP A 1 156 ? 5.587   10.717  16.964  1.00 25.23 ? 156 ASP A C   1 
ATOM   1129 O  O   . ASP A 1 156 ? 6.356   11.236  17.721  1.00 24.79 ? 156 ASP A O   1 
ATOM   1130 C  CB  . ASP A 1 156 ? 5.330   12.353  15.073  1.00 33.11 ? 156 ASP A CB  1 
ATOM   1131 C  CG  . ASP A 1 156 ? 3.835   12.421  14.950  1.00 39.41 ? 156 ASP A CG  1 
ATOM   1132 O  OD1 . ASP A 1 156 ? 3.136   11.579  15.528  1.00 41.00 ? 156 ASP A OD1 1 
ATOM   1133 O  OD2 . ASP A 1 156 ? 3.362   13.339  14.242  1.00 48.70 ? 156 ASP A OD2 1 
ATOM   1134 N  N   . ASP A 1 157 ? 4.673   9.860   17.318  1.00 27.39 ? 157 ASP A N   1 
ATOM   1135 C  CA  . ASP A 1 157 ? 4.313   9.510   18.660  1.00 30.64 ? 157 ASP A CA  1 
ATOM   1136 C  C   . ASP A 1 157 ? 5.350   8.632   19.352  1.00 31.11 ? 157 ASP A C   1 
ATOM   1137 O  O   . ASP A 1 157 ? 5.229   8.334   20.547  1.00 34.96 ? 157 ASP A O   1 
ATOM   1138 C  CB  . ASP A 1 157 ? 3.020   8.645   18.666  1.00 33.18 ? 157 ASP A CB  1 
ATOM   1139 C  CG  . ASP A 1 157 ? 1.820   9.571   18.556  1.00 42.47 ? 157 ASP A CG  1 
ATOM   1140 O  OD1 . ASP A 1 157 ? 1.520   9.944   17.422  1.00 44.72 ? 157 ASP A OD1 1 
ATOM   1141 O  OD2 . ASP A 1 157 ? 1.225   9.936   19.595  1.00 49.97 ? 157 ASP A OD2 1 
ATOM   1142 N  N   . TYR A 1 158 ? 6.265   8.117   18.565  1.00 29.80 ? 158 TYR A N   1 
ATOM   1143 C  CA  . TYR A 1 158 ? 7.361   7.297   19.086  1.00 26.73 ? 158 TYR A CA  1 
ATOM   1144 C  C   . TYR A 1 158 ? 8.648   8.094   18.940  1.00 27.62 ? 158 TYR A C   1 
ATOM   1145 O  O   . TYR A 1 158 ? 9.758   7.595   19.168  1.00 29.28 ? 158 TYR A O   1 
ATOM   1146 C  CB  . TYR A 1 158 ? 7.377   6.012   18.303  1.00 28.35 ? 158 TYR A CB  1 
ATOM   1147 C  CG  . TYR A 1 158 ? 6.146   5.149   18.313  1.00 28.41 ? 158 TYR A CG  1 
ATOM   1148 C  CD1 . TYR A 1 158 ? 5.117   5.284   17.400  1.00 31.26 ? 158 TYR A CD1 1 
ATOM   1149 C  CD2 . TYR A 1 158 ? 6.025   4.121   19.244  1.00 28.16 ? 158 TYR A CD2 1 
ATOM   1150 C  CE1 . TYR A 1 158 ? 3.997   4.457   17.425  1.00 30.60 ? 158 TYR A CE1 1 
ATOM   1151 C  CE2 . TYR A 1 158 ? 4.942   3.290   19.260  1.00 29.95 ? 158 TYR A CE2 1 
ATOM   1152 C  CZ  . TYR A 1 158 ? 3.913   3.462   18.356  1.00 30.74 ? 158 TYR A CZ  1 
ATOM   1153 O  OH  . TYR A 1 158 ? 2.834   2.609   18.399  1.00 32.80 ? 158 TYR A OH  1 
ATOM   1154 N  N   . GLY A 1 159 ? 8.490   9.367   18.556  1.00 24.83 ? 159 GLY A N   1 
ATOM   1155 C  CA  . GLY A 1 159 ? 9.676   10.191  18.337  1.00 23.19 ? 159 GLY A CA  1 
ATOM   1156 C  C   . GLY A 1 159 ? 10.384  9.783   17.068  1.00 24.52 ? 159 GLY A C   1 
ATOM   1157 O  O   . GLY A 1 159 ? 11.567  10.073  16.900  1.00 20.78 ? 159 GLY A O   1 
ATOM   1158 N  N   . LEU A 1 160 ? 9.739   9.040   16.153  1.00 21.25 ? 160 LEU A N   1 
ATOM   1159 C  CA  . LEU A 1 160 ? 10.543  8.593   14.981  1.00 21.48 ? 160 LEU A CA  1 
ATOM   1160 C  C   . LEU A 1 160 ? 9.977   9.204   13.709  1.00 21.76 ? 160 LEU A C   1 
ATOM   1161 O  O   . LEU A 1 160 ? 8.988   9.959   13.728  1.00 18.86 ? 160 LEU A O   1 
ATOM   1162 C  CB  . LEU A 1 160 ? 10.449  7.038   14.911  1.00 16.48 ? 160 LEU A CB  1 
ATOM   1163 C  CG  . LEU A 1 160 ? 11.056  6.261   16.072  1.00 25.13 ? 160 LEU A CG  1 
ATOM   1164 C  CD1 . LEU A 1 160 ? 10.838  4.766   15.982  1.00 20.60 ? 160 LEU A CD1 1 
ATOM   1165 C  CD2 . LEU A 1 160 ? 12.580  6.520   16.167  1.00 26.46 ? 160 LEU A CD2 1 
ATOM   1166 N  N   . SER A 1 161 ? 10.540  8.853   12.555  1.00 22.31 ? 161 SER A N   1 
ATOM   1167 C  CA  . SER A 1 161 ? 9.913   9.291   11.295  1.00 21.13 ? 161 SER A CA  1 
ATOM   1168 C  C   . SER A 1 161 ? 10.302  8.302   10.210  1.00 21.22 ? 161 SER A C   1 
ATOM   1169 O  O   . SER A 1 161 ? 10.942  7.296   10.529  1.00 19.74 ? 161 SER A O   1 
ATOM   1170 C  CB  . SER A 1 161 ? 10.380  10.701  10.952  1.00 23.90 ? 161 SER A CB  1 
ATOM   1171 O  OG  . SER A 1 161 ? 11.753  10.641  10.558  1.00 20.49 ? 161 SER A OG  1 
ATOM   1172 N  N   . VAL A 1 162 ? 9.974   8.571   8.939   1.00 19.88 ? 162 VAL A N   1 
ATOM   1173 C  CA  . VAL A 1 162 ? 10.382  7.674   7.870   1.00 18.82 ? 162 VAL A CA  1 
ATOM   1174 C  C   . VAL A 1 162 ? 11.881  7.744   7.569   1.00 21.08 ? 162 VAL A C   1 
ATOM   1175 O  O   . VAL A 1 162 ? 12.417  6.891   6.858   1.00 20.53 ? 162 VAL A O   1 
ATOM   1176 C  CB  . VAL A 1 162 ? 9.634   7.923   6.537   1.00 19.46 ? 162 VAL A CB  1 
ATOM   1177 C  CG1 . VAL A 1 162 ? 8.143   7.680   6.697   1.00 15.80 ? 162 VAL A CG1 1 
ATOM   1178 C  CG2 . VAL A 1 162 ? 9.910   9.283   5.933   1.00 20.08 ? 162 VAL A CG2 1 
ATOM   1179 N  N   . ASN A 1 163 ? 12.590  8.725   8.099   1.00 19.15 ? 163 ASN A N   1 
ATOM   1180 C  CA  . ASN A 1 163 ? 14.044  8.679   8.109   1.00 21.43 ? 163 ASN A CA  1 
ATOM   1181 C  C   . ASN A 1 163 ? 14.591  7.762   9.185   1.00 21.58 ? 163 ASN A C   1 
ATOM   1182 O  O   . ASN A 1 163 ? 15.813  7.561   9.218   1.00 20.59 ? 163 ASN A O   1 
ATOM   1183 C  CB  . ASN A 1 163 ? 14.624  10.106  8.223   1.00 21.61 ? 163 ASN A CB  1 
ATOM   1184 C  CG  . ASN A 1 163 ? 14.152  10.965  7.050   1.00 30.37 ? 163 ASN A CG  1 
ATOM   1185 O  OD1 . ASN A 1 163 ? 14.045  10.523  5.888   1.00 34.62 ? 163 ASN A OD1 1 
ATOM   1186 N  ND2 . ASN A 1 163 ? 13.795  12.192  7.315   1.00 26.06 ? 163 ASN A ND2 1 
ATOM   1187 N  N   . SER A 1 164 ? 13.804  7.174   10.072  1.00 20.53 ? 164 SER A N   1 
ATOM   1188 C  CA  . SER A 1 164 ? 14.342  6.163   10.996  1.00 20.57 ? 164 SER A CA  1 
ATOM   1189 C  C   . SER A 1 164 ? 14.521  4.816   10.304  1.00 21.13 ? 164 SER A C   1 
ATOM   1190 O  O   . SER A 1 164 ? 13.835  4.507   9.318   1.00 16.81 ? 164 SER A O   1 
ATOM   1191 C  CB  . SER A 1 164 ? 13.368  6.009   12.188  1.00 20.03 ? 164 SER A CB  1 
ATOM   1192 O  OG  . SER A 1 164 ? 13.175  7.302   12.753  1.00 21.26 ? 164 SER A OG  1 
ATOM   1193 N  N   . THR A 1 165 ? 15.444  3.970   10.805  1.00 18.95 ? 165 THR A N   1 
ATOM   1194 C  CA  . THR A 1 165 ? 15.666  2.668   10.195  1.00 18.82 ? 165 THR A CA  1 
ATOM   1195 C  C   . THR A 1 165 ? 14.665  1.653   10.758  1.00 17.71 ? 165 THR A C   1 
ATOM   1196 O  O   . THR A 1 165 ? 14.005  1.855   11.802  1.00 17.44 ? 165 THR A O   1 
ATOM   1197 C  CB  . THR A 1 165 ? 17.098  2.156   10.430  1.00 20.32 ? 165 THR A CB  1 
ATOM   1198 O  OG1 . THR A 1 165 ? 17.253  2.023   11.888  1.00 19.48 ? 165 THR A OG1 1 
ATOM   1199 C  CG2 . THR A 1 165 ? 18.147  3.176   10.011  1.00 23.79 ? 165 THR A CG2 1 
ATOM   1200 N  N   . PHE A 1 166 ? 14.479  0.545   10.043  1.00 16.12 ? 166 PHE A N   1 
ATOM   1201 C  CA  . PHE A 1 166 ? 13.562  -0.483  10.527  1.00 17.44 ? 166 PHE A CA  1 
ATOM   1202 C  C   . PHE A 1 166 ? 13.920  -0.970  11.932  1.00 18.93 ? 166 PHE A C   1 
ATOM   1203 O  O   . PHE A 1 166 ? 13.018  -1.301  12.745  1.00 17.60 ? 166 PHE A O   1 
ATOM   1204 C  CB  . PHE A 1 166 ? 13.527  -1.634  9.528   1.00 19.01 ? 166 PHE A CB  1 
ATOM   1205 C  CG  . PHE A 1 166 ? 12.705  -1.272  8.291   1.00 21.10 ? 166 PHE A CG  1 
ATOM   1206 C  CD1 . PHE A 1 166 ? 11.346  -1.481  8.315   1.00 19.90 ? 166 PHE A CD1 1 
ATOM   1207 C  CD2 . PHE A 1 166 ? 13.308  -0.758  7.170   1.00 20.23 ? 166 PHE A CD2 1 
ATOM   1208 C  CE1 . PHE A 1 166 ? 10.550  -1.153  7.230   1.00 22.22 ? 166 PHE A CE1 1 
ATOM   1209 C  CE2 . PHE A 1 166 ? 12.533  -0.439  6.052   1.00 23.02 ? 166 PHE A CE2 1 
ATOM   1210 C  CZ  . PHE A 1 166 ? 11.165  -0.645  6.102   1.00 25.12 ? 166 PHE A CZ  1 
ATOM   1211 N  N   . ASP A 1 167 ? 15.204  -1.090  12.211  1.00 18.23 ? 167 ASP A N   1 
ATOM   1212 C  CA  . ASP A 1 167 ? 15.676  -1.512  13.531  1.00 19.27 ? 167 ASP A CA  1 
ATOM   1213 C  C   . ASP A 1 167 ? 15.332  -0.487  14.602  1.00 15.80 ? 167 ASP A C   1 
ATOM   1214 O  O   . ASP A 1 167 ? 14.983  -0.933  15.709  1.00 17.49 ? 167 ASP A O   1 
ATOM   1215 C  CB  . ASP A 1 167 ? 17.191  -1.805  13.525  1.00 19.13 ? 167 ASP A CB  1 
ATOM   1216 C  CG  . ASP A 1 167 ? 17.527  -3.166  12.973  1.00 23.25 ? 167 ASP A CG  1 
ATOM   1217 O  OD1 . ASP A 1 167 ? 16.652  -4.055  12.823  1.00 20.25 ? 167 ASP A OD1 1 
ATOM   1218 O  OD2 . ASP A 1 167 ? 18.735  -3.358  12.649  1.00 22.36 ? 167 ASP A OD2 1 
ATOM   1219 N  N   . GLN A 1 168 ? 15.379  0.793   14.324  1.00 17.61 ? 168 GLN A N   1 
ATOM   1220 C  CA  . GLN A 1 168 ? 14.971  1.829   15.253  1.00 19.34 ? 168 GLN A CA  1 
ATOM   1221 C  C   . GLN A 1 168 ? 13.476  1.801   15.533  1.00 20.39 ? 168 GLN A C   1 
ATOM   1222 O  O   . GLN A 1 168 ? 13.017  1.957   16.685  1.00 21.34 ? 168 GLN A O   1 
ATOM   1223 C  CB  . GLN A 1 168 ? 15.443  3.205   14.753  1.00 20.07 ? 168 GLN A CB  1 
ATOM   1224 C  CG  . GLN A 1 168 ? 16.938  3.425   14.957  1.00 21.90 ? 168 GLN A CG  1 
ATOM   1225 C  CD  . GLN A 1 168 ? 17.549  4.335   13.948  1.00 28.11 ? 168 GLN A CD  1 
ATOM   1226 O  OE1 . GLN A 1 168 ? 18.789  4.356   13.732  1.00 38.50 ? 168 GLN A OE1 1 
ATOM   1227 N  NE2 . GLN A 1 168 ? 16.743  5.147   13.313  1.00 15.72 ? 168 GLN A NE2 1 
ATOM   1228 N  N   . VAL A 1 169 ? 12.664  1.574   14.490  1.00 20.18 ? 169 VAL A N   1 
ATOM   1229 C  CA  . VAL A 1 169 ? 11.217  1.434   14.669  1.00 19.73 ? 169 VAL A CA  1 
ATOM   1230 C  C   . VAL A 1 169 ? 10.866  0.182   15.468  1.00 18.22 ? 169 VAL A C   1 
ATOM   1231 O  O   . VAL A 1 169 ? 10.058  0.285   16.392  1.00 19.46 ? 169 VAL A O   1 
ATOM   1232 C  CB  . VAL A 1 169 ? 10.502  1.380   13.298  1.00 20.38 ? 169 VAL A CB  1 
ATOM   1233 C  CG1 . VAL A 1 169 ? 8.996   1.174   13.505  1.00 15.64 ? 169 VAL A CG1 1 
ATOM   1234 C  CG2 . VAL A 1 169 ? 10.786  2.701   12.559  1.00 16.73 ? 169 VAL A CG2 1 
ATOM   1235 N  N   . ALA A 1 170 ? 11.484  -0.952  15.224  1.00 19.26 ? 170 ALA A N   1 
ATOM   1236 C  CA  . ALA A 1 170 ? 11.235  -2.187  15.978  1.00 21.92 ? 170 ALA A CA  1 
ATOM   1237 C  C   . ALA A 1 170 ? 11.551  -1.977  17.475  1.00 23.32 ? 170 ALA A C   1 
ATOM   1238 O  O   . ALA A 1 170 ? 10.765  -2.421  18.330  1.00 23.18 ? 170 ALA A O   1 
ATOM   1239 C  CB  . ALA A 1 170 ? 12.079  -3.343  15.492  1.00 22.32 ? 170 ALA A CB  1 
ATOM   1240 N  N   . ALA A 1 171 ? 12.659  -1.311  17.764  1.00 21.11 ? 171 ALA A N   1 
ATOM   1241 C  CA  . ALA A 1 171 ? 13.035  -1.038  19.160  1.00 24.79 ? 171 ALA A CA  1 
ATOM   1242 C  C   . ALA A 1 171 ? 12.076  -0.119  19.883  1.00 25.46 ? 171 ALA A C   1 
ATOM   1243 O  O   . ALA A 1 171 ? 11.900  -0.213  21.103  1.00 25.42 ? 171 ALA A O   1 
ATOM   1244 C  CB  . ALA A 1 171 ? 14.461  -0.487  19.215  1.00 23.77 ? 171 ALA A CB  1 
ATOM   1245 N  N   . ALA A 1 172 ? 11.388  0.785   19.203  1.00 24.96 ? 172 ALA A N   1 
ATOM   1246 C  CA  . ALA A 1 172 ? 10.384  1.638   19.763  1.00 25.68 ? 172 ALA A CA  1 
ATOM   1247 C  C   . ALA A 1 172 ? 9.005   0.988   19.785  1.00 29.01 ? 172 ALA A C   1 
ATOM   1248 O  O   . ALA A 1 172 ? 8.193   1.338   20.636  1.00 29.58 ? 172 ALA A O   1 
ATOM   1249 C  CB  . ALA A 1 172 ? 10.302  2.947   19.007  1.00 23.46 ? 172 ALA A CB  1 
ATOM   1250 N  N   . THR A 1 173 ? 8.697   0.068   18.875  1.00 29.67 ? 173 THR A N   1 
ATOM   1251 C  CA  . THR A 1 173 ? 7.318   -0.427  18.825  1.00 30.68 ? 173 THR A CA  1 
ATOM   1252 C  C   . THR A 1 173 ? 7.235   -1.820  19.394  1.00 33.24 ? 173 THR A C   1 
ATOM   1253 O  O   . THR A 1 173 ? 6.106   -2.272  19.546  1.00 32.93 ? 173 THR A O   1 
ATOM   1254 C  CB  . THR A 1 173 ? 6.711   -0.464  17.395  1.00 28.26 ? 173 THR A CB  1 
ATOM   1255 O  OG1 . THR A 1 173 ? 7.605   -1.235  16.565  1.00 27.27 ? 173 THR A OG1 1 
ATOM   1256 C  CG2 . THR A 1 173 ? 6.550   0.911   16.800  1.00 23.35 ? 173 THR A CG2 1 
ATOM   1257 N  N   . ALA A 1 174 ? 8.330   -2.520  19.700  1.00 35.90 ? 174 ALA A N   1 
ATOM   1258 C  CA  . ALA A 1 174 ? 8.086   -3.866  20.254  1.00 42.18 ? 174 ALA A CA  1 
ATOM   1259 C  C   . ALA A 1 174 ? 8.187   -3.897  21.745  1.00 46.00 ? 174 ALA A C   1 
ATOM   1260 O  O   . ALA A 1 174 ? 8.474   -2.987  22.519  1.00 52.44 ? 174 ALA A O   1 
ATOM   1261 C  CB  . ALA A 1 174 ? 8.900   -4.901  19.504  1.00 43.14 ? 174 ALA A CB  1 
HETATM 1262 CA CA  . CA  B 2 .   ? -11.585 8.938   -19.985 1.00 27.67 ? 199 CA  A CA  1 
HETATM 1263 C  CHA A HEM C 3 .   ? -9.914  5.799   -13.552 0.50 19.24 ? 200 HEM A CHA 1 
HETATM 1264 C  CHA B HEM C 3 .   ? -9.888  5.782   -13.510 0.50 20.46 ? 200 HEM A CHA 1 
HETATM 1265 C  CHB A HEM C 3 .   ? -8.114  5.232   -9.114  0.50 15.61 ? 200 HEM A CHB 1 
HETATM 1266 C  CHB B HEM C 3 .   ? -11.378 1.170   -13.481 0.50 21.35 ? 200 HEM A CHB 1 
HETATM 1267 C  CHC A HEM C 3 .   ? -9.084  0.485   -9.269  0.50 15.97 ? 200 HEM A CHC 1 
HETATM 1268 C  CHC B HEM C 3 .   ? -8.645  0.309   -9.607  0.50 23.48 ? 200 HEM A CHC 1 
HETATM 1269 C  CHD A HEM C 3 .   ? -11.317 1.166   -13.521 0.50 18.44 ? 200 HEM A CHD 1 
HETATM 1270 C  CHD B HEM C 3 .   ? -8.194  5.106   -9.042  0.50 20.41 ? 200 HEM A CHD 1 
HETATM 1271 C  C1A A HEM C 3 .   ? -9.342  6.056   -12.327 0.50 21.06 ? 200 HEM A C1A 1 
HETATM 1272 C  C1A B HEM C 3 .   ? -10.484 4.591   -13.891 0.50 20.79 ? 200 HEM A C1A 1 
HETATM 1273 C  C2A A HEM C 3 .   ? -8.914  7.378   -11.872 0.50 23.77 ? 200 HEM A C2A 1 
HETATM 1274 C  C2A B HEM C 3 .   ? -11.241 4.346   -15.098 0.50 22.21 ? 200 HEM A C2A 1 
HETATM 1275 C  C3A A HEM C 3 .   ? -8.418  7.208   -10.633 0.50 21.24 ? 200 HEM A C3A 1 
HETATM 1276 C  C3A B HEM C 3 .   ? -11.650 3.080   -15.106 0.50 22.00 ? 200 HEM A C3A 1 
HETATM 1277 C  C4A A HEM C 3 .   ? -8.508  5.807   -10.299 0.50 20.50 ? 200 HEM A C4A 1 
HETATM 1278 C  C4A B HEM C 3 .   ? -11.161 2.464   -13.886 0.50 20.56 ? 200 HEM A C4A 1 
HETATM 1279 C  CMA A HEM C 3 .   ? -7.844  8.301   -9.703  0.50 20.66 ? 200 HEM A CMA 1 
HETATM 1280 C  CMA B HEM C 3 .   ? -12.488 2.333   -16.169 0.50 21.75 ? 200 HEM A CMA 1 
HETATM 1281 C  CAA A HEM C 3 .   ? -9.115  8.631   -12.690 0.50 26.94 ? 200 HEM A CAA 1 
HETATM 1282 C  CAA B HEM C 3 .   ? -11.465 5.462   -16.139 0.50 22.61 ? 200 HEM A CAA 1 
HETATM 1283 C  CBA A HEM C 3 .   ? -8.422  9.584   -13.543 0.50 32.27 ? 200 HEM A CBA 1 
HETATM 1284 C  CBA B HEM C 3 .   ? -10.497 5.425   -17.336 0.50 22.07 ? 200 HEM A CBA 1 
HETATM 1285 C  CGA A HEM C 3 .   ? -6.983  9.371   -13.916 0.50 34.76 ? 200 HEM A CGA 1 
HETATM 1286 C  CGA B HEM C 3 .   ? -10.805 6.543   -18.302 0.50 23.67 ? 200 HEM A CGA 1 
HETATM 1287 O  O1A A HEM C 3 .   ? -6.389  10.287  -14.561 0.50 33.35 ? 200 HEM A O1A 1 
HETATM 1288 O  O1A B HEM C 3 .   ? -10.228 6.559   -19.402 0.50 23.37 ? 200 HEM A O1A 1 
HETATM 1289 O  O2A A HEM C 3 .   ? -6.550  8.246   -13.517 0.50 36.08 ? 200 HEM A O2A 1 
HETATM 1290 O  O2A B HEM C 3 .   ? -11.640 7.405   -17.878 0.50 24.58 ? 200 HEM A O2A 1 
HETATM 1291 C  C1B A HEM C 3 .   ? -8.226  3.916   -8.778  0.50 14.34 ? 200 HEM A C1B 1 
HETATM 1292 C  C1B B HEM C 3 .   ? -10.811 0.543   -12.391 0.50 22.38 ? 200 HEM A C1B 1 
HETATM 1293 C  C2B A HEM C 3 .   ? -7.758  3.336   -7.527  0.50 14.59 ? 200 HEM A C2B 1 
HETATM 1294 C  C2B B HEM C 3 .   ? -11.086 -0.793  -11.935 0.50 22.09 ? 200 HEM A C2B 1 
HETATM 1295 C  C3B A HEM C 3 .   ? -8.007  2.027   -7.572  0.50 15.17 ? 200 HEM A C3B 1 
HETATM 1296 C  C3B B HEM C 3 .   ? -10.321 -1.033  -10.868 0.50 23.06 ? 200 HEM A C3B 1 
HETATM 1297 C  C4B A HEM C 3 .   ? -8.655  1.738   -8.855  0.50 15.54 ? 200 HEM A C4B 1 
HETATM 1298 C  C4B B HEM C 3 .   ? -9.569  0.177   -10.623 0.50 21.82 ? 200 HEM A C4B 1 
HETATM 1299 C  CMB A HEM C 3 .   ? -7.107  4.139   -6.370  0.50 12.54 ? 200 HEM A CMB 1 
HETATM 1300 C  CMB B HEM C 3 .   ? -12.092 -1.723  -12.652 0.50 23.98 ? 200 HEM A CMB 1 
HETATM 1301 C  CAB A HEM C 3 .   ? -7.733  0.967   -6.491  0.50 15.76 ? 200 HEM A CAB 1 
HETATM 1302 C  CAB B HEM C 3 .   ? -10.250 -2.326  -10.014 0.50 24.12 ? 200 HEM A CAB 1 
HETATM 1303 C  CBB A HEM C 3 .   ? -8.766  0.313   -5.951  0.50 19.40 ? 200 HEM A CBB 1 
HETATM 1304 C  CBB B HEM C 3 .   ? -9.521  -2.347  -8.882  0.50 26.53 ? 200 HEM A CBB 1 
HETATM 1305 C  C1C A HEM C 3 .   ? -9.803  0.254   -10.441 0.50 16.21 ? 200 HEM A C1C 1 
HETATM 1306 C  C1C B HEM C 3 .   ? -8.483  1.570   -9.098  0.50 22.88 ? 200 HEM A C1C 1 
HETATM 1307 C  C2C A HEM C 3 .   ? -10.352 -1.007  -10.865 0.50 16.90 ? 200 HEM A C2C 1 
HETATM 1308 C  C2C B HEM C 3 .   ? -8.301  1.786   -7.670  0.50 24.24 ? 200 HEM A C2C 1 
HETATM 1309 C  C3C A HEM C 3 .   ? -10.981 -0.812  -12.034 0.50 17.14 ? 200 HEM A C3C 1 
HETATM 1310 C  C3C B HEM C 3 .   ? -8.159  3.088   -7.514  0.50 24.28 ? 200 HEM A C3C 1 
HETATM 1311 C  C4C A HEM C 3 .   ? -10.824 0.566   -12.380 0.50 18.27 ? 200 HEM A C4C 1 
HETATM 1312 C  C4C B HEM C 3 .   ? -8.270  3.759   -8.790  0.50 22.02 ? 200 HEM A C4C 1 
HETATM 1313 C  CMC A HEM C 3 .   ? -10.269 -2.356  -10.097 0.50 16.98 ? 200 HEM A CMC 1 
HETATM 1314 C  CMC B HEM C 3 .   ? -8.282  0.675   -6.604  0.50 25.00 ? 200 HEM A CMC 1 
HETATM 1315 C  CAC A HEM C 3 .   ? -11.707 -1.879  -12.865 0.50 18.29 ? 200 HEM A CAC 1 
HETATM 1316 C  CAC B HEM C 3 .   ? -7.997  3.928   -6.208  0.50 26.31 ? 200 HEM A CAC 1 
HETATM 1317 C  CBC A HEM C 3 .   ? -12.104 -1.823  -14.092 0.50 19.58 ? 200 HEM A CBC 1 
HETATM 1318 C  CBC B HEM C 3 .   ? -9.165  4.613   -5.973  0.50 29.58 ? 200 HEM A CBC 1 
HETATM 1319 C  C1D A HEM C 3 .   ? -11.130 2.467   -13.910 0.50 19.27 ? 200 HEM A C1D 1 
HETATM 1320 C  C1D B HEM C 3 .   ? -8.546  5.744   -10.212 0.50 22.35 ? 200 HEM A C1D 1 
HETATM 1321 C  C2D A HEM C 3 .   ? -11.641 3.081   -15.123 0.50 20.86 ? 200 HEM A C2D 1 
HETATM 1322 C  C2D B HEM C 3 .   ? -8.420  7.142   -10.529 0.50 22.98 ? 200 HEM A C2D 1 
HETATM 1323 C  C3D A HEM C 3 .   ? -11.254 4.352   -15.112 0.50 21.35 ? 200 HEM A C3D 1 
HETATM 1324 C  C3D B HEM C 3 .   ? -8.883  7.344   -11.782 0.50 24.93 ? 200 HEM A C3D 1 
HETATM 1325 C  C4D A HEM C 3 .   ? -10.487 4.595   -13.909 0.50 19.86 ? 200 HEM A C4D 1 
HETATM 1326 C  C4D B HEM C 3 .   ? -9.330  6.051   -12.272 0.50 22.29 ? 200 HEM A C4D 1 
HETATM 1327 C  CMD A HEM C 3 .   ? -12.480 2.312   -16.174 0.50 20.80 ? 200 HEM A CMD 1 
HETATM 1328 C  CMD B HEM C 3 .   ? -7.845  8.201   -9.561  0.50 22.60 ? 200 HEM A CMD 1 
HETATM 1329 C  CAD A HEM C 3 .   ? -11.508 5.461   -16.157 0.50 21.97 ? 200 HEM A CAD 1 
HETATM 1330 C  CAD B HEM C 3 .   ? -9.016  8.637   -12.545 0.50 27.78 ? 200 HEM A CAD 1 
HETATM 1331 C  CBD A HEM C 3 .   ? -10.506 5.433   -17.336 0.50 21.63 ? 200 HEM A CBD 1 
HETATM 1332 C  CBD B HEM C 3 .   ? -8.421  9.474   -13.565 0.50 32.76 ? 200 HEM A CBD 1 
HETATM 1333 C  CGD A HEM C 3 .   ? -10.802 6.547   -18.309 0.50 23.31 ? 200 HEM A CGD 1 
HETATM 1334 C  CGD B HEM C 3 .   ? -6.968  9.359   -13.924 0.50 35.24 ? 200 HEM A CGD 1 
HETATM 1335 O  O1D A HEM C 3 .   ? -10.221 6.557   -19.407 0.50 23.10 ? 200 HEM A O1D 1 
HETATM 1336 O  O1D B HEM C 3 .   ? -6.418  10.306  -14.560 0.50 33.76 ? 200 HEM A O1D 1 
HETATM 1337 O  O2D A HEM C 3 .   ? -11.635 7.413   -17.889 0.50 24.23 ? 200 HEM A O2D 1 
HETATM 1338 O  O2D B HEM C 3 .   ? -6.468  8.260   -13.525 0.50 36.68 ? 200 HEM A O2D 1 
HETATM 1339 N  NA  A HEM C 3 .   ? -9.084  5.105   -11.355 0.50 19.65 ? 200 HEM A NA  1 
HETATM 1340 N  NA  B HEM C 3 .   ? -10.472 3.412   -13.168 0.50 20.96 ? 200 HEM A NA  1 
HETATM 1341 N  NB  A HEM C 3 .   ? -8.748  2.909   -9.569  0.50 16.11 ? 200 HEM A NB  1 
HETATM 1342 N  NB  B HEM C 3 .   ? -9.886  1.155   -11.545 0.50 20.96 ? 200 HEM A NB  1 
HETATM 1343 N  NC  A HEM C 3 .   ? -10.102 1.226   -11.379 0.50 16.01 ? 200 HEM A NC  1 
HETATM 1344 N  NC  B HEM C 3 .   ? -8.458  2.779   -9.762  0.50 21.93 ? 200 HEM A NC  1 
HETATM 1345 N  ND  A HEM C 3 .   ? -10.447 3.415   -13.188 0.50 19.51 ? 200 HEM A ND  1 
HETATM 1346 N  ND  B HEM C 3 .   ? -9.112  5.087   -11.303 0.50 21.53 ? 200 HEM A ND  1 
HETATM 1347 FE FE  . HEM C 3 .   ? -9.610  3.165   -11.394 1.00 20.77 ? 200 HEM A FE  1 
HETATM 1348 O  O   . HOH D 4 .   ? -3.464  0.123   15.306  1.00 39.20 ? 300 HOH A O   1 
HETATM 1349 O  O   . HOH D 4 .   ? -3.915  -1.879  20.168  1.00 49.87 ? 301 HOH A O   1 
HETATM 1350 O  O   . HOH D 4 .   ? 0.120   2.865   16.994  1.00 29.37 ? 302 HOH A O   1 
HETATM 1351 O  O   . HOH D 4 .   ? -4.107  2.736   16.652  1.00 52.79 ? 303 HOH A O   1 
HETATM 1352 O  O   . HOH D 4 .   ? 3.740   -1.995  20.024  1.00 27.00 ? 304 HOH A O   1 
HETATM 1353 O  O   . HOH D 4 .   ? -0.272  -4.586  14.132  1.00 50.35 ? 305 HOH A O   1 
HETATM 1354 O  O   . HOH D 4 .   ? 3.083   -6.273  9.989   1.00 39.06 ? 306 HOH A O   1 
HETATM 1355 O  O   . HOH D 4 .   ? 6.716   -3.488  15.359  1.00 30.09 ? 307 HOH A O   1 
HETATM 1356 O  O   . HOH D 4 .   ? 10.754  -8.090  11.486  1.00 38.12 ? 308 HOH A O   1 
HETATM 1357 O  O   . HOH D 4 .   ? 17.587  -11.307 3.598   1.00 28.15 ? 309 HOH A O   1 
HETATM 1358 O  O   . HOH D 4 .   ? 17.762  -6.467  11.813  1.00 39.70 ? 310 HOH A O   1 
HETATM 1359 O  O   . HOH D 4 .   ? 16.181  -2.992  17.249  1.00 25.70 ? 311 HOH A O   1 
HETATM 1360 O  O   . HOH D 4 .   ? 20.573  -1.541  12.980  1.00 36.11 ? 312 HOH A O   1 
HETATM 1361 O  O   . HOH D 4 .   ? 19.944  1.373   12.656  1.00 23.68 ? 313 HOH A O   1 
HETATM 1362 O  O   . HOH D 4 .   ? 18.918  3.718   4.620   1.00 38.78 ? 314 HOH A O   1 
HETATM 1363 O  O   . HOH D 4 .   ? 17.540  4.060   -1.185  1.00 60.90 ? 315 HOH A O   1 
HETATM 1364 O  O   . HOH D 4 .   ? 20.282  -0.207  -0.883  1.00 39.75 ? 317 HOH A O   1 
HETATM 1365 O  O   . HOH D 4 .   ? 4.633   -0.648  -13.233 1.00 19.81 ? 318 HOH A O   1 
HETATM 1366 O  O   . HOH D 4 .   ? 7.116   2.148   -15.204 1.00 33.36 ? 319 HOH A O   1 
HETATM 1367 O  O   . HOH D 4 .   ? 2.201   8.595   -14.542 1.00 38.19 ? 320 HOH A O   1 
HETATM 1368 O  O   . HOH D 4 .   ? -1.035  4.579   -11.753 1.00 28.63 ? 321 HOH A O   1 
HETATM 1369 O  O   . HOH D 4 .   ? -0.792  -4.867  -13.134 1.00 36.30 ? 322 HOH A O   1 
HETATM 1370 O  O   . HOH D 4 .   ? 1.231   -6.167  -17.731 1.00 67.35 ? 323 HOH A O   1 
HETATM 1371 O  O   . HOH D 4 .   ? 1.705   -7.223  -13.970 1.00 47.26 ? 324 HOH A O   1 
HETATM 1372 O  O   . HOH D 4 .   ? -3.679  -5.708  -13.006 1.00 26.06 ? 325 HOH A O   1 
HETATM 1373 O  O   . HOH D 4 .   ? -2.040  -7.388  -10.764 1.00 28.33 ? 326 HOH A O   1 
HETATM 1374 O  O   . HOH D 4 .   ? 1.021   0.192   -17.574 1.00 30.64 ? 328 HOH A O   1 
HETATM 1375 O  O   . HOH D 4 .   ? 0.778   2.159   -19.816 1.00 58.07 ? 329 HOH A O   1 
HETATM 1376 O  O   . HOH D 4 .   ? -4.043  0.683   -22.767 1.00 45.16 ? 331 HOH A O   1 
HETATM 1377 O  O   . HOH D 4 .   ? -3.997  5.788   -24.245 1.00 66.24 ? 332 HOH A O   1 
HETATM 1378 O  O   . HOH D 4 .   ? 0.483   4.804   -22.908 1.00 59.62 ? 333 HOH A O   1 
HETATM 1379 O  O   . HOH D 4 .   ? -9.259  4.251   -20.242 1.00 22.47 ? 334 HOH A O   1 
HETATM 1380 O  O   . HOH D 4 .   ? -10.803 1.920   -19.498 1.00 22.43 ? 335 HOH A O   1 
HETATM 1381 O  O   . HOH D 4 .   ? -14.460 7.870   -15.851 1.00 32.84 ? 336 HOH A O   1 
HETATM 1382 O  O   . HOH D 4 .   ? -10.814 9.217   -15.701 1.00 46.25 ? 337 HOH A O   1 
HETATM 1383 O  O   . HOH D 4 .   ? 0.449   7.421   -13.340 1.00 27.93 ? 338 HOH A O   1 
HETATM 1384 O  O   . HOH D 4 .   ? -3.007  12.185  -7.603  1.00 64.39 ? 339 HOH A O   1 
HETATM 1385 O  O   . HOH D 4 .   ? -6.541  11.011  -7.472  1.00 25.17 ? 340 HOH A O   1 
HETATM 1386 O  O   . HOH D 4 .   ? -4.159  11.166  -5.412  1.00 37.72 ? 341 HOH A O   1 
HETATM 1387 O  O   . HOH D 4 .   ? -12.304 10.981  -11.561 1.00 46.63 ? 342 HOH A O   1 
HETATM 1388 O  O   . HOH D 4 .   ? -0.977  10.145  -3.982  1.00 29.22 ? 343 HOH A O   1 
HETATM 1389 O  O   . HOH D 4 .   ? -11.465 -7.389  -8.538  1.00 34.07 ? 344 HOH A O   1 
HETATM 1390 O  O   . HOH D 4 .   ? -10.737 -11.491 -6.469  1.00 23.81 ? 345 HOH A O   1 
HETATM 1391 O  O   . HOH D 4 .   ? -6.867  -18.003 -5.321  1.00 18.77 ? 346 HOH A O   1 
HETATM 1392 O  O   . HOH D 4 .   ? -6.494  -13.003 -8.295  1.00 49.03 ? 347 HOH A O   1 
HETATM 1393 O  O   . HOH D 4 .   ? -13.025 -10.485 2.275   1.00 43.59 ? 348 HOH A O   1 
HETATM 1394 O  O   . HOH D 4 .   ? -17.946 -5.482  -5.129  1.00 28.28 ? 350 HOH A O   1 
HETATM 1395 O  O   . HOH D 4 .   ? -20.122 2.224   -11.055 1.00 28.80 ? 352 HOH A O   1 
HETATM 1396 O  O   . HOH D 4 .   ? -12.790 13.780  -5.753  1.00 31.12 ? 354 HOH A O   1 
HETATM 1397 O  O   . HOH D 4 .   ? -12.108 9.238   0.347   1.00 21.12 ? 355 HOH A O   1 
HETATM 1398 O  O   . HOH D 4 .   ? -10.063 7.501   0.642   1.00 18.75 ? 356 HOH A O   1 
HETATM 1399 O  O   . HOH D 4 .   ? -15.018 0.084   2.723   1.00 27.61 ? 357 HOH A O   1 
HETATM 1400 O  O   . HOH D 4 .   ? -6.555  -0.356  13.230  1.00 25.44 ? 358 HOH A O   1 
HETATM 1401 O  O   . HOH D 4 .   ? -5.230  -6.120  7.299   1.00 47.03 ? 360 HOH A O   1 
HETATM 1402 O  O   . HOH D 4 .   ? -3.600  -8.199  3.988   1.00 29.83 ? 361 HOH A O   1 
HETATM 1403 O  O   . HOH D 4 .   ? -1.373  -6.172  3.502   1.00 21.89 ? 362 HOH A O   1 
HETATM 1404 O  O   . HOH D 4 .   ? 1.504   -10.680 2.011   1.00 24.59 ? 363 HOH A O   1 
HETATM 1405 O  O   . HOH D 4 .   ? -3.061  -5.229  10.628  1.00 40.61 ? 364 HOH A O   1 
HETATM 1406 O  O   . HOH D 4 .   ? 11.459  -9.377  -2.752  1.00 28.31 ? 365 HOH A O   1 
HETATM 1407 O  O   . HOH D 4 .   ? 14.861  -7.326  -3.294  1.00 39.23 ? 366 HOH A O   1 
HETATM 1408 O  O   . HOH D 4 .   ? 3.323   -12.909 -9.619  1.00 39.68 ? 367 HOH A O   1 
HETATM 1409 O  O   . HOH D 4 .   ? 6.241   -17.917 -0.553  1.00 42.50 ? 368 HOH A O   1 
HETATM 1410 O  O   . HOH D 4 .   ? 9.984   -16.783 -0.327  1.00 35.30 ? 369 HOH A O   1 
HETATM 1411 O  O   . HOH D 4 .   ? -8.209  -11.164 4.064   1.00 42.07 ? 371 HOH A O   1 
HETATM 1412 O  O   . HOH D 4 .   ? -6.271  -12.688 4.366   1.00 52.84 ? 372 HOH A O   1 
HETATM 1413 O  O   . HOH D 4 .   ? 2.680   -13.464 5.031   1.00 45.52 ? 374 HOH A O   1 
HETATM 1414 O  O   . HOH D 4 .   ? -3.139  6.280   11.539  1.00 33.41 ? 376 HOH A O   1 
HETATM 1415 O  O   . HOH D 4 .   ? -9.681  3.166   15.742  1.00 24.60 ? 377 HOH A O   1 
HETATM 1416 O  O   . HOH D 4 .   ? -8.729  11.286  5.375   1.00 14.66 ? 378 HOH A O   1 
HETATM 1417 O  O   . HOH D 4 .   ? -8.941  0.173   12.393  1.00 18.46 ? 379 HOH A O   1 
HETATM 1418 O  O   . HOH D 4 .   ? -9.406  -2.181  13.433  1.00 44.41 ? 380 HOH A O   1 
HETATM 1419 O  O   . HOH D 4 .   ? -19.348 9.401   3.220   1.00 26.44 ? 381 HOH A O   1 
HETATM 1420 O  O   . HOH D 4 .   ? -20.149 4.979   1.689   1.00 34.44 ? 382 HOH A O   1 
HETATM 1421 O  O   . HOH D 4 .   ? -21.075 12.267  -1.381  1.00 53.34 ? 383 HOH A O   1 
HETATM 1422 O  O   . HOH D 4 .   ? 1.793   6.695   -1.504  1.00 18.94 ? 386 HOH A O   1 
HETATM 1423 O  O   . HOH D 4 .   ? 1.843   10.068  -3.241  1.00 26.67 ? 387 HOH A O   1 
HETATM 1424 O  O   . HOH D 4 .   ? 8.391   7.145   -8.647  1.00 39.82 ? 388 HOH A O   1 
HETATM 1425 O  O   . HOH D 4 .   ? 8.300   7.525   -4.427  1.00 39.29 ? 389 HOH A O   1 
HETATM 1426 O  O   . HOH D 4 .   ? 9.194   11.491  3.205   1.00 46.11 ? 390 HOH A O   1 
HETATM 1427 O  O   . HOH D 4 .   ? -0.868  11.078  3.561   1.00 34.75 ? 391 HOH A O   1 
HETATM 1428 O  O   . HOH D 4 .   ? -1.109  9.092   10.071  1.00 29.29 ? 392 HOH A O   1 
HETATM 1429 O  O   . HOH D 4 .   ? -1.775  11.653  6.423   1.00 30.77 ? 393 HOH A O   1 
HETATM 1430 O  O   . HOH D 4 .   ? -0.330  12.312  9.107   1.00 50.96 ? 394 HOH A O   1 
HETATM 1431 O  O   . HOH D 4 .   ? -2.854  10.358  8.259   1.00 38.27 ? 395 HOH A O   1 
HETATM 1432 O  O   . HOH D 4 .   ? 5.419   14.431  6.686   1.00 34.50 ? 396 HOH A O   1 
HETATM 1433 O  O   . HOH D 4 .   ? 7.350   11.543  12.150  1.00 25.02 ? 397 HOH A O   1 
HETATM 1434 O  O   . HOH D 4 .   ? 10.334  12.666  6.837   1.00 37.57 ? 398 HOH A O   1 
HETATM 1435 O  O   . HOH D 4 .   ? 0.845   11.286  15.604  1.00 20.84 ? 399 HOH A O   1 
HETATM 1436 O  O   . HOH D 4 .   ? 15.398  6.919   14.877  1.00 58.17 ? 401 HOH A O   1 
HETATM 1437 O  O   . HOH D 4 .   ? 13.640  11.154  12.747  1.00 38.05 ? 402 HOH A O   1 
HETATM 1438 O  O   . HOH D 4 .   ? 5.967   0.850   22.080  1.00 36.82 ? 403 HOH A O   1 
HETATM 1439 O  O   . HOH D 4 .   ? 0.987   6.837   16.493  1.00 36.65 ? 405 HOH A O   1 
HETATM 1440 O  O   . HOH D 4 .   ? 12.574  12.372  19.266  1.00 27.05 ? 406 HOH A O   1 
HETATM 1441 O  O   . HOH D 4 .   ? 14.640  10.170  15.365  1.00 34.45 ? 407 HOH A O   1 
HETATM 1442 O  O   . HOH D 4 .   ? 13.506  12.924  16.333  1.00 36.34 ? 408 HOH A O   1 
HETATM 1443 O  O   . HOH D 4 .   ? -2.856  5.803   13.969  1.00 43.71 ? 409 HOH A O   1 
HETATM 1444 O  O   . HOH D 4 .   ? 0.484   6.762   19.229  1.00 52.85 ? 410 HOH A O   1 
HETATM 1445 O  O   . HOH D 4 .   ? 21.443  -8.815  8.807   1.00 50.67 ? 412 HOH A O   1 
HETATM 1446 O  O   . HOH D 4 .   ? 20.291  -3.345  6.440   1.00 34.47 ? 413 HOH A O   1 
HETATM 1447 O  O   . HOH D 4 .   ? 21.726  -1.267  5.583   1.00 49.74 ? 414 HOH A O   1 
HETATM 1448 O  O   . HOH D 4 .   ? 21.143  -5.474  3.161   1.00 45.62 ? 415 HOH A O   1 
HETATM 1449 O  O   . HOH D 4 .   ? 16.214  8.681   4.791   1.00 30.65 ? 416 HOH A O   1 
HETATM 1450 O  O   . HOH D 4 .   ? 7.954   10.944  -1.340  1.00 53.67 ? 417 HOH A O   1 
HETATM 1451 O  O   . HOH D 4 .   ? 10.902  7.079   -0.723  1.00 29.14 ? 418 HOH A O   1 
HETATM 1452 O  O   . HOH D 4 .   ? 15.910  3.725   -6.026  1.00 40.55 ? 419 HOH A O   1 
HETATM 1453 O  O   . HOH D 4 .   ? 15.884  8.917   13.363  1.00 28.14 ? 420 HOH A O   1 
HETATM 1454 O  O   . HOH D 4 .   ? -3.345  -0.109  -19.874 1.00 35.36 ? 421 HOH A O   1 
HETATM 1455 O  O   . HOH D 4 .   ? -7.277  -6.543  -13.178 1.00 43.39 ? 422 HOH A O   1 
HETATM 1456 O  O   . HOH D 4 .   ? -6.544  -8.139  5.322   1.00 47.03 ? 423 HOH A O   1 
HETATM 1457 O  O   . HOH D 4 .   ? -4.159  -8.131  -8.952  1.00 32.28 ? 424 HOH A O   1 
HETATM 1458 O  O   . HOH D 4 .   ? -14.270 -4.805  7.771   1.00 29.28 ? 426 HOH A O   1 
HETATM 1459 O  O   . HOH D 4 .   ? -18.598 12.014  -9.306  1.00 45.48 ? 427 HOH A O   1 
HETATM 1460 O  O   . HOH D 4 .   ? -23.774 2.663   2.856   1.00 64.02 ? 428 HOH A O   1 
HETATM 1461 O  O   . HOH D 4 .   ? -5.838  -10.025 -9.468  1.00 46.45 ? 429 HOH A O   1 
HETATM 1462 O  O   . HOH D 4 .   ? -1.978  -13.194 2.708   1.00 57.63 ? 430 HOH A O   1 
HETATM 1463 O  O   . HOH D 4 .   ? -1.588  3.404   13.832  1.00 31.51 ? 431 HOH A O   1 
HETATM 1464 O  O   . HOH D 4 .   ? -5.625  7.339   11.440  1.00 36.87 ? 432 HOH A O   1 
HETATM 1465 O  O   . HOH D 4 .   ? 6.591   6.702   -10.289 1.00 40.37 ? 433 HOH A O   1 
HETATM 1466 O  O   . HOH D 4 .   ? 8.567   4.874   -9.534  1.00 30.42 ? 434 HOH A O   1 
HETATM 1467 O  O   . HOH D 4 .   ? -0.737  9.111   16.023  1.00 57.22 ? 435 HOH A O   1 
HETATM 1468 O  O   . HOH D 4 .   ? 9.020   -4.959  14.784  1.00 37.72 ? 436 HOH A O   1 
HETATM 1469 O  O   . HOH D 4 .   ? -10.063 -7.569  -13.669 1.00 60.00 ? 437 HOH A O   1 
HETATM 1470 O  O   . HOH D 4 .   ? -4.598  10.481  -12.347 1.00 33.65 ? 438 HOH A O   1 
HETATM 1471 O  O   . HOH D 4 .   ? -8.025  13.943  -8.293  1.00 50.17 ? 439 HOH A O   1 
HETATM 1472 O  O   . HOH D 4 .   ? -8.638  16.265  -11.194 1.00 59.77 ? 440 HOH A O   1 
HETATM 1473 O  O   . HOH D 4 .   ? -13.984 11.975  -8.151  1.00 34.06 ? 441 HOH A O   1 
HETATM 1474 O  O   . HOH D 4 .   ? -3.980  0.233   18.796  1.00 52.31 ? 442 HOH A O   1 
HETATM 1475 O  O   . HOH D 4 .   ? 0.142   0.447   18.958  1.00 59.53 ? 443 HOH A O   1 
HETATM 1476 O  O   . HOH D 4 .   ? 4.839   -5.015  17.132  1.00 59.51 ? 444 HOH A O   1 
HETATM 1477 O  O   . HOH D 4 .   ? 9.674   -15.528 3.732   1.00 47.35 ? 446 HOH A O   1 
HETATM 1478 O  O   . HOH D 4 .   ? 14.374  -12.281 8.263   1.00 40.46 ? 447 HOH A O   1 
HETATM 1479 O  O   . HOH D 4 .   ? 20.499  -4.966  11.661  1.00 56.25 ? 449 HOH A O   1 
HETATM 1480 O  O   . HOH D 4 .   ? 14.979  7.054   -1.411  1.00 58.00 ? 451 HOH A O   1 
HETATM 1481 O  O   . HOH D 4 .   ? 12.177  6.634   -5.914  1.00 47.86 ? 454 HOH A O   1 
HETATM 1482 O  O   . HOH D 4 .   ? 15.821  -3.546  -8.473  1.00 48.29 ? 455 HOH A O   1 
HETATM 1483 O  O   . HOH D 4 .   ? 15.646  -0.101  -10.276 1.00 52.60 ? 456 HOH A O   1 
HETATM 1484 O  O   . HOH D 4 .   ? 10.636  0.062   -13.193 1.00 56.43 ? 457 HOH A O   1 
HETATM 1485 O  O   . HOH D 4 .   ? 8.811   -19.259 0.244   1.00 52.60 ? 458 HOH A O   1 
HETATM 1486 O  O   . HOH D 4 .   ? -5.697  -9.441  -17.312 1.00 67.53 ? 460 HOH A O   1 
HETATM 1487 O  O   . HOH D 4 .   ? -9.865  -6.703  -11.143 1.00 48.47 ? 461 HOH A O   1 
HETATM 1488 O  O   . HOH D 4 .   ? -12.261 -9.912  -7.429  1.00 41.51 ? 463 HOH A O   1 
HETATM 1489 O  O   . HOH D 4 .   ? -14.486 -9.633  -10.895 1.00 54.37 ? 464 HOH A O   1 
HETATM 1490 O  O   . HOH D 4 .   ? -8.758  -7.059  6.588   1.00 41.21 ? 465 HOH A O   1 
HETATM 1491 O  O   . HOH D 4 .   ? -1.017  -10.675 2.274   1.00 54.17 ? 467 HOH A O   1 
HETATM 1492 O  O   . HOH D 4 .   ? 3.441   -10.441 -9.310  1.00 36.31 ? 468 HOH A O   1 
HETATM 1493 O  O   . HOH D 4 .   ? -19.540 2.673   -2.607  1.00 45.64 ? 473 HOH A O   1 
HETATM 1494 O  O   . HOH D 4 .   ? -24.269 9.079   -11.832 1.00 69.49 ? 475 HOH A O   1 
HETATM 1495 O  O   . HOH D 4 .   ? 3.631   -13.077 2.306   1.00 49.06 ? 476 HOH A O   1 
HETATM 1496 O  O   . HOH D 4 .   ? 13.779  -10.650 -3.601  1.00 29.54 ? 478 HOH A O   1 
HETATM 1497 O  O   . HOH D 4 .   ? -4.349  -4.591  13.227  1.00 56.06 ? 480 HOH A O   1 
HETATM 1498 O  O   . HOH D 4 .   ? -8.818  1.082   13.964  1.00 15.20 ? 481 HOH A O   1 
HETATM 1499 O  O   . HOH D 4 .   ? -20.194 10.329  0.001   1.00 74.47 ? 482 HOH A O   1 
HETATM 1500 O  O   . HOH D 4 .   ? -0.834  13.039  -2.092  1.00 61.05 ? 483 HOH A O   1 
HETATM 1501 O  O   . HOH D 4 .   ? 9.659   1.829   -14.916 1.00 51.12 ? 485 HOH A O   1 
HETATM 1502 O  O   . HOH D 4 .   ? 4.134   14.110  11.229  1.00 59.85 ? 486 HOH A O   1 
HETATM 1503 O  O   . HOH D 4 .   ? 12.144  11.974  14.580  1.00 49.41 ? 488 HOH A O   1 
HETATM 1504 O  O   . HOH D 4 .   ? -7.619  12.242  -10.482 1.00 53.86 ? 489 HOH A O   1 
HETATM 1505 O  O   . HOH D 4 .   ? 6.066   -7.399  14.104  1.00 60.04 ? 490 HOH A O   1 
HETATM 1506 O  O   . HOH D 4 .   ? 1.812   -7.663  11.850  1.00 52.03 ? 491 HOH A O   1 
HETATM 1507 O  O   . HOH D 4 .   ? -6.390  -3.529  15.326  1.00 63.13 ? 492 HOH A O   1 
HETATM 1508 O  O   . HOH D 4 .   ? 15.091  5.812   -4.504  1.00 59.16 ? 493 HOH A O   1 
HETATM 1509 O  O   . HOH D 4 .   ? 10.592  -5.593  -4.561  1.00 48.57 ? 494 HOH A O   1 
HETATM 1510 O  O   . HOH D 4 .   ? 15.833  -8.270  12.160  1.00 48.52 ? 495 HOH A O   1 
HETATM 1511 O  O   . HOH D 4 .   ? 11.056  -15.295 1.478   1.00 47.18 ? 497 HOH A O   1 
HETATM 1512 O  O   . HOH D 4 .   ? -0.796  8.748   -11.441 1.00 39.87 ? 503 HOH A O   1 
HETATM 1513 O  O   . HOH D 4 .   ? -4.294  -4.511  -22.122 1.00 50.80 ? 508 HOH A O   1 
HETATM 1514 O  O   . HOH D 4 .   ? -9.384  -22.144 -1.860  1.00 50.93 ? 509 HOH A O   1 
HETATM 1515 O  O   . HOH D 4 .   ? -12.338 -6.105  6.257   1.00 42.45 ? 510 HOH A O   1 
HETATM 1516 O  O   . HOH D 4 .   ? 2.199   -15.797 3.275   1.00 52.95 ? 511 HOH A O   1 
HETATM 1517 O  O   . HOH D 4 .   ? 1.331   -15.504 -9.310  1.00 36.31 ? 513 HOH A O   1 
HETATM 1518 O  O   . HOH D 4 .   ? 12.790  -6.165  -3.271  1.00 46.40 ? 515 HOH A O   1 
HETATM 1519 O  O   . HOH D 4 .   ? -22.078 3.324   -1.212  1.00 58.12 ? 516 HOH A O   1 
HETATM 1520 O  O   . HOH D 4 .   ? -12.142 18.224  -3.368  1.00 45.53 ? 519 HOH A O   1 
HETATM 1521 O  O   . HOH D 4 .   ? 8.197   5.121   -13.689 1.00 47.51 ? 520 HOH A O   1 
HETATM 1522 O  O   . HOH D 4 .   ? 14.635  8.082   -5.615  1.00 49.40 ? 524 HOH A O   1 
HETATM 1523 O  O   . HOH D 4 .   ? -25.029 10.194  -5.601  1.00 58.58 ? 525 HOH A O   1 
# 
